data_5M6B
#
_entry.id   5M6B
#
_cell.length_a   287.300
_cell.length_b   52.090
_cell.length_c   152.660
_cell.angle_alpha   90.00
_cell.angle_beta   98.03
_cell.angle_gamma   90.00
#
_symmetry.space_group_name_H-M   'C 1 2 1'
#
loop_
_entity.id
_entity.type
_entity.pdbx_description
1 polymer 'Polyphenol oxidase 4'
2 non-polymer 'COPPER (II) ION'
3 non-polymer 'OXYGEN ATOM'
#
_entity_poly.entity_id   1
_entity_poly.type   'polypeptide(L)'
_entity_poly.pdbx_seq_one_letter_code
;GPLGSPGIPMSLLATVGPTGGVKNRLDIVDFVRDEKFFTLYVRALQAIQDKDQADYSSFFQLSGIHGLPFTPWAKPKDTP
TVPYESGYCTHSQVLFPTWHRVYVSIYEQVLQEAAKGIAKKFTVHKKEWAQAAEDLRQPYWDTGFALVPPDEIIKLEQVK
ITNYDGTKITVRNPILRYSFHPIDPSFNGYPNFDTWRTTVRNPDADKKENIPALIAKLDLEADSTREKTYNMLKFNANWE
AFSNHGEFDDTHANSLEAVHDDIHGFVGRGAIRGHMTHALFAAFDPIFWLHHSNVDRHLSLWQALYPGVWVTQGPEREGS
MGFAPGTELNKDSALEPFYETEDKPWTSVPLTDTALLNYSYPDFDKVKGGTPDLVRDYINDHIDRRYGIKKSEGGKNPAL
DLLSDFKGVTHDHNEDLKMFDWTIQASWKKFELDDSFAIIFYFAADGSTNVTKENYIGSINIFRGTTPTNCANCRTQDNL
VQEGFVHLDRFIARDLDTFDPQAVHRYLKEKKLSYKVVADDHSVTLKSLRIRVQGRPLHLPPGVSFPRLDKNIPIVNFDD
VLDLVTGVVNIGLT
;
_entity_poly.pdbx_strand_id   B,A,C,D
#
# COMPACT_ATOMS: atom_id res chain seq x y z
N LEU A 12 27.23 6.87 -28.37
CA LEU A 12 25.84 7.10 -28.80
C LEU A 12 25.33 8.44 -28.30
N LEU A 13 24.01 8.58 -28.26
CA LEU A 13 23.35 9.81 -27.82
C LEU A 13 22.64 9.54 -26.50
N ALA A 14 23.06 10.23 -25.45
CA ALA A 14 22.45 10.07 -24.14
C ALA A 14 21.19 10.91 -24.03
N THR A 15 20.12 10.31 -23.50
CA THR A 15 18.85 11.00 -23.30
C THR A 15 18.92 11.79 -22.00
N VAL A 16 19.27 13.08 -22.10
CA VAL A 16 19.38 13.94 -20.92
C VAL A 16 18.24 14.93 -20.79
N GLY A 17 17.41 15.09 -21.82
CA GLY A 17 16.30 16.01 -21.76
C GLY A 17 16.66 17.38 -22.31
N PRO A 18 15.69 18.29 -22.33
CA PRO A 18 15.95 19.63 -22.86
C PRO A 18 16.84 20.44 -21.92
N THR A 19 17.46 21.47 -22.49
CA THR A 19 18.37 22.33 -21.75
C THR A 19 17.60 23.47 -21.08
N GLY A 20 18.31 24.28 -20.32
CA GLY A 20 17.70 25.37 -19.59
C GLY A 20 17.13 24.94 -18.26
N GLY A 21 16.35 25.84 -17.69
CA GLY A 21 15.71 25.58 -16.42
C GLY A 21 14.55 24.59 -16.56
N VAL A 22 13.74 24.54 -15.50
CA VAL A 22 12.56 23.69 -15.47
C VAL A 22 11.40 24.52 -16.05
N LYS A 23 11.03 24.22 -17.27
CA LYS A 23 9.96 24.93 -17.97
C LYS A 23 8.75 24.02 -18.17
N ASN A 24 7.60 24.64 -18.34
CA ASN A 24 6.34 23.93 -18.49
C ASN A 24 6.07 23.55 -19.94
N ARG A 25 5.40 22.42 -20.11
CA ARG A 25 4.84 22.03 -21.40
C ARG A 25 3.44 22.63 -21.51
N LEU A 26 3.25 23.48 -22.51
CA LEU A 26 2.03 24.28 -22.60
C LEU A 26 0.90 23.52 -23.30
N ASP A 27 -0.32 23.93 -23.00
CA ASP A 27 -1.48 23.41 -23.70
C ASP A 27 -1.49 23.88 -25.15
N ILE A 28 -1.90 22.99 -26.06
CA ILE A 28 -1.91 23.32 -27.47
C ILE A 28 -2.86 24.48 -27.76
N VAL A 29 -3.86 24.69 -26.90
CA VAL A 29 -4.75 25.84 -27.07
C VAL A 29 -4.00 27.14 -26.84
N ASP A 30 -3.09 27.15 -25.87
CA ASP A 30 -2.30 28.34 -25.58
C ASP A 30 -0.98 28.40 -26.35
N PHE A 31 -0.47 27.24 -26.79
CA PHE A 31 0.80 27.21 -27.50
C PHE A 31 0.68 27.88 -28.87
N VAL A 32 -0.46 27.70 -29.53
CA VAL A 32 -0.63 28.29 -30.87
C VAL A 32 -0.87 29.80 -30.80
N ARG A 33 -1.23 30.34 -29.64
CA ARG A 33 -1.45 31.77 -29.51
C ARG A 33 -0.15 32.52 -29.23
N ASP A 34 0.90 31.83 -28.81
CA ASP A 34 2.21 32.42 -28.60
C ASP A 34 2.97 32.33 -29.93
N GLU A 35 3.24 33.49 -30.54
CA GLU A 35 3.81 33.50 -31.88
C GLU A 35 5.23 32.93 -31.90
N LYS A 36 6.03 33.27 -30.89
CA LYS A 36 7.43 32.81 -30.87
C LYS A 36 7.52 31.30 -30.75
N PHE A 37 6.74 30.71 -29.84
CA PHE A 37 6.80 29.26 -29.64
C PHE A 37 6.31 28.51 -30.87
N PHE A 38 5.21 28.97 -31.47
CA PHE A 38 4.69 28.29 -32.66
C PHE A 38 5.68 28.39 -33.83
N THR A 39 6.25 29.58 -34.04
CA THR A 39 7.22 29.76 -35.12
C THR A 39 8.43 28.85 -34.91
N LEU A 40 8.98 28.84 -33.69
CA LEU A 40 10.14 27.99 -33.42
C LEU A 40 9.79 26.52 -33.58
N TYR A 41 8.56 26.13 -33.23
CA TYR A 41 8.17 24.73 -33.36
C TYR A 41 8.09 24.32 -34.82
N VAL A 42 7.49 25.16 -35.66
CA VAL A 42 7.39 24.82 -37.09
C VAL A 42 8.78 24.74 -37.71
N ARG A 43 9.65 25.71 -37.38
CA ARG A 43 10.99 25.72 -37.96
C ARG A 43 11.78 24.49 -37.54
N ALA A 44 11.78 24.17 -36.23
CA ALA A 44 12.56 23.05 -35.74
C ALA A 44 12.02 21.73 -36.27
N LEU A 45 10.70 21.57 -36.29
CA LEU A 45 10.12 20.31 -36.77
C LEU A 45 10.45 20.08 -38.23
N GLN A 46 10.34 21.13 -39.07
CA GLN A 46 10.74 20.97 -40.47
C GLN A 46 12.23 20.70 -40.58
N ALA A 47 13.03 21.23 -39.64
CA ALA A 47 14.47 21.02 -39.67
C ALA A 47 14.81 19.55 -39.44
N ILE A 48 14.29 18.95 -38.36
CA ILE A 48 14.58 17.53 -38.14
C ILE A 48 13.87 16.63 -39.14
N GLN A 49 12.82 17.13 -39.80
CA GLN A 49 12.16 16.32 -40.82
C GLN A 49 12.98 16.24 -42.12
N ASP A 50 13.58 17.36 -42.53
CA ASP A 50 14.32 17.35 -43.79
C ASP A 50 15.66 16.64 -43.71
N LYS A 51 16.15 16.33 -42.51
CA LYS A 51 17.43 15.62 -42.40
C LYS A 51 17.31 14.21 -42.98
N ASP A 52 18.46 13.62 -43.30
CA ASP A 52 18.44 12.30 -43.92
C ASP A 52 18.02 11.24 -42.90
N GLN A 53 17.31 10.23 -43.37
CA GLN A 53 16.71 9.22 -42.51
C GLN A 53 17.74 8.28 -41.89
N ALA A 54 19.02 8.42 -42.22
CA ALA A 54 20.07 7.66 -41.56
C ALA A 54 20.68 8.40 -40.39
N ASP A 55 20.50 9.72 -40.31
CA ASP A 55 21.05 10.49 -39.21
C ASP A 55 20.26 10.22 -37.93
N TYR A 56 20.98 10.04 -36.82
CA TYR A 56 20.34 9.67 -35.57
C TYR A 56 19.39 10.74 -35.03
N SER A 57 19.58 11.99 -35.41
CA SER A 57 18.77 13.10 -34.90
C SER A 57 17.65 13.50 -35.84
N SER A 58 17.24 12.61 -36.74
CA SER A 58 16.17 12.91 -37.67
C SER A 58 14.82 12.41 -37.14
N PHE A 59 13.76 12.92 -37.74
CA PHE A 59 12.41 12.50 -37.37
C PHE A 59 12.19 11.02 -37.65
N PHE A 60 12.79 10.51 -38.72
CA PHE A 60 12.61 9.11 -39.09
C PHE A 60 13.23 8.16 -38.07
N GLN A 61 14.43 8.48 -37.58
CA GLN A 61 15.08 7.61 -36.62
C GLN A 61 14.39 7.64 -35.26
N LEU A 62 13.94 8.82 -34.83
CA LEU A 62 13.20 8.90 -33.57
C LEU A 62 11.87 8.16 -33.66
N SER A 63 11.20 8.28 -34.81
CA SER A 63 9.94 7.55 -34.98
C SER A 63 10.17 6.05 -35.19
N GLY A 64 11.36 5.66 -35.65
CA GLY A 64 11.68 4.26 -35.82
C GLY A 64 11.94 3.50 -34.55
N ILE A 65 11.86 4.16 -33.39
CA ILE A 65 12.04 3.47 -32.12
C ILE A 65 10.74 2.82 -31.68
N HIS A 66 9.61 3.52 -31.86
CA HIS A 66 8.32 2.98 -31.47
C HIS A 66 7.92 1.78 -32.32
N GLY A 67 8.36 1.76 -33.58
CA GLY A 67 8.03 0.66 -34.48
C GLY A 67 9.11 0.38 -35.50
N LEU A 68 8.70 0.24 -36.76
CA LEU A 68 9.64 0.02 -37.86
C LEU A 68 10.56 1.21 -38.05
N PRO A 69 11.83 0.96 -38.43
CA PRO A 69 12.41 -0.35 -38.71
C PRO A 69 12.83 -1.12 -37.45
N PHE A 70 13.11 -2.41 -37.62
CA PHE A 70 13.53 -3.26 -36.49
C PHE A 70 15.06 -3.29 -36.38
N THR A 71 15.62 -2.09 -36.20
CA THR A 71 17.06 -1.91 -36.13
C THR A 71 17.43 -1.20 -34.84
N PRO A 72 18.62 -1.46 -34.30
CA PRO A 72 19.07 -0.74 -33.11
C PRO A 72 19.26 0.74 -33.38
N TRP A 73 19.03 1.56 -32.36
CA TRP A 73 19.12 3.02 -32.45
C TRP A 73 20.23 3.51 -31.54
N ALA A 74 21.20 4.20 -32.13
CA ALA A 74 22.29 4.78 -31.37
C ALA A 74 23.28 3.78 -30.83
N LYS A 75 23.29 2.59 -31.40
CA LYS A 75 24.21 1.52 -30.96
C LYS A 75 25.70 1.73 -31.29
N PRO A 76 26.54 1.11 -30.48
CA PRO A 76 27.99 1.17 -30.60
C PRO A 76 28.50 0.37 -31.78
N LYS A 77 29.68 0.71 -32.27
CA LYS A 77 30.24 -0.06 -33.37
C LYS A 77 30.46 -1.51 -32.94
N ASP A 78 30.97 -1.69 -31.72
CA ASP A 78 31.23 -3.02 -31.17
C ASP A 78 29.91 -3.75 -30.96
N THR A 79 29.98 -5.08 -31.02
CA THR A 79 28.80 -5.93 -30.94
C THR A 79 27.92 -5.87 -29.69
N PRO A 80 26.62 -5.79 -29.97
CA PRO A 80 25.55 -5.79 -28.98
C PRO A 80 24.36 -6.45 -29.65
N THR A 81 24.16 -7.74 -29.46
CA THR A 81 23.05 -8.42 -30.11
C THR A 81 21.69 -8.03 -29.55
N VAL A 82 20.69 -8.08 -30.41
CA VAL A 82 19.33 -7.73 -30.04
C VAL A 82 18.60 -8.98 -29.64
N PRO A 83 18.03 -8.97 -28.44
CA PRO A 83 17.29 -10.11 -27.89
C PRO A 83 16.02 -10.49 -28.65
N TYR A 84 15.22 -9.52 -29.05
CA TYR A 84 14.01 -9.80 -29.83
C TYR A 84 13.88 -8.77 -30.92
N GLU A 85 13.66 -9.20 -32.15
CA GLU A 85 13.59 -8.23 -33.24
C GLU A 85 12.14 -7.76 -33.35
N SER A 86 11.91 -6.53 -32.88
CA SER A 86 10.61 -5.87 -32.91
C SER A 86 10.85 -4.40 -32.59
N GLY A 87 9.77 -3.65 -32.42
CA GLY A 87 9.90 -2.26 -32.05
C GLY A 87 10.29 -2.10 -30.59
N TYR A 88 11.02 -1.03 -30.31
CA TYR A 88 11.45 -0.76 -28.93
C TYR A 88 10.28 -0.42 -28.02
N CYS A 89 9.09 -0.19 -28.57
CA CYS A 89 7.94 0.21 -27.75
C CYS A 89 7.53 -0.91 -26.80
N THR A 90 7.20 -0.52 -25.58
CA THR A 90 6.78 -1.46 -24.54
C THR A 90 5.30 -1.22 -24.24
N HIS A 91 4.45 -2.04 -24.85
CA HIS A 91 3.01 -1.95 -24.67
C HIS A 91 2.48 -3.18 -23.95
N SER A 92 1.40 -2.98 -23.18
CA SER A 92 0.73 -4.05 -22.44
C SER A 92 1.66 -4.68 -21.41
N GLN A 93 2.30 -3.82 -20.60
CA GLN A 93 3.16 -4.27 -19.52
C GLN A 93 3.25 -3.14 -18.49
N VAL A 94 4.05 -3.38 -17.45
CA VAL A 94 4.20 -2.40 -16.37
C VAL A 94 5.12 -1.24 -16.72
N LEU A 95 5.87 -1.34 -17.81
CA LEU A 95 6.84 -0.31 -18.19
C LEU A 95 6.30 0.66 -19.22
N PHE A 96 5.00 0.62 -19.51
CA PHE A 96 4.42 1.48 -20.55
C PHE A 96 4.56 2.97 -20.22
N PRO A 97 4.07 3.47 -19.07
CA PRO A 97 4.12 4.93 -18.86
C PRO A 97 5.52 5.50 -18.75
N THR A 98 6.45 4.80 -18.10
CA THR A 98 7.79 5.34 -17.91
C THR A 98 8.56 5.37 -19.22
N TRP A 99 8.47 4.28 -20.00
CA TRP A 99 9.13 4.24 -21.30
C TRP A 99 8.58 5.32 -22.21
N HIS A 100 7.25 5.42 -22.29
CA HIS A 100 6.69 6.51 -23.07
C HIS A 100 6.87 7.88 -22.41
N ARG A 101 7.46 7.92 -21.21
CA ARG A 101 7.82 9.18 -20.60
C ARG A 101 9.17 9.67 -21.09
N VAL A 102 10.20 8.82 -21.03
CA VAL A 102 11.51 9.25 -21.51
C VAL A 102 11.53 9.35 -23.04
N TYR A 103 10.71 8.54 -23.72
CA TYR A 103 10.64 8.58 -25.18
C TYR A 103 10.24 9.96 -25.69
N VAL A 104 9.40 10.68 -24.93
CA VAL A 104 9.09 12.05 -25.31
C VAL A 104 10.26 12.97 -24.99
N SER A 105 11.05 12.62 -23.98
CA SER A 105 12.14 13.50 -23.55
C SER A 105 13.26 13.56 -24.59
N ILE A 106 13.55 12.43 -25.26
CA ILE A 106 14.61 12.48 -26.28
C ILE A 106 14.16 13.34 -27.47
N TYR A 107 12.92 13.14 -27.93
CA TYR A 107 12.39 13.93 -29.04
C TYR A 107 12.37 15.41 -28.70
N GLU A 108 11.97 15.74 -27.46
CA GLU A 108 12.01 17.12 -27.00
C GLU A 108 13.43 17.66 -26.96
N GLN A 109 14.40 16.80 -26.61
CA GLN A 109 15.79 17.24 -26.51
C GLN A 109 16.36 17.61 -27.87
N VAL A 110 16.22 16.73 -28.86
CA VAL A 110 16.78 17.07 -30.17
C VAL A 110 15.97 18.16 -30.84
N LEU A 111 14.65 18.20 -30.63
CA LEU A 111 13.84 19.26 -31.20
C LEU A 111 14.26 20.62 -30.65
N GLN A 112 14.56 20.69 -29.35
CA GLN A 112 15.05 21.94 -28.79
C GLN A 112 16.47 22.23 -29.26
N GLU A 113 17.25 21.20 -29.59
CA GLU A 113 18.57 21.44 -30.17
C GLU A 113 18.44 22.14 -31.52
N ALA A 114 17.63 21.57 -32.41
CA ALA A 114 17.43 22.19 -33.72
C ALA A 114 16.83 23.58 -33.59
N ALA A 115 15.88 23.77 -32.67
CA ALA A 115 15.33 25.10 -32.45
C ALA A 115 16.37 26.06 -31.91
N LYS A 116 17.33 25.55 -31.11
CA LYS A 116 18.41 26.39 -30.63
C LYS A 116 19.34 26.81 -31.77
N GLY A 117 19.52 25.93 -32.75
CA GLY A 117 20.26 26.32 -33.94
C GLY A 117 19.52 27.32 -34.79
N ILE A 118 18.19 27.21 -34.85
CA ILE A 118 17.39 28.13 -35.65
C ILE A 118 17.33 29.51 -34.99
N ALA A 119 17.37 29.55 -33.66
CA ALA A 119 17.28 30.82 -32.94
C ALA A 119 18.44 31.75 -33.28
N LYS A 120 19.61 31.19 -33.59
CA LYS A 120 20.74 32.01 -34.00
C LYS A 120 20.62 32.52 -35.43
N LYS A 121 19.71 31.96 -36.22
CA LYS A 121 19.50 32.41 -37.59
C LYS A 121 18.65 33.67 -37.69
N PHE A 122 18.02 34.09 -36.60
CA PHE A 122 17.22 35.31 -36.60
C PHE A 122 18.13 36.54 -36.56
N THR A 123 17.53 37.72 -36.65
CA THR A 123 18.30 38.96 -36.71
C THR A 123 17.77 39.99 -35.72
N VAL A 124 16.45 40.17 -35.69
CA VAL A 124 15.81 41.15 -34.81
C VAL A 124 15.39 40.47 -33.53
N HIS A 125 15.64 41.13 -32.39
CA HIS A 125 15.39 40.58 -31.06
C HIS A 125 16.13 39.25 -30.89
N LYS A 126 17.44 39.29 -31.10
CA LYS A 126 18.26 38.09 -31.01
C LYS A 126 18.34 37.53 -29.60
N LYS A 127 17.98 38.32 -28.59
CA LYS A 127 18.00 37.82 -27.21
C LYS A 127 16.68 37.20 -26.80
N GLU A 128 15.56 37.72 -27.31
CA GLU A 128 14.25 37.14 -26.96
C GLU A 128 14.00 35.85 -27.72
N TRP A 129 14.40 35.78 -29.00
CA TRP A 129 14.16 34.58 -29.80
C TRP A 129 15.06 33.43 -29.36
N ALA A 130 16.23 33.72 -28.80
CA ALA A 130 17.09 32.65 -28.30
C ALA A 130 16.57 32.11 -26.97
N GLN A 131 16.14 33.00 -26.07
CA GLN A 131 15.57 32.55 -24.81
C GLN A 131 14.25 31.82 -25.02
N ALA A 132 13.48 32.20 -26.05
CA ALA A 132 12.29 31.43 -26.38
C ALA A 132 12.66 30.02 -26.82
N ALA A 133 13.79 29.88 -27.51
CA ALA A 133 14.27 28.56 -27.89
C ALA A 133 14.75 27.77 -26.68
N GLU A 134 15.25 28.45 -25.65
CA GLU A 134 15.68 27.72 -24.45
C GLU A 134 14.51 27.20 -23.64
N ASP A 135 13.33 27.81 -23.76
CA ASP A 135 12.15 27.38 -23.01
C ASP A 135 11.19 26.54 -23.85
N LEU A 136 11.59 26.16 -25.06
CA LEU A 136 10.70 25.43 -25.95
C LEU A 136 10.48 24.02 -25.41
N ARG A 137 9.24 23.73 -25.00
CA ARG A 137 8.86 22.41 -24.52
C ARG A 137 7.72 21.87 -25.37
N GLN A 138 7.70 20.55 -25.52
CA GLN A 138 6.71 19.88 -26.36
C GLN A 138 5.31 20.08 -25.79
N PRO A 139 4.42 20.75 -26.50
CA PRO A 139 3.06 20.96 -25.98
C PRO A 139 2.26 19.67 -25.98
N TYR A 140 1.16 19.68 -25.21
CA TYR A 140 0.30 18.52 -25.06
C TYR A 140 -1.10 18.83 -25.59
N TRP A 141 -1.78 17.77 -26.03
CA TRP A 141 -3.12 17.84 -26.58
C TRP A 141 -4.09 17.26 -25.55
N ASP A 142 -4.76 18.13 -24.80
CA ASP A 142 -5.68 17.71 -23.73
C ASP A 142 -6.92 17.09 -24.37
N THR A 143 -6.80 15.81 -24.72
CA THR A 143 -7.90 15.11 -25.35
C THR A 143 -9.08 14.94 -24.40
N GLY A 144 -8.82 14.85 -23.09
CA GLY A 144 -9.90 14.64 -22.15
C GLY A 144 -10.81 15.83 -21.99
N PHE A 145 -10.31 17.03 -22.27
CA PHE A 145 -11.10 18.25 -22.14
C PHE A 145 -11.63 18.75 -23.47
N ALA A 146 -10.75 18.95 -24.45
CA ALA A 146 -11.13 19.42 -25.79
C ALA A 146 -10.61 18.40 -26.80
N LEU A 147 -11.43 17.39 -27.08
CA LEU A 147 -11.03 16.37 -28.05
C LEU A 147 -10.90 16.96 -29.45
N VAL A 148 -11.72 17.95 -29.79
CA VAL A 148 -11.60 18.64 -31.07
C VAL A 148 -10.43 19.61 -30.95
N PRO A 149 -9.33 19.37 -31.67
CA PRO A 149 -8.13 20.18 -31.49
C PRO A 149 -8.18 21.44 -32.34
N PRO A 150 -7.27 22.39 -32.10
CA PRO A 150 -7.21 23.58 -32.95
C PRO A 150 -6.90 23.23 -34.41
N ASP A 151 -7.16 24.20 -35.28
CA ASP A 151 -7.00 23.97 -36.72
C ASP A 151 -5.53 23.86 -37.11
N GLU A 152 -4.63 24.45 -36.33
CA GLU A 152 -3.23 24.54 -36.74
C GLU A 152 -2.51 23.20 -36.74
N ILE A 153 -3.05 22.16 -36.11
CA ILE A 153 -2.34 20.89 -35.97
C ILE A 153 -2.96 19.76 -36.76
N ILE A 154 -4.10 19.97 -37.42
CA ILE A 154 -4.72 18.86 -38.12
C ILE A 154 -5.43 19.34 -39.40
N LYS A 155 -5.81 20.61 -39.44
CA LYS A 155 -6.68 21.09 -40.50
C LYS A 155 -6.04 22.14 -41.41
N LEU A 156 -5.17 23.00 -40.89
CA LEU A 156 -4.61 24.09 -41.68
C LEU A 156 -3.41 23.60 -42.49
N GLU A 157 -3.54 23.63 -43.82
CA GLU A 157 -2.42 23.26 -44.69
C GLU A 157 -1.29 24.26 -44.61
N GLN A 158 -1.60 25.53 -44.35
CA GLN A 158 -0.59 26.57 -44.27
C GLN A 158 -0.79 27.33 -42.96
N VAL A 159 0.32 27.69 -42.31
CA VAL A 159 0.27 28.40 -41.05
C VAL A 159 1.04 29.71 -41.16
N LYS A 160 0.62 30.69 -40.37
CA LYS A 160 1.23 32.01 -40.35
C LYS A 160 2.21 32.07 -39.19
N ILE A 161 3.48 32.30 -39.50
CA ILE A 161 4.53 32.42 -38.49
C ILE A 161 5.26 33.74 -38.70
N THR A 162 6.37 33.92 -38.00
CA THR A 162 7.18 35.13 -38.09
C THR A 162 8.52 34.78 -38.74
N ASN A 163 8.85 35.48 -39.82
CA ASN A 163 10.07 35.20 -40.56
C ASN A 163 11.28 35.64 -39.74
N TYR A 164 12.48 35.43 -40.31
CA TYR A 164 13.70 35.79 -39.60
C TYR A 164 13.85 37.30 -39.45
N ASP A 165 13.38 38.07 -40.43
CA ASP A 165 13.44 39.53 -40.34
C ASP A 165 12.38 40.11 -39.43
N GLY A 166 11.37 39.32 -39.05
CA GLY A 166 10.29 39.79 -38.21
C GLY A 166 8.96 39.99 -38.89
N THR A 167 8.81 39.54 -40.15
CA THR A 167 7.58 39.70 -40.89
C THR A 167 6.77 38.41 -40.84
N LYS A 168 5.46 38.55 -40.69
CA LYS A 168 4.56 37.39 -40.66
C LYS A 168 4.41 36.81 -42.05
N ILE A 169 4.85 35.56 -42.22
CA ILE A 169 4.79 34.87 -43.50
C ILE A 169 3.96 33.60 -43.35
N THR A 170 3.66 32.97 -44.46
CA THR A 170 2.86 31.75 -44.51
C THR A 170 3.71 30.60 -45.00
N VAL A 171 3.81 29.53 -44.20
CA VAL A 171 4.65 28.39 -44.54
C VAL A 171 3.81 27.11 -44.47
N ARG A 172 4.35 26.07 -45.12
CA ARG A 172 3.72 24.76 -45.06
C ARG A 172 3.79 24.20 -43.65
N ASN A 173 2.68 23.59 -43.22
CA ASN A 173 2.57 23.07 -41.86
C ASN A 173 3.17 21.67 -41.80
N PRO A 174 4.22 21.45 -41.01
CA PRO A 174 4.80 20.10 -40.88
C PRO A 174 4.14 19.23 -39.83
N ILE A 175 3.05 19.68 -39.22
CA ILE A 175 2.37 18.91 -38.18
C ILE A 175 1.29 18.01 -38.75
N LEU A 176 0.75 18.34 -39.93
CA LEU A 176 -0.34 17.54 -40.50
C LEU A 176 0.14 16.14 -40.86
N ARG A 177 1.34 16.01 -41.39
CA ARG A 177 1.78 14.76 -41.98
C ARG A 177 3.30 14.74 -42.08
N TYR A 178 3.84 13.63 -42.59
CA TYR A 178 5.27 13.44 -42.80
C TYR A 178 5.51 12.67 -44.09
N SER A 179 6.32 13.25 -44.97
CA SER A 179 6.70 12.59 -46.21
C SER A 179 7.96 11.76 -46.02
N PHE A 180 7.90 10.48 -46.40
CA PHE A 180 9.08 9.64 -46.39
C PHE A 180 10.04 10.01 -47.51
N HIS A 181 11.34 9.86 -47.25
CA HIS A 181 12.35 10.10 -48.26
C HIS A 181 13.64 9.31 -47.98
N PRO A 182 13.70 8.06 -48.47
CA PRO A 182 12.60 7.37 -49.12
C PRO A 182 11.84 6.45 -48.17
N ILE A 183 10.87 5.70 -48.70
CA ILE A 183 10.18 4.70 -47.92
C ILE A 183 11.14 3.57 -47.57
N ASP A 184 11.26 3.26 -46.29
CA ASP A 184 12.21 2.26 -45.84
C ASP A 184 11.83 0.90 -46.41
N PRO A 185 12.81 0.12 -46.91
CA PRO A 185 12.47 -1.18 -47.51
C PRO A 185 11.83 -2.16 -46.55
N SER A 186 11.99 -1.97 -45.23
CA SER A 186 11.36 -2.88 -44.27
C SER A 186 9.85 -2.85 -44.38
N PHE A 187 9.28 -1.74 -44.87
CA PHE A 187 7.85 -1.65 -45.09
C PHE A 187 7.42 -2.30 -46.40
N ASN A 188 8.27 -3.16 -46.98
CA ASN A 188 8.00 -3.73 -48.29
C ASN A 188 6.77 -4.62 -48.26
N GLY A 189 6.78 -5.62 -47.38
CA GLY A 189 5.70 -6.60 -47.31
C GLY A 189 4.46 -6.13 -46.58
N TYR A 190 4.49 -4.95 -45.99
CA TYR A 190 3.34 -4.44 -45.25
C TYR A 190 2.40 -3.73 -46.21
N PRO A 191 1.14 -4.17 -46.32
CA PRO A 191 0.24 -3.59 -47.32
C PRO A 191 -0.05 -2.12 -47.04
N ASN A 192 -0.34 -1.38 -48.13
CA ASN A 192 -0.77 0.01 -48.07
C ASN A 192 0.33 0.93 -47.57
N PHE A 193 0.98 0.58 -46.47
CA PHE A 193 2.05 1.42 -45.94
C PHE A 193 3.24 1.52 -46.88
N ASP A 194 3.39 0.56 -47.80
CA ASP A 194 4.50 0.62 -48.76
C ASP A 194 4.19 1.56 -49.92
N THR A 195 2.93 1.61 -50.35
CA THR A 195 2.55 2.49 -51.44
C THR A 195 2.25 3.90 -51.00
N TRP A 196 1.94 4.11 -49.71
CA TRP A 196 1.60 5.44 -49.22
C TRP A 196 2.84 6.32 -49.21
N ARG A 197 2.77 7.48 -49.85
CA ARG A 197 3.85 8.45 -49.74
C ARG A 197 3.95 9.05 -48.36
N THR A 198 2.89 9.72 -47.91
CA THR A 198 2.88 10.40 -46.63
C THR A 198 1.97 9.66 -45.66
N THR A 199 2.12 9.97 -44.37
CA THR A 199 1.22 9.44 -43.37
C THR A 199 -0.23 9.89 -43.56
N VAL A 200 -1.17 9.00 -43.27
CA VAL A 200 -2.58 9.24 -43.55
C VAL A 200 -3.38 9.08 -42.27
N ARG A 201 -4.30 10.02 -42.02
CA ARG A 201 -5.18 10.01 -40.86
C ARG A 201 -6.60 9.77 -41.32
N ASN A 202 -7.29 8.84 -40.67
CA ASN A 202 -8.68 8.52 -40.96
C ASN A 202 -8.87 8.20 -42.45
N PRO A 203 -8.24 7.13 -42.95
CA PRO A 203 -8.28 6.85 -44.40
C PRO A 203 -9.63 6.30 -44.83
N ASP A 204 -9.84 6.34 -46.13
CA ASP A 204 -11.02 5.78 -46.76
C ASP A 204 -10.65 4.51 -47.53
N ALA A 205 -11.66 3.91 -48.18
CA ALA A 205 -11.42 2.71 -48.98
C ALA A 205 -10.56 2.98 -50.20
N ASP A 206 -10.48 4.24 -50.64
CA ASP A 206 -9.65 4.62 -51.78
C ASP A 206 -8.30 5.19 -51.37
N LYS A 207 -7.83 4.83 -50.17
CA LYS A 207 -6.52 5.25 -49.65
C LYS A 207 -6.40 6.76 -49.57
N LYS A 208 -7.53 7.45 -49.36
CA LYS A 208 -7.56 8.90 -49.29
C LYS A 208 -7.73 9.34 -47.85
N GLU A 209 -6.95 10.32 -47.42
CA GLU A 209 -7.07 10.86 -46.07
C GLU A 209 -8.35 11.67 -45.94
N ASN A 210 -9.18 11.31 -44.95
CA ASN A 210 -10.47 11.96 -44.73
C ASN A 210 -10.43 12.65 -43.36
N ILE A 211 -9.83 13.82 -43.32
CA ILE A 211 -9.77 14.66 -42.12
C ILE A 211 -11.15 15.23 -41.76
N PRO A 212 -11.95 15.73 -42.73
CA PRO A 212 -13.27 16.25 -42.37
C PRO A 212 -14.14 15.29 -41.56
N ALA A 213 -14.19 14.02 -41.95
CA ALA A 213 -14.94 13.04 -41.15
C ALA A 213 -14.29 12.80 -39.80
N LEU A 214 -12.96 12.92 -39.73
CA LEU A 214 -12.25 12.73 -38.47
C LEU A 214 -12.65 13.79 -37.45
N ILE A 215 -12.79 15.04 -37.88
CA ILE A 215 -13.23 16.09 -36.97
C ILE A 215 -14.59 15.76 -36.39
N ALA A 216 -15.50 15.31 -37.24
CA ALA A 216 -16.84 15.03 -36.78
C ALA A 216 -16.80 13.93 -35.76
N LYS A 217 -15.96 12.94 -36.01
CA LYS A 217 -15.90 11.82 -35.12
C LYS A 217 -15.48 12.25 -33.74
N LEU A 218 -14.46 13.10 -33.66
CA LEU A 218 -13.95 13.54 -32.38
C LEU A 218 -15.05 14.26 -31.69
N ASP A 219 -15.69 15.13 -32.43
CA ASP A 219 -16.80 15.85 -31.81
C ASP A 219 -17.84 14.89 -31.26
N LEU A 220 -17.98 13.70 -31.87
CA LEU A 220 -18.90 12.71 -31.34
C LEU A 220 -18.35 12.06 -30.08
N GLU A 221 -17.06 11.74 -30.06
CA GLU A 221 -16.46 11.01 -28.94
C GLU A 221 -15.99 11.90 -27.80
N ALA A 222 -16.31 13.21 -27.84
CA ALA A 222 -15.84 14.12 -26.80
C ALA A 222 -16.30 13.66 -25.41
N ASP A 223 -17.59 13.41 -25.23
CA ASP A 223 -18.13 13.13 -23.90
C ASP A 223 -17.56 11.82 -23.35
N SER A 224 -17.59 10.76 -24.17
CA SER A 224 -17.05 9.47 -23.75
C SER A 224 -15.58 9.60 -23.35
N THR A 225 -14.80 10.33 -24.15
CA THR A 225 -13.39 10.53 -23.80
C THR A 225 -13.26 11.26 -22.46
N ARG A 226 -14.16 12.20 -22.19
CA ARG A 226 -14.12 12.94 -20.93
C ARG A 226 -14.34 11.99 -19.74
N GLU A 227 -15.40 11.19 -19.79
CA GLU A 227 -15.68 10.28 -18.67
C GLU A 227 -14.56 9.26 -18.51
N LYS A 228 -14.08 8.69 -19.62
CA LYS A 228 -12.99 7.72 -19.53
C LYS A 228 -11.75 8.32 -18.87
N THR A 229 -11.39 9.56 -19.26
CA THR A 229 -10.23 10.20 -18.65
C THR A 229 -10.43 10.40 -17.15
N TYR A 230 -11.62 10.88 -16.76
CA TYR A 230 -11.88 11.11 -15.33
C TYR A 230 -11.74 9.82 -14.52
N ASN A 231 -12.50 8.79 -14.90
CA ASN A 231 -12.46 7.55 -14.14
C ASN A 231 -11.10 6.88 -14.19
N MET A 232 -10.36 7.05 -15.29
CA MET A 232 -9.01 6.52 -15.34
C MET A 232 -8.11 7.23 -14.35
N LEU A 233 -8.29 8.54 -14.19
CA LEU A 233 -7.42 9.29 -13.30
C LEU A 233 -7.74 9.04 -11.83
N LYS A 234 -9.00 8.81 -11.48
CA LYS A 234 -9.33 8.80 -10.06
C LYS A 234 -9.53 7.42 -9.44
N PHE A 235 -9.82 6.38 -10.21
CA PHE A 235 -10.25 5.11 -9.63
C PHE A 235 -9.29 3.96 -9.95
N ASN A 236 -8.01 4.25 -10.08
CA ASN A 236 -6.98 3.22 -10.23
C ASN A 236 -5.93 3.44 -9.14
N ALA A 237 -5.94 2.58 -8.12
CA ALA A 237 -5.13 2.77 -6.93
C ALA A 237 -3.84 1.95 -6.93
N ASN A 238 -3.66 1.04 -7.88
CA ASN A 238 -2.46 0.22 -7.97
C ASN A 238 -1.91 0.29 -9.38
N TRP A 239 -0.67 -0.21 -9.53
CA TRP A 239 0.04 -0.05 -10.80
C TRP A 239 -0.50 -0.97 -11.88
N GLU A 240 -0.87 -2.20 -11.52
CA GLU A 240 -1.37 -3.16 -12.51
C GLU A 240 -2.71 -2.72 -13.10
N ALA A 241 -3.53 -2.01 -12.32
CA ALA A 241 -4.82 -1.55 -12.78
C ALA A 241 -4.74 -0.20 -13.49
N PHE A 242 -3.56 0.40 -13.57
CA PHE A 242 -3.39 1.74 -14.11
C PHE A 242 -2.52 1.82 -15.35
N SER A 243 -1.56 0.90 -15.53
CA SER A 243 -0.51 1.08 -16.52
C SER A 243 -0.65 0.21 -17.77
N ASN A 244 -1.43 -0.88 -17.73
CA ASN A 244 -1.41 -1.83 -18.84
C ASN A 244 -2.83 -2.24 -19.22
N HIS A 245 -2.91 -3.06 -20.28
CA HIS A 245 -4.19 -3.60 -20.75
C HIS A 245 -4.68 -4.76 -19.90
N GLY A 246 -3.76 -5.56 -19.36
CA GLY A 246 -4.06 -6.82 -18.70
C GLY A 246 -5.28 -6.82 -17.80
N GLU A 247 -6.15 -7.80 -18.00
CA GLU A 247 -7.36 -7.93 -17.18
C GLU A 247 -6.96 -8.17 -15.73
N PHE A 248 -7.08 -7.14 -14.90
CA PHE A 248 -6.74 -7.22 -13.49
C PHE A 248 -8.00 -7.37 -12.64
N ASP A 249 -7.86 -8.05 -11.51
CA ASP A 249 -9.01 -8.30 -10.65
C ASP A 249 -9.45 -7.02 -9.95
N ASP A 250 -10.76 -6.90 -9.75
CA ASP A 250 -11.37 -5.79 -9.02
C ASP A 250 -11.08 -4.45 -9.69
N THR A 251 -11.21 -4.41 -11.01
CA THR A 251 -11.08 -3.19 -11.77
C THR A 251 -12.46 -2.68 -12.18
N HIS A 252 -12.58 -1.35 -12.28
CA HIS A 252 -13.86 -0.75 -12.64
C HIS A 252 -13.69 0.55 -13.43
N ALA A 253 -12.53 0.78 -14.04
CA ALA A 253 -12.28 1.97 -14.84
C ALA A 253 -11.15 1.66 -15.80
N ASN A 254 -11.12 2.43 -16.90
CA ASN A 254 -10.09 2.23 -17.91
C ASN A 254 -8.72 2.55 -17.34
N SER A 255 -7.70 1.95 -17.93
CA SER A 255 -6.33 2.22 -17.56
C SER A 255 -5.78 3.36 -18.39
N LEU A 256 -4.56 3.79 -18.05
CA LEU A 256 -3.90 4.83 -18.82
C LEU A 256 -3.68 4.38 -20.26
N GLU A 257 -3.32 3.11 -20.45
CA GLU A 257 -3.04 2.61 -21.79
C GLU A 257 -4.30 2.48 -22.64
N ALA A 258 -5.44 2.16 -22.03
CA ALA A 258 -6.69 2.06 -22.80
C ALA A 258 -7.11 3.42 -23.34
N VAL A 259 -7.18 4.42 -22.46
CA VAL A 259 -7.48 5.78 -22.90
C VAL A 259 -6.42 6.25 -23.89
N HIS A 260 -5.19 5.75 -23.75
CA HIS A 260 -4.17 6.02 -24.76
C HIS A 260 -4.54 5.39 -26.09
N ASP A 261 -5.17 4.20 -26.06
CA ASP A 261 -5.56 3.52 -27.29
C ASP A 261 -6.67 4.26 -28.00
N ASP A 262 -7.56 4.91 -27.26
CA ASP A 262 -8.71 5.57 -27.87
C ASP A 262 -8.29 6.62 -28.89
N ILE A 263 -7.25 7.40 -28.59
CA ILE A 263 -6.80 8.44 -29.51
C ILE A 263 -6.14 7.82 -30.75
N HIS A 264 -5.28 6.82 -30.54
CA HIS A 264 -4.65 6.13 -31.66
C HIS A 264 -5.70 5.56 -32.60
N GLY A 265 -6.79 5.03 -32.05
CA GLY A 265 -7.84 4.47 -32.89
C GLY A 265 -8.73 5.52 -33.51
N PHE A 266 -8.89 6.68 -32.86
CA PHE A 266 -9.66 7.76 -33.47
C PHE A 266 -8.95 8.33 -34.67
N VAL A 267 -7.66 8.63 -34.54
CA VAL A 267 -6.93 9.25 -35.64
C VAL A 267 -6.56 8.22 -36.71
N GLY A 268 -6.24 7.00 -36.29
CA GLY A 268 -5.73 6.02 -37.22
C GLY A 268 -6.78 5.25 -38.01
N ARG A 269 -7.78 4.70 -37.31
CA ARG A 269 -8.73 3.79 -37.94
C ARG A 269 -9.87 4.58 -38.56
N GLY A 270 -10.03 4.46 -39.87
CA GLY A 270 -11.17 5.02 -40.57
C GLY A 270 -11.93 3.95 -41.31
N ALA A 271 -12.07 4.09 -42.63
CA ALA A 271 -12.60 2.99 -43.41
C ALA A 271 -11.60 1.86 -43.53
N ILE A 272 -10.30 2.19 -43.50
CA ILE A 272 -9.22 1.22 -43.42
C ILE A 272 -8.26 1.66 -42.33
N ARG A 273 -7.16 0.93 -42.18
CA ARG A 273 -6.17 1.20 -41.14
C ARG A 273 -5.13 2.20 -41.65
N GLY A 274 -4.85 3.22 -40.84
CA GLY A 274 -3.85 4.21 -41.15
C GLY A 274 -2.57 4.01 -40.34
N HIS A 275 -1.70 5.02 -40.41
CA HIS A 275 -0.43 4.94 -39.70
C HIS A 275 -0.63 5.01 -38.18
N MET A 276 -1.53 5.87 -37.72
CA MET A 276 -1.66 6.13 -36.29
C MET A 276 -2.27 4.96 -35.52
N THR A 277 -2.94 4.04 -36.19
CA THR A 277 -3.56 2.89 -35.53
C THR A 277 -2.73 1.63 -35.64
N HIS A 278 -1.47 1.73 -36.05
CA HIS A 278 -0.57 0.59 -36.14
C HIS A 278 0.68 0.92 -35.32
N ALA A 279 0.99 0.08 -34.33
CA ALA A 279 2.08 0.37 -33.41
C ALA A 279 3.44 0.43 -34.10
N LEU A 280 3.55 -0.12 -35.31
CA LEU A 280 4.81 -0.10 -36.03
C LEU A 280 5.00 1.17 -36.85
N PHE A 281 3.92 1.88 -37.18
CA PHE A 281 4.01 3.10 -37.99
C PHE A 281 3.38 4.31 -37.30
N ALA A 282 3.02 4.19 -36.02
CA ALA A 282 2.29 5.27 -35.36
C ALA A 282 3.18 6.48 -35.07
N ALA A 283 4.46 6.25 -34.76
CA ALA A 283 5.34 7.34 -34.36
C ALA A 283 5.69 8.30 -35.50
N PHE A 284 5.45 7.91 -36.76
CA PHE A 284 5.75 8.78 -37.88
C PHE A 284 4.73 9.90 -38.03
N ASP A 285 3.52 9.72 -37.52
CA ASP A 285 2.53 10.79 -37.52
C ASP A 285 2.97 11.89 -36.58
N PRO A 286 3.10 13.14 -37.04
CA PRO A 286 3.57 14.21 -36.15
C PRO A 286 2.67 14.46 -34.95
N ILE A 287 1.40 14.07 -35.01
CA ILE A 287 0.50 14.29 -33.88
C ILE A 287 0.79 13.32 -32.73
N PHE A 288 1.53 12.25 -33.00
CA PHE A 288 1.86 11.26 -31.98
C PHE A 288 2.45 11.92 -30.74
N TRP A 289 3.44 12.79 -30.94
CA TRP A 289 4.12 13.43 -29.81
C TRP A 289 3.20 14.37 -29.05
N LEU A 290 2.17 14.90 -29.71
CA LEU A 290 1.20 15.72 -28.98
C LEU A 290 0.31 14.85 -28.10
N HIS A 291 0.05 13.61 -28.51
CA HIS A 291 -0.79 12.73 -27.71
C HIS A 291 -0.03 12.23 -26.49
N HIS A 292 1.10 11.58 -26.70
CA HIS A 292 1.86 10.97 -25.61
C HIS A 292 2.41 12.01 -24.65
N SER A 293 2.52 13.26 -25.07
CA SER A 293 2.82 14.33 -24.11
C SER A 293 1.69 14.44 -23.08
N ASN A 294 0.45 14.57 -23.56
CA ASN A 294 -0.69 14.62 -22.64
C ASN A 294 -0.76 13.35 -21.80
N VAL A 295 -0.44 12.20 -22.41
CA VAL A 295 -0.37 10.95 -21.65
C VAL A 295 0.59 11.11 -20.48
N ASP A 296 1.78 11.66 -20.74
CA ASP A 296 2.72 11.90 -19.65
C ASP A 296 2.10 12.81 -18.60
N ARG A 297 1.37 13.83 -19.04
CA ARG A 297 0.66 14.69 -18.10
C ARG A 297 -0.31 13.88 -17.26
N HIS A 298 -1.08 13.01 -17.92
CA HIS A 298 -1.98 12.11 -17.20
C HIS A 298 -1.22 11.33 -16.14
N LEU A 299 -0.02 10.84 -16.49
CA LEU A 299 0.80 10.14 -15.51
C LEU A 299 1.11 11.05 -14.32
N SER A 300 1.60 12.26 -14.60
CA SER A 300 1.98 13.17 -13.52
C SER A 300 0.79 13.47 -12.63
N LEU A 301 -0.37 13.78 -13.22
CA LEU A 301 -1.57 14.03 -12.43
C LEU A 301 -1.86 12.83 -11.54
N TRP A 302 -1.75 11.62 -12.08
CA TRP A 302 -2.01 10.43 -11.29
C TRP A 302 -1.01 10.33 -10.15
N GLN A 303 0.25 10.70 -10.41
CA GLN A 303 1.26 10.69 -9.35
C GLN A 303 0.87 11.63 -8.22
N ALA A 304 0.15 12.71 -8.53
CA ALA A 304 -0.30 13.62 -7.48
C ALA A 304 -1.41 13.00 -6.64
N LEU A 305 -2.22 12.12 -7.24
CA LEU A 305 -3.35 11.56 -6.51
C LEU A 305 -2.94 10.35 -5.67
N TYR A 306 -2.00 9.55 -6.16
CA TYR A 306 -1.56 8.32 -5.49
C TYR A 306 -0.05 8.35 -5.35
N PRO A 307 0.48 9.12 -4.40
CA PRO A 307 1.92 9.08 -4.15
C PRO A 307 2.31 7.78 -3.46
N GLY A 308 3.54 7.35 -3.73
CA GLY A 308 4.02 6.09 -3.21
C GLY A 308 3.62 4.86 -4.00
N VAL A 309 2.87 5.04 -5.09
CA VAL A 309 2.47 3.94 -5.97
C VAL A 309 3.26 4.11 -7.26
N TRP A 310 4.10 3.13 -7.57
CA TRP A 310 4.95 3.21 -8.76
C TRP A 310 5.03 1.82 -9.40
N VAL A 311 6.12 1.58 -10.14
CA VAL A 311 6.23 0.39 -10.97
C VAL A 311 6.38 -0.85 -10.09
N THR A 312 5.51 -1.83 -10.30
CA THR A 312 5.65 -3.14 -9.69
C THR A 312 6.33 -4.09 -10.68
N GLN A 313 6.45 -5.36 -10.30
CA GLN A 313 7.09 -6.34 -11.14
C GLN A 313 6.06 -7.06 -12.02
N GLY A 314 6.41 -7.24 -13.29
CA GLY A 314 5.54 -7.89 -14.24
C GLY A 314 6.29 -8.52 -15.39
N PRO A 315 5.64 -9.47 -16.07
CA PRO A 315 6.30 -10.16 -17.18
C PRO A 315 6.14 -9.43 -18.50
N GLU A 316 7.04 -9.76 -19.43
CA GLU A 316 6.98 -9.24 -20.79
C GLU A 316 5.95 -10.05 -21.58
N ARG A 317 4.83 -9.41 -21.93
CA ARG A 317 3.72 -10.13 -22.54
C ARG A 317 3.90 -10.29 -24.04
N GLU A 318 4.07 -9.18 -24.76
CA GLU A 318 4.14 -9.21 -26.21
C GLU A 318 5.56 -9.12 -26.76
N GLY A 319 6.51 -8.58 -26.00
CA GLY A 319 7.89 -8.54 -26.43
C GLY A 319 8.28 -7.34 -27.27
N SER A 320 9.36 -6.68 -26.87
CA SER A 320 9.94 -5.54 -27.58
C SER A 320 11.39 -5.86 -27.96
N MET A 321 12.08 -4.86 -28.52
CA MET A 321 13.49 -5.03 -28.82
C MET A 321 14.37 -4.96 -27.58
N GLY A 322 13.85 -4.39 -26.49
CA GLY A 322 14.62 -4.33 -25.25
C GLY A 322 14.61 -5.62 -24.46
N PHE A 323 13.46 -6.30 -24.43
CA PHE A 323 13.30 -7.54 -23.70
C PHE A 323 12.54 -8.55 -24.54
N ALA A 324 12.99 -9.80 -24.49
CA ALA A 324 12.30 -10.89 -25.17
C ALA A 324 11.05 -11.29 -24.38
N PRO A 325 10.01 -11.79 -25.07
CA PRO A 325 8.81 -12.23 -24.36
C PRO A 325 9.09 -13.29 -23.31
N GLY A 326 8.91 -12.93 -22.04
CA GLY A 326 9.16 -13.84 -20.94
C GLY A 326 10.08 -13.25 -19.88
N THR A 327 10.66 -12.10 -20.18
CA THR A 327 11.58 -11.46 -19.24
C THR A 327 10.79 -10.79 -18.11
N GLU A 328 11.26 -11.00 -16.88
CA GLU A 328 10.65 -10.35 -15.73
C GLU A 328 11.13 -8.92 -15.63
N LEU A 329 10.19 -7.98 -15.57
CA LEU A 329 10.48 -6.56 -15.55
C LEU A 329 10.07 -5.95 -14.23
N ASN A 330 10.82 -4.95 -13.78
CA ASN A 330 10.53 -4.27 -12.53
C ASN A 330 11.00 -2.82 -12.67
N LYS A 331 11.14 -2.14 -11.54
CA LYS A 331 11.55 -0.73 -11.55
C LYS A 331 13.01 -0.57 -11.98
N ASP A 332 13.80 -1.64 -11.94
CA ASP A 332 15.22 -1.57 -12.30
C ASP A 332 15.50 -2.03 -13.71
N SER A 333 14.45 -2.23 -14.53
CA SER A 333 14.65 -2.67 -15.90
C SER A 333 15.26 -1.56 -16.73
N ALA A 334 15.98 -1.95 -17.78
CA ALA A 334 16.68 -1.01 -18.66
C ALA A 334 15.71 -0.51 -19.72
N LEU A 335 15.42 0.79 -19.70
CA LEU A 335 14.50 1.39 -20.67
C LEU A 335 15.27 1.68 -21.95
N GLU A 336 15.50 0.61 -22.71
CA GLU A 336 16.19 0.70 -23.99
C GLU A 336 15.33 1.43 -25.02
N PRO A 337 15.95 2.24 -25.89
CA PRO A 337 17.40 2.49 -25.96
C PRO A 337 17.80 3.82 -25.36
N PHE A 338 17.12 4.22 -24.28
CA PHE A 338 17.33 5.52 -23.66
C PHE A 338 18.36 5.39 -22.54
N TYR A 339 19.41 6.20 -22.62
CA TYR A 339 20.53 6.11 -21.70
C TYR A 339 20.72 7.43 -20.97
N GLU A 340 21.16 7.35 -19.71
CA GLU A 340 21.55 8.53 -18.96
C GLU A 340 23.03 8.86 -19.15
N THR A 341 23.88 7.83 -19.16
CA THR A 341 25.28 7.95 -19.56
C THR A 341 25.58 6.91 -20.63
N GLU A 342 26.76 7.05 -21.24
CA GLU A 342 27.15 6.15 -22.32
C GLU A 342 27.30 4.71 -21.87
N ASP A 343 27.29 4.43 -20.57
CA ASP A 343 27.44 3.08 -20.05
C ASP A 343 26.33 2.67 -19.11
N LYS A 344 25.25 3.44 -19.02
CA LYS A 344 24.16 3.10 -18.11
C LYS A 344 22.80 3.53 -18.67
N PRO A 345 21.89 2.60 -18.89
CA PRO A 345 20.57 2.97 -19.43
C PRO A 345 19.65 3.46 -18.32
N TRP A 346 18.57 4.12 -18.75
CA TRP A 346 17.59 4.62 -17.79
C TRP A 346 16.83 3.47 -17.15
N THR A 347 16.32 3.74 -15.95
CA THR A 347 15.42 2.84 -15.23
C THR A 347 14.16 3.60 -14.85
N SER A 348 13.14 2.86 -14.43
CA SER A 348 11.86 3.48 -14.07
C SER A 348 11.89 4.17 -12.72
N VAL A 349 12.95 4.02 -11.95
CA VAL A 349 13.02 4.56 -10.58
C VAL A 349 13.16 6.07 -10.60
N PRO A 350 14.14 6.67 -11.29
CA PRO A 350 14.30 8.13 -11.20
C PRO A 350 13.25 8.92 -11.95
N LEU A 351 12.36 8.27 -12.71
CA LEU A 351 11.38 8.96 -13.53
C LEU A 351 10.18 9.46 -12.74
N THR A 352 10.23 9.47 -11.41
CA THR A 352 9.11 9.98 -10.64
C THR A 352 9.04 11.50 -10.66
N ASP A 353 10.19 12.16 -10.74
CA ASP A 353 10.26 13.63 -10.74
C ASP A 353 10.49 14.10 -12.17
N THR A 354 9.49 14.78 -12.74
CA THR A 354 9.64 15.33 -14.08
C THR A 354 10.66 16.46 -14.10
N ALA A 355 10.87 17.13 -12.96
CA ALA A 355 11.84 18.22 -12.90
C ALA A 355 13.26 17.76 -13.16
N LEU A 356 13.53 16.46 -13.02
CA LEU A 356 14.84 15.94 -13.38
C LEU A 356 15.11 16.07 -14.87
N LEU A 357 14.05 16.07 -15.68
CA LEU A 357 14.18 16.22 -17.13
C LEU A 357 13.84 17.63 -17.59
N ASN A 358 13.85 18.60 -16.68
CA ASN A 358 13.72 20.01 -17.01
C ASN A 358 12.40 20.32 -17.70
N TYR A 359 11.31 19.75 -17.20
CA TYR A 359 9.99 20.07 -17.71
C TYR A 359 8.95 19.78 -16.63
N SER A 360 7.83 20.49 -16.72
CA SER A 360 6.70 20.30 -15.81
C SER A 360 5.42 20.62 -16.58
N TYR A 361 4.33 20.80 -15.85
CA TYR A 361 3.05 21.10 -16.46
C TYR A 361 2.36 22.23 -15.70
N PRO A 362 1.54 23.04 -16.39
CA PRO A 362 0.91 24.18 -15.72
C PRO A 362 -0.13 23.80 -14.68
N ASP A 363 -0.56 22.54 -14.63
CA ASP A 363 -1.53 22.12 -13.63
C ASP A 363 -0.98 22.24 -12.21
N PHE A 364 0.35 22.26 -12.06
CA PHE A 364 0.99 22.37 -10.75
C PHE A 364 1.53 23.77 -10.49
N ASP A 365 1.02 24.77 -11.21
CA ASP A 365 1.51 26.14 -11.01
C ASP A 365 1.02 26.72 -9.69
N LYS A 366 -0.24 26.45 -9.33
CA LYS A 366 -0.80 27.01 -8.10
C LYS A 366 -0.23 26.35 -6.85
N VAL A 367 0.37 25.16 -6.97
CA VAL A 367 0.91 24.45 -5.81
C VAL A 367 2.39 24.15 -6.03
N LYS A 368 3.09 25.08 -6.68
CA LYS A 368 4.52 24.92 -6.94
C LYS A 368 5.32 25.09 -5.66
N GLY A 369 5.60 23.99 -4.97
CA GLY A 369 6.36 24.05 -3.73
C GLY A 369 5.54 23.77 -2.50
N GLY A 370 4.57 22.87 -2.63
CA GLY A 370 3.70 22.49 -1.53
C GLY A 370 4.01 21.10 -1.00
N THR A 371 3.34 20.76 0.09
CA THR A 371 3.51 19.45 0.70
C THR A 371 2.78 18.40 -0.13
N PRO A 372 3.24 17.15 -0.11
CA PRO A 372 2.52 16.09 -0.84
C PRO A 372 1.08 15.94 -0.42
N ASP A 373 0.74 16.34 0.81
CA ASP A 373 -0.65 16.30 1.25
C ASP A 373 -1.50 17.35 0.53
N LEU A 374 -0.94 18.55 0.33
CA LEU A 374 -1.69 19.64 -0.27
C LEU A 374 -1.79 19.50 -1.79
N VAL A 375 -0.74 18.98 -2.42
CA VAL A 375 -0.77 18.79 -3.87
C VAL A 375 -1.87 17.81 -4.24
N ARG A 376 -2.07 16.77 -3.43
CA ARG A 376 -3.12 15.81 -3.69
C ARG A 376 -4.49 16.46 -3.65
N ASP A 377 -4.73 17.34 -2.67
CA ASP A 377 -6.03 17.99 -2.56
C ASP A 377 -6.25 18.94 -3.73
N TYR A 378 -5.24 19.74 -4.09
CA TYR A 378 -5.42 20.67 -5.20
C TYR A 378 -5.65 19.94 -6.51
N ILE A 379 -4.89 18.88 -6.77
CA ILE A 379 -5.05 18.13 -8.01
C ILE A 379 -6.39 17.40 -8.03
N ASN A 380 -6.83 16.88 -6.88
CA ASN A 380 -8.12 16.21 -6.81
C ASN A 380 -9.25 17.18 -7.14
N ASP A 381 -9.22 18.37 -6.53
CA ASP A 381 -10.23 19.38 -6.84
C ASP A 381 -10.14 19.81 -8.30
N HIS A 382 -8.93 19.93 -8.82
CA HIS A 382 -8.72 20.36 -10.20
C HIS A 382 -9.29 19.35 -11.19
N ILE A 383 -9.16 18.06 -10.88
CA ILE A 383 -9.75 17.04 -11.74
C ILE A 383 -11.27 17.02 -11.59
N ASP A 384 -11.76 17.29 -10.38
CA ASP A 384 -13.21 17.34 -10.19
C ASP A 384 -13.83 18.47 -11.00
N ARG A 385 -13.12 19.60 -11.14
CA ARG A 385 -13.66 20.71 -11.91
C ARG A 385 -13.37 20.62 -13.40
N ARG A 386 -12.27 19.97 -13.79
CA ARG A 386 -11.85 19.92 -15.19
C ARG A 386 -12.53 18.79 -15.95
N TYR A 387 -12.46 17.56 -15.43
CA TYR A 387 -12.99 16.39 -16.11
C TYR A 387 -14.20 15.80 -15.42
N GLY A 388 -14.63 16.34 -14.29
CA GLY A 388 -15.75 15.81 -13.57
C GLY A 388 -17.07 16.08 -14.28
N ILE A 389 -18.15 15.71 -13.59
CA ILE A 389 -19.51 15.89 -14.10
C ILE A 389 -20.14 17.05 -13.34
N LYS A 390 -20.57 18.07 -14.06
CA LYS A 390 -21.21 19.22 -13.43
C LYS A 390 -22.63 18.85 -13.00
N LYS A 391 -23.13 19.55 -12.00
CA LYS A 391 -24.48 19.32 -11.50
C LYS A 391 -25.49 20.18 -12.27
N SER A 392 -26.77 19.88 -12.05
CA SER A 392 -27.82 20.57 -12.78
C SER A 392 -27.98 22.00 -12.30
N GLU A 393 -28.58 22.82 -13.15
CA GLU A 393 -28.77 24.23 -12.86
C GLU A 393 -30.04 24.43 -12.04
N GLY A 394 -29.90 24.96 -10.83
CA GLY A 394 -31.04 25.21 -9.98
C GLY A 394 -31.75 23.96 -9.51
N GLY A 395 -31.06 22.82 -9.51
CA GLY A 395 -31.66 21.56 -9.09
C GLY A 395 -32.82 21.15 -9.98
N LYS A 396 -32.60 21.15 -11.29
CA LYS A 396 -33.65 20.73 -12.21
C LYS A 396 -33.71 19.21 -12.34
N ASN A 397 -32.57 18.55 -12.19
CA ASN A 397 -32.49 17.09 -12.24
C ASN A 397 -31.80 16.59 -10.98
N PRO A 398 -32.55 16.08 -10.01
CA PRO A 398 -31.92 15.61 -8.76
C PRO A 398 -31.04 14.39 -8.96
N ALA A 399 -31.41 13.48 -9.87
CA ALA A 399 -30.59 12.31 -10.13
C ALA A 399 -29.22 12.71 -10.66
N LEU A 400 -29.16 13.78 -11.47
CA LEU A 400 -27.87 14.25 -11.96
C LEU A 400 -27.09 14.96 -10.86
N ASP A 401 -27.77 15.57 -9.89
CA ASP A 401 -27.07 16.10 -8.72
C ASP A 401 -26.43 14.98 -7.92
N LEU A 402 -27.15 13.87 -7.75
CA LEU A 402 -26.59 12.72 -7.04
C LEU A 402 -25.41 12.14 -7.81
N LEU A 403 -25.54 12.04 -9.15
CA LEU A 403 -24.42 11.57 -9.95
C LEU A 403 -23.24 12.52 -9.86
N SER A 404 -23.49 13.83 -9.75
CA SER A 404 -22.41 14.79 -9.64
C SER A 404 -21.70 14.70 -8.30
N ASP A 405 -22.41 14.28 -7.24
CA ASP A 405 -21.75 14.12 -5.96
C ASP A 405 -20.73 12.98 -5.97
N PHE A 406 -20.97 11.95 -6.79
CA PHE A 406 -20.03 10.81 -6.85
C PHE A 406 -18.95 11.00 -7.90
N LYS A 407 -19.28 11.49 -9.08
CA LYS A 407 -18.30 11.62 -10.15
C LYS A 407 -18.06 13.09 -10.50
N GLY A 408 -17.78 13.91 -9.49
CA GLY A 408 -17.52 15.32 -9.73
C GLY A 408 -17.37 16.07 -8.42
N VAL A 409 -17.68 17.36 -8.48
CA VAL A 409 -17.65 18.19 -7.27
C VAL A 409 -18.73 17.71 -6.30
N THR A 410 -18.36 17.55 -5.05
CA THR A 410 -19.22 16.94 -4.04
C THR A 410 -19.65 18.02 -3.05
N HIS A 411 -20.95 18.32 -3.03
CA HIS A 411 -21.52 19.22 -2.05
C HIS A 411 -21.74 18.48 -0.74
N ASP A 412 -21.33 19.09 0.37
CA ASP A 412 -21.40 18.42 1.66
C ASP A 412 -22.84 18.07 2.02
N HIS A 413 -23.00 16.95 2.73
CA HIS A 413 -24.30 16.40 3.05
C HIS A 413 -24.33 15.95 4.50
N ASN A 414 -25.50 16.07 5.13
CA ASN A 414 -25.64 15.65 6.52
C ASN A 414 -25.67 14.13 6.64
N GLU A 415 -26.43 13.47 5.78
CA GLU A 415 -26.51 12.01 5.75
C GLU A 415 -25.60 11.46 4.65
N ASP A 416 -25.41 10.14 4.69
CA ASP A 416 -24.60 9.47 3.68
C ASP A 416 -25.46 9.18 2.44
N LEU A 417 -24.82 9.26 1.27
CA LEU A 417 -25.51 9.09 0.00
C LEU A 417 -25.12 7.75 -0.61
N LYS A 418 -26.03 7.18 -1.42
CA LYS A 418 -25.76 5.90 -2.06
C LYS A 418 -26.34 5.87 -3.46
N MET A 419 -25.59 5.28 -4.38
CA MET A 419 -26.05 5.13 -5.76
C MET A 419 -25.26 3.99 -6.40
N PHE A 420 -25.74 3.55 -7.56
CA PHE A 420 -25.10 2.47 -8.32
C PHE A 420 -24.27 3.06 -9.46
N ASP A 421 -23.00 2.67 -9.51
CA ASP A 421 -22.11 3.04 -10.61
C ASP A 421 -22.22 1.97 -11.70
N TRP A 422 -22.58 2.40 -12.91
CA TRP A 422 -22.87 1.51 -14.02
C TRP A 422 -21.76 1.60 -15.07
N THR A 423 -21.31 0.45 -15.56
CA THR A 423 -20.27 0.45 -16.58
C THR A 423 -20.42 -0.76 -17.48
N ILE A 424 -19.99 -0.61 -18.72
CA ILE A 424 -19.95 -1.70 -19.70
C ILE A 424 -18.54 -2.26 -19.70
N GLN A 425 -18.37 -3.46 -19.16
CA GLN A 425 -17.11 -4.17 -19.12
C GLN A 425 -17.01 -5.14 -20.29
N ALA A 426 -15.88 -5.12 -20.99
CA ALA A 426 -15.64 -6.01 -22.12
C ALA A 426 -14.24 -6.59 -22.00
N SER A 427 -14.14 -7.92 -22.03
CA SER A 427 -12.86 -8.60 -21.93
C SER A 427 -12.66 -9.52 -23.12
N TRP A 428 -11.46 -9.49 -23.70
CA TRP A 428 -11.16 -10.33 -24.85
C TRP A 428 -9.69 -10.69 -24.82
N LYS A 429 -9.31 -11.64 -25.67
CA LYS A 429 -7.93 -12.11 -25.78
C LYS A 429 -7.29 -11.42 -26.99
N LYS A 430 -6.32 -10.54 -26.71
CA LYS A 430 -5.53 -9.96 -27.78
C LYS A 430 -4.74 -11.05 -28.51
N PHE A 431 -4.33 -10.73 -29.73
CA PHE A 431 -3.55 -11.56 -30.65
C PHE A 431 -4.41 -12.64 -31.33
N GLU A 432 -5.72 -12.68 -31.08
CA GLU A 432 -6.56 -13.62 -31.82
C GLU A 432 -6.69 -13.20 -33.28
N LEU A 433 -6.93 -11.92 -33.52
CA LEU A 433 -6.96 -11.34 -34.85
C LEU A 433 -5.77 -10.40 -35.01
N ASP A 434 -5.19 -10.37 -36.22
CA ASP A 434 -4.02 -9.56 -36.50
C ASP A 434 -4.39 -8.23 -37.16
N ASP A 435 -5.65 -7.80 -37.05
CA ASP A 435 -6.11 -6.55 -37.59
C ASP A 435 -6.72 -5.71 -36.49
N SER A 436 -6.33 -4.43 -36.43
CA SER A 436 -6.88 -3.51 -35.44
C SER A 436 -8.37 -3.29 -35.69
N PHE A 437 -9.17 -3.46 -34.65
CA PHE A 437 -10.62 -3.31 -34.77
C PHE A 437 -11.17 -2.40 -33.68
N ALA A 438 -12.49 -2.32 -33.57
CA ALA A 438 -13.13 -1.47 -32.57
C ALA A 438 -14.51 -2.02 -32.26
N ILE A 439 -14.98 -1.74 -31.05
CA ILE A 439 -16.30 -2.18 -30.57
C ILE A 439 -17.14 -0.94 -30.34
N ILE A 440 -18.28 -0.85 -31.04
CA ILE A 440 -19.16 0.31 -30.97
C ILE A 440 -20.37 -0.04 -30.13
N PHE A 441 -20.72 0.85 -29.20
CA PHE A 441 -21.88 0.68 -28.33
C PHE A 441 -22.86 1.82 -28.57
N TYR A 442 -24.13 1.47 -28.75
CA TYR A 442 -25.13 2.50 -29.03
C TYR A 442 -26.52 2.00 -28.69
N PHE A 443 -27.45 2.94 -28.58
CA PHE A 443 -28.86 2.64 -28.38
C PHE A 443 -29.52 2.42 -29.73
N ALA A 444 -30.33 1.37 -29.81
CA ALA A 444 -30.94 0.96 -31.08
C ALA A 444 -32.45 1.19 -31.12
N ALA A 445 -33.00 1.94 -30.16
CA ALA A 445 -34.45 2.14 -30.13
C ALA A 445 -34.92 3.02 -31.29
N ASP A 446 -34.19 4.10 -31.59
CA ASP A 446 -34.57 4.97 -32.70
C ASP A 446 -34.34 4.28 -34.04
N GLY A 447 -33.13 3.78 -34.27
CA GLY A 447 -32.83 3.00 -35.45
C GLY A 447 -31.35 2.76 -35.63
N SER A 448 -30.99 1.69 -36.34
CA SER A 448 -29.60 1.30 -36.54
C SER A 448 -29.04 1.73 -37.91
N THR A 449 -29.50 2.85 -38.46
CA THR A 449 -29.02 3.26 -39.77
C THR A 449 -28.68 4.75 -39.81
N ASN A 450 -28.48 5.37 -38.66
CA ASN A 450 -28.09 6.77 -38.59
C ASN A 450 -27.28 6.95 -37.31
N VAL A 451 -26.21 7.74 -37.40
CA VAL A 451 -25.33 7.92 -36.25
C VAL A 451 -25.88 9.13 -35.50
N THR A 452 -26.58 8.85 -34.41
CA THR A 452 -27.26 9.87 -33.61
C THR A 452 -26.37 10.30 -32.44
N LYS A 453 -26.30 11.61 -32.23
CA LYS A 453 -25.42 12.14 -31.19
C LYS A 453 -25.86 11.67 -29.80
N GLU A 454 -27.17 11.63 -29.55
CA GLU A 454 -27.66 11.28 -28.22
C GLU A 454 -27.71 9.77 -28.00
N ASN A 455 -28.00 8.98 -29.03
CA ASN A 455 -28.12 7.53 -28.88
C ASN A 455 -26.81 6.81 -29.12
N TYR A 456 -25.68 7.49 -28.94
CA TYR A 456 -24.36 6.90 -29.09
C TYR A 456 -23.68 6.87 -27.73
N ILE A 457 -23.31 5.67 -27.29
CA ILE A 457 -22.68 5.51 -25.98
C ILE A 457 -21.19 5.77 -26.10
N GLY A 458 -20.45 4.78 -26.62
CA GLY A 458 -19.02 4.91 -26.72
C GLY A 458 -18.43 3.82 -27.59
N SER A 459 -17.12 3.63 -27.44
CA SER A 459 -16.40 2.68 -28.26
C SER A 459 -15.13 2.24 -27.55
N ILE A 460 -14.70 1.01 -27.85
CA ILE A 460 -13.44 0.46 -27.36
C ILE A 460 -12.56 0.21 -28.57
N ASN A 461 -11.46 0.95 -28.67
CA ASN A 461 -10.55 0.86 -29.80
C ASN A 461 -9.34 0.00 -29.46
N ILE A 462 -8.82 -0.71 -30.47
CA ILE A 462 -7.71 -1.65 -30.29
C ILE A 462 -6.48 -1.07 -30.98
N PHE A 463 -5.41 -0.87 -30.21
CA PHE A 463 -4.12 -0.37 -30.69
C PHE A 463 -3.12 -1.52 -30.74
N ARG A 464 -3.12 -2.27 -31.84
CA ARG A 464 -2.29 -3.45 -32.01
C ARG A 464 -1.07 -3.12 -32.87
N GLY A 465 -0.43 -4.15 -33.41
CA GLY A 465 0.77 -4.02 -34.23
C GLY A 465 1.43 -5.36 -34.50
N THR A 466 2.70 -5.55 -34.13
CA THR A 466 3.35 -6.83 -34.39
C THR A 466 2.99 -7.86 -33.32
N THR A 467 2.57 -9.06 -33.76
CA THR A 467 2.28 -10.07 -32.76
C THR A 467 3.42 -11.06 -32.65
N PRO A 468 3.75 -11.54 -31.45
CA PRO A 468 4.75 -12.61 -31.33
C PRO A 468 4.14 -13.95 -31.71
N THR A 469 5.01 -14.94 -31.86
CA THR A 469 4.52 -16.28 -32.19
C THR A 469 5.02 -17.34 -31.22
N ASN A 470 6.29 -17.30 -30.84
CA ASN A 470 6.90 -18.34 -30.01
C ASN A 470 8.21 -17.80 -29.48
N CYS A 471 8.86 -18.60 -28.64
CA CYS A 471 10.16 -18.26 -28.06
C CYS A 471 10.97 -19.55 -27.97
N ALA A 472 12.09 -19.49 -27.25
CA ALA A 472 12.94 -20.67 -27.09
C ALA A 472 12.29 -21.69 -26.17
N ASN A 473 11.15 -22.23 -26.60
CA ASN A 473 10.31 -23.15 -25.82
C ASN A 473 10.27 -22.76 -24.34
N CYS A 474 9.99 -21.49 -24.11
CA CYS A 474 9.95 -20.95 -22.75
C CYS A 474 8.66 -21.37 -22.05
N ARG A 475 8.40 -20.79 -20.89
CA ARG A 475 7.25 -21.17 -20.07
C ARG A 475 6.45 -19.99 -19.54
N THR A 476 6.99 -18.78 -19.53
CA THR A 476 6.24 -17.60 -19.10
C THR A 476 5.24 -17.13 -20.15
N GLN A 477 5.33 -17.64 -21.37
CA GLN A 477 4.42 -17.24 -22.45
C GLN A 477 2.98 -17.53 -22.08
N ASP A 478 2.23 -16.48 -21.76
CA ASP A 478 0.84 -16.60 -21.35
C ASP A 478 0.00 -15.63 -22.17
N ASN A 479 -1.20 -16.06 -22.54
CA ASN A 479 -2.11 -15.19 -23.28
C ASN A 479 -2.48 -14.00 -22.42
N LEU A 480 -2.31 -12.79 -22.97
CA LEU A 480 -2.74 -11.59 -22.29
C LEU A 480 -4.19 -11.31 -22.62
N VAL A 481 -4.95 -10.89 -21.60
CA VAL A 481 -6.37 -10.57 -21.76
C VAL A 481 -6.50 -9.06 -21.64
N GLN A 482 -7.03 -8.43 -22.67
CA GLN A 482 -7.24 -7.00 -22.69
C GLN A 482 -8.70 -6.69 -22.36
N GLU A 483 -8.91 -5.67 -21.53
CA GLU A 483 -10.23 -5.30 -21.05
C GLU A 483 -10.47 -3.82 -21.29
N GLY A 484 -11.74 -3.46 -21.43
CA GLY A 484 -12.12 -2.07 -21.62
C GLY A 484 -13.46 -1.78 -20.98
N PHE A 485 -13.67 -0.49 -20.71
CA PHE A 485 -14.86 0.00 -20.02
C PHE A 485 -15.49 1.13 -20.80
N VAL A 486 -16.82 1.19 -20.77
CA VAL A 486 -17.56 2.32 -21.32
C VAL A 486 -18.66 2.71 -20.35
N HIS A 487 -18.69 3.97 -19.93
CA HIS A 487 -19.53 4.41 -18.83
C HIS A 487 -20.93 4.79 -19.31
N LEU A 488 -21.93 4.50 -18.48
CA LEU A 488 -23.34 4.71 -18.81
C LEU A 488 -24.08 5.63 -17.85
N ASP A 489 -23.39 6.21 -16.85
CA ASP A 489 -24.10 6.91 -15.78
C ASP A 489 -24.82 8.15 -16.30
N ARG A 490 -24.15 8.93 -17.14
CA ARG A 490 -24.73 10.19 -17.60
C ARG A 490 -25.95 9.96 -18.48
N PHE A 491 -25.99 8.85 -19.22
CA PHE A 491 -27.17 8.54 -20.01
C PHE A 491 -28.35 8.12 -19.12
N ILE A 492 -28.06 7.51 -17.96
CA ILE A 492 -29.13 7.14 -17.04
C ILE A 492 -29.67 8.38 -16.34
N ALA A 493 -28.80 9.31 -15.98
CA ALA A 493 -29.26 10.54 -15.33
C ALA A 493 -30.16 11.37 -16.23
N ARG A 494 -29.98 11.26 -17.55
CA ARG A 494 -30.81 12.03 -18.48
C ARG A 494 -32.25 11.54 -18.48
N ASP A 495 -32.46 10.22 -18.41
CA ASP A 495 -33.78 9.62 -18.57
C ASP A 495 -34.37 9.18 -17.24
N LEU A 496 -33.74 8.20 -16.59
CA LEU A 496 -34.32 7.62 -15.40
C LEU A 496 -34.22 8.60 -14.22
N ASP A 497 -34.95 8.26 -13.15
CA ASP A 497 -34.97 9.05 -11.93
C ASP A 497 -34.25 8.35 -10.78
N THR A 498 -33.79 7.12 -10.98
CA THR A 498 -33.10 6.36 -9.95
C THR A 498 -32.10 5.44 -10.62
N PHE A 499 -31.14 4.94 -9.82
CA PHE A 499 -30.12 4.04 -10.32
C PHE A 499 -30.35 2.61 -9.85
N ASP A 500 -31.59 2.26 -9.51
CA ASP A 500 -31.88 0.90 -9.08
C ASP A 500 -31.69 -0.08 -10.24
N PRO A 501 -31.20 -1.30 -9.96
CA PRO A 501 -31.06 -2.29 -11.04
C PRO A 501 -32.39 -2.65 -11.69
N GLN A 502 -33.47 -2.73 -10.90
CA GLN A 502 -34.76 -3.13 -11.45
C GLN A 502 -35.30 -2.12 -12.44
N ALA A 503 -34.90 -0.86 -12.35
CA ALA A 503 -35.33 0.16 -13.30
C ALA A 503 -34.39 0.25 -14.49
N VAL A 504 -33.08 0.16 -14.25
CA VAL A 504 -32.12 0.27 -15.34
C VAL A 504 -32.15 -0.96 -16.24
N HIS A 505 -32.63 -2.11 -15.74
CA HIS A 505 -32.81 -3.26 -16.62
C HIS A 505 -33.87 -2.98 -17.67
N ARG A 506 -34.98 -2.37 -17.25
CA ARG A 506 -36.02 -1.98 -18.20
C ARG A 506 -35.56 -0.82 -19.09
N TYR A 507 -34.72 0.07 -18.54
CA TYR A 507 -34.20 1.16 -19.36
C TYR A 507 -33.31 0.64 -20.48
N LEU A 508 -32.41 -0.30 -20.16
CA LEU A 508 -31.49 -0.80 -21.16
C LEU A 508 -32.16 -1.80 -22.11
N LYS A 509 -33.22 -2.47 -21.64
CA LYS A 509 -33.93 -3.40 -22.52
C LYS A 509 -34.88 -2.66 -23.46
N GLU A 510 -35.56 -1.63 -22.97
CA GLU A 510 -36.42 -0.83 -23.84
C GLU A 510 -35.62 -0.08 -24.90
N LYS A 511 -34.48 0.49 -24.52
CA LYS A 511 -33.66 1.27 -25.45
C LYS A 511 -32.81 0.38 -26.36
N LYS A 512 -32.85 -0.94 -26.16
CA LYS A 512 -32.15 -1.91 -27.02
C LYS A 512 -30.68 -1.56 -27.16
N LEU A 513 -30.00 -1.52 -26.01
CA LEU A 513 -28.57 -1.30 -25.97
C LEU A 513 -27.85 -2.40 -26.76
N SER A 514 -27.17 -2.01 -27.83
CA SER A 514 -26.52 -2.97 -28.71
C SER A 514 -25.08 -2.55 -28.97
N TYR A 515 -24.30 -3.51 -29.47
CA TYR A 515 -22.89 -3.30 -29.77
C TYR A 515 -22.59 -3.94 -31.12
N LYS A 516 -21.41 -3.62 -31.66
CA LYS A 516 -21.00 -4.16 -32.95
C LYS A 516 -19.48 -4.13 -33.02
N VAL A 517 -18.87 -5.28 -33.25
CA VAL A 517 -17.43 -5.38 -33.44
C VAL A 517 -17.14 -5.18 -34.92
N VAL A 518 -16.42 -4.11 -35.25
CA VAL A 518 -16.15 -3.73 -36.63
C VAL A 518 -14.65 -3.65 -36.83
N ALA A 519 -14.18 -4.21 -37.94
CA ALA A 519 -12.79 -4.10 -38.38
C ALA A 519 -12.79 -3.52 -39.79
N ASP A 520 -11.98 -2.47 -39.99
CA ASP A 520 -11.97 -1.72 -41.25
C ASP A 520 -13.37 -1.19 -41.55
N ASP A 521 -14.09 -1.87 -42.43
CA ASP A 521 -15.46 -1.50 -42.77
C ASP A 521 -16.46 -2.62 -42.51
N HIS A 522 -16.12 -3.84 -42.90
CA HIS A 522 -17.01 -4.98 -42.69
C HIS A 522 -16.98 -5.40 -41.22
N SER A 523 -17.91 -6.29 -40.87
CA SER A 523 -18.02 -6.80 -39.51
C SER A 523 -17.16 -8.04 -39.32
N VAL A 524 -16.52 -8.13 -38.16
CA VAL A 524 -15.66 -9.26 -37.80
C VAL A 524 -16.11 -9.81 -36.46
N THR A 525 -15.80 -11.08 -36.23
CA THR A 525 -16.20 -11.78 -35.02
C THR A 525 -14.99 -12.43 -34.36
N LEU A 526 -14.94 -12.36 -33.03
CA LEU A 526 -13.93 -13.06 -32.24
C LEU A 526 -14.62 -13.82 -31.11
N LYS A 527 -14.02 -14.93 -30.70
CA LYS A 527 -14.68 -15.84 -29.78
C LYS A 527 -14.30 -15.61 -28.32
N SER A 528 -13.24 -14.86 -28.05
CA SER A 528 -12.78 -14.65 -26.68
C SER A 528 -13.43 -13.46 -26.01
N LEU A 529 -14.42 -12.83 -26.65
CA LEU A 529 -15.05 -11.63 -26.12
C LEU A 529 -16.15 -11.98 -25.14
N ARG A 530 -16.21 -11.22 -24.05
CA ARG A 530 -17.25 -11.34 -23.04
C ARG A 530 -17.60 -9.93 -22.58
N ILE A 531 -18.81 -9.48 -22.91
CA ILE A 531 -19.28 -8.15 -22.57
C ILE A 531 -20.42 -8.28 -21.55
N ARG A 532 -20.48 -7.34 -20.61
CA ARG A 532 -21.52 -7.34 -19.61
C ARG A 532 -21.66 -5.94 -19.04
N VAL A 533 -22.76 -5.72 -18.32
CA VAL A 533 -23.02 -4.46 -17.62
C VAL A 533 -22.86 -4.70 -16.12
N GLN A 534 -22.04 -3.88 -15.48
CA GLN A 534 -21.73 -4.00 -14.07
C GLN A 534 -22.31 -2.84 -13.29
N GLY A 535 -23.02 -3.15 -12.21
CA GLY A 535 -23.52 -2.18 -11.27
C GLY A 535 -22.86 -2.39 -9.91
N ARG A 536 -22.09 -1.38 -9.50
CA ARG A 536 -21.34 -1.40 -8.25
C ARG A 536 -22.02 -0.48 -7.24
N PRO A 537 -22.40 -0.97 -6.06
CA PRO A 537 -22.99 -0.09 -5.05
C PRO A 537 -21.93 0.81 -4.44
N LEU A 538 -22.07 2.11 -4.66
CA LEU A 538 -21.17 3.11 -4.12
C LEU A 538 -21.89 3.94 -3.06
N HIS A 539 -21.20 4.17 -1.95
CA HIS A 539 -21.74 4.98 -0.86
C HIS A 539 -20.73 6.06 -0.47
N LEU A 540 -21.25 7.19 -0.03
CA LEU A 540 -20.47 8.34 0.40
C LEU A 540 -20.86 8.66 1.84
N PRO A 541 -19.99 8.37 2.82
CA PRO A 541 -20.25 8.79 4.19
C PRO A 541 -20.34 10.31 4.29
N PRO A 542 -21.01 10.84 5.32
CA PRO A 542 -21.26 12.28 5.38
C PRO A 542 -20.02 13.15 5.54
N GLY A 543 -18.82 12.59 5.59
CA GLY A 543 -17.63 13.39 5.78
C GLY A 543 -16.57 13.23 4.71
N VAL A 544 -16.86 12.46 3.66
CA VAL A 544 -15.90 12.21 2.60
C VAL A 544 -16.52 12.52 1.25
N SER A 545 -15.67 12.85 0.29
CA SER A 545 -16.05 13.07 -1.10
C SER A 545 -15.63 11.93 -2.02
N PHE A 546 -14.80 11.01 -1.54
CA PHE A 546 -14.31 9.92 -2.36
C PHE A 546 -15.22 8.71 -2.20
N PRO A 547 -15.85 8.24 -3.27
CA PRO A 547 -16.79 7.11 -3.12
C PRO A 547 -16.08 5.83 -2.72
N ARG A 548 -16.79 5.00 -1.97
CA ARG A 548 -16.28 3.72 -1.50
C ARG A 548 -17.26 2.62 -1.90
N LEU A 549 -16.75 1.39 -1.96
CA LEU A 549 -17.59 0.25 -2.29
C LEU A 549 -18.52 -0.04 -1.12
N ASP A 550 -19.79 -0.25 -1.43
CA ASP A 550 -20.79 -0.57 -0.41
C ASP A 550 -20.80 -2.08 -0.18
N LYS A 551 -20.28 -2.50 0.96
CA LYS A 551 -20.14 -3.91 1.28
C LYS A 551 -21.45 -4.57 1.71
N ASN A 552 -22.57 -3.86 1.64
CA ASN A 552 -23.85 -4.43 2.05
C ASN A 552 -24.53 -5.17 0.91
N ILE A 553 -24.92 -4.44 -0.13
CA ILE A 553 -25.57 -5.04 -1.31
C ILE A 553 -24.49 -5.51 -2.28
N PRO A 554 -24.63 -6.70 -2.86
CA PRO A 554 -23.58 -7.21 -3.76
C PRO A 554 -23.57 -6.53 -5.11
N ILE A 555 -22.51 -6.82 -5.87
CA ILE A 555 -22.38 -6.33 -7.23
C ILE A 555 -23.40 -7.00 -8.13
N VAL A 556 -23.92 -6.26 -9.11
CA VAL A 556 -24.92 -6.79 -10.03
C VAL A 556 -24.32 -6.87 -11.43
N ASN A 557 -24.54 -7.98 -12.11
CA ASN A 557 -24.03 -8.20 -13.46
C ASN A 557 -25.17 -8.60 -14.40
N PHE A 558 -25.28 -7.89 -15.51
CA PHE A 558 -26.23 -8.20 -16.57
C PHE A 558 -25.44 -8.66 -17.79
N ASP A 559 -25.71 -9.88 -18.26
CA ASP A 559 -25.06 -10.41 -19.45
C ASP A 559 -26.06 -10.77 -20.54
N ASP A 560 -27.31 -10.29 -20.42
CA ASP A 560 -28.35 -10.60 -21.39
C ASP A 560 -28.93 -9.35 -22.04
N VAL A 561 -28.35 -8.18 -21.78
CA VAL A 561 -28.91 -6.93 -22.27
C VAL A 561 -28.29 -6.53 -23.61
N LEU A 562 -27.00 -6.75 -23.78
CA LEU A 562 -26.32 -6.34 -25.00
C LEU A 562 -26.78 -7.19 -26.17
N ASP A 563 -26.81 -6.57 -27.36
CA ASP A 563 -27.19 -7.25 -28.59
C ASP A 563 -26.11 -7.06 -29.63
N LEU A 564 -25.82 -8.11 -30.38
CA LEU A 564 -24.82 -8.07 -31.43
C LEU A 564 -25.49 -7.74 -32.76
N VAL A 565 -24.86 -6.86 -33.53
CA VAL A 565 -25.38 -6.42 -34.81
C VAL A 565 -24.29 -6.61 -35.86
N THR A 566 -24.66 -7.19 -36.99
CA THR A 566 -23.71 -7.41 -38.08
C THR A 566 -24.25 -6.86 -39.39
N LEU B 12 18.54 11.12 21.93
CA LEU B 12 19.69 10.83 22.78
C LEU B 12 20.31 9.48 22.44
N LEU B 13 19.63 8.72 21.59
CA LEU B 13 20.12 7.41 21.19
C LEU B 13 19.52 7.06 19.83
N ALA B 14 20.37 6.89 18.83
CA ALA B 14 19.92 6.54 17.49
C ALA B 14 19.70 5.05 17.37
N THR B 15 18.58 4.67 16.75
CA THR B 15 18.27 3.25 16.54
C THR B 15 19.02 2.76 15.32
N VAL B 16 20.19 2.15 15.55
CA VAL B 16 21.05 1.67 14.47
C VAL B 16 21.01 0.17 14.32
N GLY B 17 20.43 -0.57 15.26
CA GLY B 17 20.34 -2.01 15.17
C GLY B 17 21.49 -2.70 15.87
N PRO B 18 21.49 -4.03 15.84
CA PRO B 18 22.56 -4.79 16.49
C PRO B 18 23.88 -4.66 15.73
N THR B 19 24.96 -4.96 16.44
CA THR B 19 26.30 -4.87 15.87
C THR B 19 26.68 -6.18 15.18
N GLY B 20 27.84 -6.20 14.57
CA GLY B 20 28.29 -7.36 13.83
C GLY B 20 27.77 -7.36 12.41
N GLY B 21 27.92 -8.52 11.77
CA GLY B 21 27.45 -8.69 10.42
C GLY B 21 25.94 -8.81 10.35
N VAL B 22 25.46 -9.26 9.18
CA VAL B 22 24.04 -9.48 8.95
C VAL B 22 23.75 -10.92 9.36
N LYS B 23 23.10 -11.10 10.50
CA LYS B 23 22.80 -12.42 11.04
C LYS B 23 21.29 -12.67 10.99
N ASN B 24 20.95 -13.95 10.97
CA ASN B 24 19.56 -14.38 10.88
C ASN B 24 18.90 -14.45 12.25
N ARG B 25 17.60 -14.15 12.28
CA ARG B 25 16.79 -14.38 13.46
C ARG B 25 16.25 -15.80 13.40
N LEU B 26 16.58 -16.61 14.40
CA LEU B 26 16.28 -18.03 14.37
C LEU B 26 14.88 -18.30 14.92
N ASP B 27 14.32 -19.44 14.52
CA ASP B 27 13.04 -19.87 15.05
C ASP B 27 13.19 -20.23 16.53
N ILE B 28 12.16 -19.90 17.32
CA ILE B 28 12.21 -20.14 18.76
C ILE B 28 12.38 -21.62 19.07
N VAL B 29 11.95 -22.50 18.16
CA VAL B 29 12.19 -23.93 18.35
C VAL B 29 13.68 -24.23 18.29
N ASP B 30 14.40 -23.56 17.40
CA ASP B 30 15.84 -23.76 17.27
C ASP B 30 16.66 -22.84 18.15
N PHE B 31 16.11 -21.68 18.54
CA PHE B 31 16.87 -20.74 19.36
C PHE B 31 17.09 -21.29 20.76
N VAL B 32 16.10 -22.02 21.31
CA VAL B 32 16.23 -22.57 22.65
C VAL B 32 17.16 -23.77 22.68
N ARG B 33 17.46 -24.37 21.52
CA ARG B 33 18.38 -25.51 21.47
C ARG B 33 19.84 -25.09 21.43
N ASP B 34 20.12 -23.84 21.08
CA ASP B 34 21.48 -23.31 21.08
C ASP B 34 21.79 -22.77 22.47
N GLU B 35 22.73 -23.41 23.17
CA GLU B 35 22.99 -23.08 24.57
C GLU B 35 23.55 -21.67 24.70
N LYS B 36 24.45 -21.27 23.81
CA LYS B 36 25.07 -19.95 23.91
C LYS B 36 24.05 -18.84 23.70
N PHE B 37 23.22 -18.98 22.66
CA PHE B 37 22.24 -17.95 22.35
C PHE B 37 21.20 -17.84 23.46
N PHE B 38 20.71 -18.98 23.95
CA PHE B 38 19.70 -18.97 25.01
C PHE B 38 20.25 -18.38 26.30
N THR B 39 21.48 -18.77 26.67
CA THR B 39 22.10 -18.24 27.88
C THR B 39 22.27 -16.73 27.78
N LEU B 40 22.80 -16.26 26.64
CA LEU B 40 22.97 -14.82 26.47
C LEU B 40 21.63 -14.09 26.49
N TYR B 41 20.58 -14.71 25.96
CA TYR B 41 19.26 -14.08 25.95
C TYR B 41 18.70 -13.93 27.35
N VAL B 42 18.76 -14.99 28.15
CA VAL B 42 18.24 -14.89 29.52
C VAL B 42 19.07 -13.89 30.33
N ARG B 43 20.39 -13.91 30.16
CA ARG B 43 21.23 -13.00 30.92
C ARG B 43 20.93 -11.54 30.58
N ALA B 44 20.87 -11.22 29.29
CA ALA B 44 20.63 -9.84 28.89
C ALA B 44 19.22 -9.39 29.28
N LEU B 45 18.22 -10.26 29.08
CA LEU B 45 16.85 -9.90 29.43
C LEU B 45 16.71 -9.66 30.92
N GLN B 46 17.34 -10.50 31.75
CA GLN B 46 17.33 -10.23 33.18
C GLN B 46 18.07 -8.95 33.51
N ALA B 47 19.09 -8.61 32.73
CA ALA B 47 19.83 -7.37 32.96
C ALA B 47 18.95 -6.15 32.74
N ILE B 48 18.30 -6.06 31.58
CA ILE B 48 17.42 -4.92 31.34
C ILE B 48 16.15 -4.98 32.17
N GLN B 49 15.80 -6.14 32.70
CA GLN B 49 14.65 -6.22 33.59
C GLN B 49 14.98 -5.66 34.97
N ASP B 50 16.16 -6.01 35.51
CA ASP B 50 16.58 -5.54 36.82
C ASP B 50 17.07 -4.10 36.79
N LYS B 51 17.30 -3.54 35.60
CA LYS B 51 17.80 -2.18 35.48
C LYS B 51 16.76 -1.17 35.99
N ASP B 52 17.23 0.04 36.25
CA ASP B 52 16.35 1.07 36.81
C ASP B 52 15.16 1.63 36.04
N GLN B 53 14.09 2.03 36.73
CA GLN B 53 12.92 2.49 35.98
C GLN B 53 13.24 3.60 34.98
N ALA B 54 13.86 4.68 35.47
CA ALA B 54 14.38 5.70 34.57
C ALA B 54 15.47 5.58 33.51
N ASP B 55 16.25 4.49 33.53
CA ASP B 55 17.32 4.32 32.56
C ASP B 55 16.73 4.02 31.18
N TYR B 56 17.26 4.71 30.16
CA TYR B 56 16.73 4.58 28.80
C TYR B 56 16.94 3.19 28.22
N SER B 57 17.93 2.44 28.71
CA SER B 57 18.25 1.12 28.16
C SER B 57 17.63 -0.01 28.99
N SER B 58 16.58 0.28 29.75
CA SER B 58 15.90 -0.71 30.57
C SER B 58 14.70 -1.29 29.82
N PHE B 59 14.23 -2.43 30.30
CA PHE B 59 13.06 -3.07 29.70
C PHE B 59 11.81 -2.20 29.84
N PHE B 60 11.71 -1.46 30.94
CA PHE B 60 10.52 -0.64 31.18
C PHE B 60 10.43 0.51 30.19
N GLN B 61 11.55 1.17 29.90
CA GLN B 61 11.53 2.29 28.97
C GLN B 61 11.30 1.82 27.54
N LEU B 62 11.93 0.71 27.16
CA LEU B 62 11.68 0.16 25.83
C LEU B 62 10.23 -0.27 25.67
N SER B 63 9.66 -0.86 26.73
CA SER B 63 8.24 -1.22 26.70
C SER B 63 7.34 -0.01 26.86
N GLY B 64 7.84 1.08 27.45
CA GLY B 64 7.07 2.30 27.59
C GLY B 64 6.90 3.11 26.32
N ILE B 65 7.45 2.63 25.21
CA ILE B 65 7.28 3.31 23.93
C ILE B 65 5.98 2.89 23.27
N HIS B 66 5.65 1.61 23.35
CA HIS B 66 4.42 1.10 22.73
C HIS B 66 3.17 1.65 23.41
N GLY B 67 3.24 1.89 24.72
CA GLY B 67 2.09 2.41 25.44
C GLY B 67 2.48 3.27 26.63
N LEU B 68 1.84 3.04 27.76
CA LEU B 68 2.16 3.75 28.99
C LEU B 68 3.59 3.44 29.43
N PRO B 69 4.28 4.44 30.01
CA PRO B 69 3.77 5.78 30.31
C PRO B 69 3.78 6.72 29.10
N PHE B 70 3.09 7.85 29.23
CA PHE B 70 3.02 8.85 28.17
C PHE B 70 4.11 9.90 28.35
N THR B 71 5.36 9.43 28.30
CA THR B 71 6.51 10.29 28.52
C THR B 71 7.44 10.24 27.32
N PRO B 72 8.17 11.32 27.03
CA PRO B 72 9.12 11.28 25.92
C PRO B 72 10.24 10.30 26.20
N TRP B 73 10.76 9.70 25.13
CA TRP B 73 11.81 8.69 25.22
C TRP B 73 13.05 9.22 24.51
N ALA B 74 14.17 9.27 25.24
CA ALA B 74 15.44 9.76 24.72
C ALA B 74 15.31 11.16 24.15
N LYS B 75 14.74 12.06 24.95
CA LYS B 75 14.54 13.45 24.56
C LYS B 75 15.46 14.37 25.34
N PRO B 76 15.96 15.43 24.72
CA PRO B 76 16.84 16.37 25.44
C PRO B 76 16.10 17.21 26.46
N LYS B 77 16.84 18.07 27.16
CA LYS B 77 16.21 18.92 28.17
C LYS B 77 15.34 19.99 27.55
N ASP B 78 15.71 20.49 26.37
CA ASP B 78 14.95 21.54 25.69
C ASP B 78 14.06 20.93 24.60
N THR B 79 13.21 19.99 25.03
CA THR B 79 12.25 19.32 24.16
C THR B 79 10.90 20.01 24.26
N PRO B 80 10.25 20.34 23.15
CA PRO B 80 8.95 21.01 23.24
C PRO B 80 7.87 20.05 23.73
N THR B 81 6.78 20.63 24.23
CA THR B 81 5.69 19.82 24.75
C THR B 81 4.92 19.18 23.61
N VAL B 82 4.70 17.88 23.70
CA VAL B 82 3.99 17.15 22.65
C VAL B 82 2.51 17.55 22.67
N PRO B 83 1.92 17.90 21.52
CA PRO B 83 0.50 18.25 21.52
C PRO B 83 -0.40 17.12 22.00
N TYR B 84 -0.13 15.87 21.59
CA TYR B 84 -0.96 14.74 21.96
C TYR B 84 -0.14 13.78 22.81
N GLU B 85 -0.61 13.57 24.04
CA GLU B 85 0.06 12.70 25.01
C GLU B 85 -0.53 11.29 24.89
N SER B 86 0.25 10.36 24.34
CA SER B 86 -0.18 8.98 24.21
C SER B 86 1.05 8.12 23.89
N GLY B 87 0.81 6.84 23.61
CA GLY B 87 1.90 5.96 23.25
C GLY B 87 2.40 6.20 21.84
N TYR B 88 3.70 5.96 21.64
CA TYR B 88 4.31 6.14 20.34
C TYR B 88 3.82 5.12 19.31
N CYS B 89 3.08 4.10 19.74
CA CYS B 89 2.66 3.03 18.84
C CYS B 89 1.70 3.56 17.77
N THR B 90 1.88 3.08 16.55
CA THR B 90 1.06 3.46 15.40
C THR B 90 0.22 2.25 15.00
N HIS B 91 -1.04 2.22 15.45
CA HIS B 91 -1.95 1.13 15.14
C HIS B 91 -3.08 1.62 14.26
N SER B 92 -3.55 0.73 13.38
CA SER B 92 -4.68 1.00 12.48
C SER B 92 -4.37 2.18 11.56
N GLN B 93 -3.22 2.12 10.90
CA GLN B 93 -2.83 3.14 9.94
C GLN B 93 -1.81 2.53 8.98
N VAL B 94 -1.31 3.36 8.06
CA VAL B 94 -0.39 2.88 7.03
C VAL B 94 1.03 2.69 7.52
N LEU B 95 1.38 3.21 8.70
CA LEU B 95 2.73 3.12 9.23
C LEU B 95 2.90 1.99 10.24
N PHE B 96 1.93 1.09 10.37
CA PHE B 96 2.01 0.02 11.36
C PHE B 96 3.20 -0.90 11.12
N PRO B 97 3.36 -1.53 9.94
CA PRO B 97 4.47 -2.49 9.79
C PRO B 97 5.84 -1.83 9.87
N THR B 98 5.98 -0.63 9.29
CA THR B 98 7.29 0.02 9.26
C THR B 98 7.72 0.47 10.65
N TRP B 99 6.79 1.06 11.41
CA TRP B 99 7.11 1.47 12.78
C TRP B 99 7.42 0.26 13.65
N HIS B 100 6.57 -0.77 13.59
CA HIS B 100 6.84 -1.99 14.33
C HIS B 100 8.01 -2.79 13.77
N ARG B 101 8.64 -2.34 12.69
CA ARG B 101 9.86 -2.99 12.22
C ARG B 101 11.09 -2.46 12.97
N VAL B 102 11.26 -1.15 13.00
CA VAL B 102 12.40 -0.56 13.71
C VAL B 102 12.23 -0.67 15.22
N TYR B 103 10.97 -0.71 15.69
CA TYR B 103 10.71 -0.85 17.12
C TYR B 103 11.34 -2.14 17.66
N VAL B 104 11.42 -3.18 16.84
CA VAL B 104 12.12 -4.39 17.25
C VAL B 104 13.62 -4.18 17.19
N SER B 105 14.09 -3.31 16.28
CA SER B 105 15.52 -3.12 16.10
C SER B 105 16.15 -2.43 17.30
N ILE B 106 15.45 -1.48 17.92
CA ILE B 106 16.04 -0.83 19.10
C ILE B 106 16.14 -1.82 20.27
N TYR B 107 15.08 -2.60 20.50
CA TYR B 107 15.09 -3.61 21.55
C TYR B 107 16.21 -4.63 21.31
N GLU B 108 16.40 -5.04 20.05
CA GLU B 108 17.47 -5.95 19.72
C GLU B 108 18.84 -5.31 19.97
N GLN B 109 18.95 -4.00 19.72
CA GLN B 109 20.22 -3.31 19.92
C GLN B 109 20.60 -3.26 21.39
N VAL B 110 19.66 -2.84 22.24
CA VAL B 110 19.98 -2.73 23.67
C VAL B 110 20.19 -4.10 24.29
N LEU B 111 19.40 -5.09 23.85
CA LEU B 111 19.58 -6.45 24.35
C LEU B 111 20.96 -6.98 23.97
N GLN B 112 21.41 -6.68 22.74
CA GLN B 112 22.74 -7.10 22.34
C GLN B 112 23.82 -6.32 23.08
N GLU B 113 23.52 -5.10 23.52
CA GLU B 113 24.48 -4.37 24.36
C GLU B 113 24.68 -5.09 25.69
N ALA B 114 23.58 -5.42 26.37
CA ALA B 114 23.70 -6.15 27.63
C ALA B 114 24.39 -7.49 27.43
N ALA B 115 24.05 -8.20 26.34
CA ALA B 115 24.72 -9.47 26.06
C ALA B 115 26.20 -9.28 25.77
N LYS B 116 26.58 -8.14 25.18
CA LYS B 116 27.99 -7.85 24.95
C LYS B 116 28.71 -7.62 26.27
N GLY B 117 28.03 -7.02 27.24
CA GLY B 117 28.63 -6.90 28.56
C GLY B 117 28.74 -8.24 29.27
N ILE B 118 27.75 -9.12 29.07
CA ILE B 118 27.77 -10.42 29.74
C ILE B 118 28.81 -11.36 29.14
N ALA B 119 29.07 -11.24 27.84
CA ALA B 119 30.01 -12.17 27.19
C ALA B 119 31.40 -12.08 27.79
N LYS B 120 31.81 -10.90 28.26
CA LYS B 120 33.11 -10.76 28.90
C LYS B 120 33.14 -11.32 30.32
N LYS B 121 31.98 -11.59 30.92
CA LYS B 121 31.91 -12.14 32.27
C LYS B 121 32.17 -13.64 32.34
N PHE B 122 32.21 -14.32 31.20
CA PHE B 122 32.48 -15.76 31.19
C PHE B 122 33.96 -16.02 31.42
N THR B 123 34.31 -17.31 31.52
CA THR B 123 35.68 -17.71 31.80
C THR B 123 36.17 -18.78 30.82
N VAL B 124 35.35 -19.79 30.58
CA VAL B 124 35.72 -20.89 29.69
C VAL B 124 35.18 -20.60 28.29
N HIS B 125 36.03 -20.83 27.28
CA HIS B 125 35.71 -20.54 25.88
C HIS B 125 35.33 -19.07 25.70
N LYS B 126 36.20 -18.18 26.18
CA LYS B 126 35.95 -16.75 26.07
C LYS B 126 35.99 -16.26 24.62
N LYS B 127 36.59 -17.05 23.72
CA LYS B 127 36.68 -16.67 22.31
C LYS B 127 35.51 -17.20 21.49
N GLU B 128 34.97 -18.36 21.84
CA GLU B 128 33.85 -18.91 21.08
C GLU B 128 32.55 -18.19 21.39
N TRP B 129 32.33 -17.86 22.67
CA TRP B 129 31.10 -17.19 23.08
C TRP B 129 31.08 -15.71 22.67
N ALA B 130 32.24 -15.12 22.40
CA ALA B 130 32.27 -13.72 21.99
C ALA B 130 31.61 -13.53 20.63
N GLN B 131 31.85 -14.46 19.70
CA GLN B 131 31.13 -14.42 18.43
C GLN B 131 29.65 -14.68 18.63
N ALA B 132 29.29 -15.49 19.63
CA ALA B 132 27.88 -15.70 19.96
C ALA B 132 27.22 -14.41 20.43
N ALA B 133 27.95 -13.56 21.14
CA ALA B 133 27.36 -12.28 21.55
C ALA B 133 27.13 -11.36 20.37
N GLU B 134 27.98 -11.44 19.33
CA GLU B 134 27.81 -10.63 18.14
C GLU B 134 26.69 -11.12 17.24
N ASP B 135 26.33 -12.40 17.32
CA ASP B 135 25.31 -12.98 16.45
C ASP B 135 23.95 -13.10 17.11
N LEU B 136 23.78 -12.56 18.31
CA LEU B 136 22.52 -12.68 19.03
C LEU B 136 21.46 -11.85 18.32
N ARG B 137 20.46 -12.52 17.75
CA ARG B 137 19.35 -11.87 17.08
C ARG B 137 18.04 -12.31 17.73
N GLN B 138 17.08 -11.40 17.75
CA GLN B 138 15.79 -11.65 18.40
C GLN B 138 15.05 -12.77 17.71
N PRO B 139 14.81 -13.91 18.37
CA PRO B 139 14.10 -15.01 17.72
C PRO B 139 12.64 -14.69 17.52
N TYR B 140 12.00 -15.47 16.63
CA TYR B 140 10.61 -15.28 16.28
C TYR B 140 9.79 -16.51 16.65
N TRP B 141 8.51 -16.29 16.93
CA TRP B 141 7.57 -17.33 17.31
C TRP B 141 6.62 -17.55 16.12
N ASP B 142 6.89 -18.61 15.34
CA ASP B 142 6.13 -18.91 14.14
C ASP B 142 4.72 -19.37 14.54
N THR B 143 3.86 -18.39 14.82
CA THR B 143 2.49 -18.71 15.24
C THR B 143 1.70 -19.36 14.11
N GLY B 144 2.01 -19.03 12.86
CA GLY B 144 1.24 -19.57 11.76
C GLY B 144 1.44 -21.06 11.54
N PHE B 145 2.60 -21.58 11.94
CA PHE B 145 2.91 -23.00 11.77
C PHE B 145 2.73 -23.79 13.06
N ALA B 146 3.37 -23.37 14.14
CA ALA B 146 3.28 -24.01 15.44
C ALA B 146 2.80 -22.97 16.44
N LEU B 147 1.49 -22.84 16.57
CA LEU B 147 0.92 -21.87 17.51
C LEU B 147 1.24 -22.20 18.95
N VAL B 148 1.33 -23.49 19.29
CA VAL B 148 1.73 -23.91 20.63
C VAL B 148 3.23 -23.74 20.75
N PRO B 149 3.72 -22.84 21.59
CA PRO B 149 5.14 -22.52 21.62
C PRO B 149 5.91 -23.49 22.50
N PRO B 150 7.24 -23.48 22.44
CA PRO B 150 8.03 -24.33 23.33
C PRO B 150 7.78 -24.02 24.80
N ASP B 151 8.18 -24.96 25.65
CA ASP B 151 7.91 -24.84 27.08
C ASP B 151 8.73 -23.73 27.74
N GLU B 152 9.88 -23.38 27.16
CA GLU B 152 10.77 -22.43 27.82
C GLU B 152 10.20 -21.02 27.88
N ILE B 153 9.17 -20.71 27.08
CA ILE B 153 8.62 -19.36 27.02
C ILE B 153 7.21 -19.28 27.57
N ILE B 154 6.62 -20.40 28.02
CA ILE B 154 5.24 -20.37 28.48
C ILE B 154 5.03 -21.29 29.68
N LYS B 155 5.86 -22.33 29.81
CA LYS B 155 5.62 -23.37 30.80
C LYS B 155 6.71 -23.52 31.84
N LEU B 156 7.97 -23.30 31.48
CA LEU B 156 9.07 -23.57 32.40
C LEU B 156 9.29 -22.36 33.31
N GLU B 157 9.07 -22.55 34.61
CA GLU B 157 9.30 -21.47 35.56
C GLU B 157 10.79 -21.15 35.69
N GLN B 158 11.65 -22.15 35.53
CA GLN B 158 13.10 -21.99 35.60
C GLN B 158 13.73 -22.64 34.38
N VAL B 159 14.80 -22.05 33.87
CA VAL B 159 15.47 -22.57 32.69
C VAL B 159 16.92 -22.89 33.02
N LYS B 160 17.47 -23.87 32.33
CA LYS B 160 18.82 -24.34 32.53
C LYS B 160 19.74 -23.68 31.52
N ILE B 161 20.74 -22.95 32.01
CA ILE B 161 21.72 -22.30 31.16
C ILE B 161 23.12 -22.71 31.60
N THR B 162 24.14 -22.03 31.06
CA THR B 162 25.53 -22.32 31.38
C THR B 162 26.11 -21.15 32.17
N ASN B 163 26.64 -21.45 33.35
CA ASN B 163 27.18 -20.41 34.22
C ASN B 163 28.49 -19.88 33.66
N TYR B 164 29.08 -18.92 34.39
CA TYR B 164 30.33 -18.31 33.94
C TYR B 164 31.50 -19.28 34.00
N ASP B 165 31.52 -20.18 34.99
CA ASP B 165 32.58 -21.17 35.10
C ASP B 165 32.43 -22.33 34.12
N GLY B 166 31.27 -22.48 33.50
CA GLY B 166 31.03 -23.57 32.58
C GLY B 166 30.12 -24.67 33.11
N THR B 167 29.47 -24.46 34.25
CA THR B 167 28.58 -25.45 34.83
C THR B 167 27.13 -25.11 34.47
N LYS B 168 26.37 -26.15 34.14
CA LYS B 168 24.96 -25.95 33.81
C LYS B 168 24.19 -25.68 35.10
N ILE B 169 23.58 -24.50 35.19
CA ILE B 169 22.84 -24.10 36.38
C ILE B 169 21.41 -23.77 35.98
N THR B 170 20.56 -23.61 36.98
CA THR B 170 19.14 -23.34 36.80
C THR B 170 18.84 -21.95 37.32
N VAL B 171 18.28 -21.09 36.47
CA VAL B 171 17.99 -19.70 36.84
C VAL B 171 16.53 -19.40 36.57
N ARG B 172 16.07 -18.30 37.18
CA ARG B 172 14.71 -17.83 36.96
C ARG B 172 14.51 -17.45 35.50
N ASN B 173 13.37 -17.85 34.96
CA ASN B 173 13.08 -17.61 33.55
C ASN B 173 12.52 -16.20 33.38
N PRO B 174 13.21 -15.32 32.66
CA PRO B 174 12.69 -13.96 32.42
C PRO B 174 11.75 -13.84 31.24
N ILE B 175 11.39 -14.94 30.59
CA ILE B 175 10.51 -14.86 29.43
C ILE B 175 9.04 -15.00 29.82
N LEU B 176 8.75 -15.65 30.94
CA LEU B 176 7.36 -15.83 31.33
C LEU B 176 6.70 -14.51 31.71
N ARG B 177 7.44 -13.63 32.40
CA ARG B 177 6.82 -12.47 32.99
C ARG B 177 7.89 -11.42 33.29
N TYR B 178 7.43 -10.26 33.79
CA TYR B 178 8.26 -9.15 34.21
C TYR B 178 7.62 -8.50 35.42
N SER B 179 8.39 -8.39 36.51
CA SER B 179 7.91 -7.75 37.72
C SER B 179 8.17 -6.25 37.67
N PHE B 180 7.11 -5.47 37.89
CA PHE B 180 7.25 -4.02 37.99
C PHE B 180 7.94 -3.66 39.30
N HIS B 181 8.79 -2.63 39.25
CA HIS B 181 9.47 -2.16 40.46
C HIS B 181 9.88 -0.69 40.34
N PRO B 182 8.98 0.22 40.74
CA PRO B 182 7.62 -0.08 41.22
C PRO B 182 6.56 0.06 40.14
N ILE B 183 5.30 -0.09 40.54
CA ILE B 183 4.18 0.15 39.63
C ILE B 183 4.13 1.65 39.32
N ASP B 184 4.17 1.99 38.03
CA ASP B 184 4.23 3.38 37.63
C ASP B 184 2.93 4.10 38.00
N PRO B 185 3.02 5.34 38.52
CA PRO B 185 1.80 6.05 38.92
C PRO B 185 0.83 6.34 37.78
N SER B 186 1.30 6.30 36.53
CA SER B 186 0.42 6.54 35.38
C SER B 186 -0.71 5.52 35.30
N PHE B 187 -0.56 4.37 35.94
CA PHE B 187 -1.59 3.32 35.98
C PHE B 187 -2.71 3.66 36.95
N ASN B 188 -2.95 4.95 37.21
CA ASN B 188 -3.85 5.34 38.29
C ASN B 188 -5.28 4.83 38.08
N GLY B 189 -5.92 5.22 36.98
CA GLY B 189 -7.31 4.87 36.76
C GLY B 189 -7.58 3.49 36.18
N TYR B 190 -6.55 2.74 35.82
CA TYR B 190 -6.73 1.47 35.13
C TYR B 190 -6.92 0.34 36.12
N PRO B 191 -8.04 -0.38 36.08
CA PRO B 191 -8.27 -1.46 37.04
C PRO B 191 -7.29 -2.61 36.84
N ASN B 192 -7.01 -3.32 37.94
CA ASN B 192 -6.19 -4.53 37.94
C ASN B 192 -4.75 -4.24 37.58
N PHE B 193 -4.52 -3.48 36.50
CA PHE B 193 -3.15 -3.14 36.10
C PHE B 193 -2.46 -2.27 37.14
N ASP B 194 -3.23 -1.60 37.99
CA ASP B 194 -2.63 -0.78 39.05
C ASP B 194 -2.20 -1.62 40.24
N THR B 195 -2.96 -2.66 40.56
CA THR B 195 -2.59 -3.55 41.66
C THR B 195 -1.65 -4.66 41.26
N TRP B 196 -1.61 -5.03 39.98
CA TRP B 196 -0.78 -6.14 39.53
C TRP B 196 0.69 -5.74 39.58
N ARG B 197 1.49 -6.52 40.30
CA ARG B 197 2.93 -6.33 40.27
C ARG B 197 3.51 -6.80 38.95
N THR B 198 3.25 -8.07 38.61
CA THR B 198 3.83 -8.71 37.44
C THR B 198 2.81 -8.77 36.30
N THR B 199 3.33 -8.92 35.08
CA THR B 199 2.49 -9.15 33.91
C THR B 199 1.77 -10.48 34.04
N VAL B 200 0.51 -10.52 33.60
CA VAL B 200 -0.34 -11.68 33.76
C VAL B 200 -0.87 -12.10 32.40
N ARG B 201 -0.85 -13.41 32.13
CA ARG B 201 -1.34 -13.97 30.88
C ARG B 201 -2.60 -14.80 31.15
N ASN B 202 -3.63 -14.54 30.35
CA ASN B 202 -4.88 -15.30 30.42
C ASN B 202 -5.46 -15.34 31.83
N PRO B 203 -5.85 -14.19 32.39
CA PRO B 203 -6.30 -14.17 33.78
C PRO B 203 -7.69 -14.76 33.94
N ASP B 204 -8.03 -15.07 35.18
CA ASP B 204 -9.34 -15.58 35.56
C ASP B 204 -10.13 -14.49 36.27
N ALA B 205 -11.34 -14.85 36.72
CA ALA B 205 -12.18 -13.90 37.43
C ALA B 205 -11.58 -13.48 38.77
N ASP B 206 -10.67 -14.29 39.32
CA ASP B 206 -9.98 -13.97 40.56
C ASP B 206 -8.58 -13.41 40.31
N LYS B 207 -8.34 -12.85 39.12
CA LYS B 207 -7.06 -12.25 38.76
C LYS B 207 -5.90 -13.24 38.85
N LYS B 208 -6.17 -14.52 38.59
CA LYS B 208 -5.16 -15.56 38.64
C LYS B 208 -4.74 -15.96 37.24
N GLU B 209 -3.42 -16.10 37.05
CA GLU B 209 -2.88 -16.49 35.75
C GLU B 209 -3.21 -17.95 35.46
N ASN B 210 -3.83 -18.19 34.31
CA ASN B 210 -4.27 -19.53 33.91
C ASN B 210 -3.54 -19.95 32.64
N ILE B 211 -2.31 -20.44 32.81
CA ILE B 211 -1.51 -20.97 31.70
C ILE B 211 -2.08 -22.27 31.15
N PRO B 212 -2.52 -23.23 31.99
CA PRO B 212 -3.10 -24.47 31.44
C PRO B 212 -4.23 -24.25 30.44
N ALA B 213 -5.16 -23.34 30.74
CA ALA B 213 -6.21 -23.03 29.77
C ALA B 213 -5.66 -22.33 28.53
N LEU B 214 -4.59 -21.55 28.70
CA LEU B 214 -3.98 -20.87 27.56
C LEU B 214 -3.42 -21.87 26.56
N ILE B 215 -2.78 -22.94 27.06
CA ILE B 215 -2.28 -23.98 26.16
C ILE B 215 -3.42 -24.57 25.34
N ALA B 216 -4.56 -24.83 25.99
CA ALA B 216 -5.71 -25.38 25.28
C ALA B 216 -6.23 -24.40 24.22
N LYS B 217 -6.26 -23.11 24.55
CA LYS B 217 -6.74 -22.13 23.58
C LYS B 217 -5.85 -22.06 22.36
N LEU B 218 -4.53 -22.11 22.56
CA LEU B 218 -3.61 -22.10 21.42
C LEU B 218 -3.77 -23.36 20.58
N ASP B 219 -3.83 -24.52 21.23
CA ASP B 219 -4.01 -25.77 20.51
C ASP B 219 -5.32 -25.79 19.74
N LEU B 220 -6.34 -25.08 20.23
CA LEU B 220 -7.60 -25.02 19.50
C LEU B 220 -7.49 -24.09 18.30
N GLU B 221 -6.83 -22.94 18.46
CA GLU B 221 -6.80 -21.92 17.42
C GLU B 221 -5.66 -22.13 16.40
N ALA B 222 -4.94 -23.25 16.49
CA ALA B 222 -3.81 -23.47 15.60
C ALA B 222 -4.22 -23.43 14.12
N ASP B 223 -5.23 -24.22 13.74
CA ASP B 223 -5.58 -24.35 12.33
C ASP B 223 -6.10 -23.05 11.76
N SER B 224 -7.02 -22.39 12.48
CA SER B 224 -7.55 -21.12 12.03
C SER B 224 -6.44 -20.10 11.84
N THR B 225 -5.50 -20.03 12.79
CA THR B 225 -4.37 -19.12 12.63
C THR B 225 -3.55 -19.49 11.40
N ARG B 226 -3.43 -20.78 11.09
CA ARG B 226 -2.69 -21.20 9.91
C ARG B 226 -3.33 -20.65 8.63
N GLU B 227 -4.64 -20.86 8.47
CA GLU B 227 -5.30 -20.35 7.27
C GLU B 227 -5.21 -18.83 7.18
N LYS B 228 -5.43 -18.15 8.31
CA LYS B 228 -5.31 -16.69 8.32
C LYS B 228 -3.94 -16.23 7.87
N THR B 229 -2.88 -16.90 8.35
CA THR B 229 -1.53 -16.52 7.95
C THR B 229 -1.32 -16.72 6.46
N TYR B 230 -1.77 -17.85 5.92
CA TYR B 230 -1.59 -18.12 4.49
C TYR B 230 -2.28 -17.05 3.65
N ASN B 231 -3.59 -16.86 3.86
CA ASN B 231 -4.33 -15.90 3.04
C ASN B 231 -3.83 -14.48 3.25
N MET B 232 -3.35 -14.16 4.45
CA MET B 232 -2.78 -12.83 4.67
C MET B 232 -1.50 -12.64 3.86
N LEU B 233 -0.69 -13.70 3.77
CA LEU B 233 0.59 -13.54 3.06
C LEU B 233 0.41 -13.50 1.55
N LYS B 234 -0.57 -14.22 0.99
CA LYS B 234 -0.59 -14.37 -0.46
C LYS B 234 -1.62 -13.52 -1.19
N PHE B 235 -2.69 -13.06 -0.53
CA PHE B 235 -3.82 -12.48 -1.24
C PHE B 235 -4.07 -11.01 -0.88
N ASN B 236 -3.01 -10.25 -0.60
CA ASN B 236 -3.11 -8.82 -0.35
C ASN B 236 -2.17 -8.09 -1.32
N ALA B 237 -2.75 -7.40 -2.31
CA ALA B 237 -1.98 -6.83 -3.41
C ALA B 237 -1.69 -5.35 -3.26
N ASN B 238 -2.28 -4.66 -2.29
CA ASN B 238 -2.01 -3.24 -2.07
C ASN B 238 -1.72 -3.00 -0.60
N TRP B 239 -1.21 -1.80 -0.30
CA TRP B 239 -0.74 -1.49 1.04
C TRP B 239 -1.90 -1.26 2.01
N GLU B 240 -2.98 -0.62 1.55
CA GLU B 240 -4.12 -0.36 2.43
C GLU B 240 -4.82 -1.65 2.82
N ALA B 241 -4.78 -2.67 1.97
CA ALA B 241 -5.39 -3.97 2.26
C ALA B 241 -4.47 -4.90 3.04
N PHE B 242 -3.24 -4.48 3.31
CA PHE B 242 -2.24 -5.33 3.94
C PHE B 242 -1.73 -4.79 5.28
N SER B 243 -1.76 -3.47 5.49
CA SER B 243 -1.04 -2.87 6.61
C SER B 243 -1.91 -2.44 7.77
N ASN B 244 -3.22 -2.25 7.58
CA ASN B 244 -4.05 -1.64 8.60
C ASN B 244 -5.35 -2.43 8.76
N HIS B 245 -6.16 -2.00 9.73
CA HIS B 245 -7.47 -2.58 9.97
C HIS B 245 -8.52 -2.05 9.00
N GLY B 246 -8.39 -0.80 8.58
CA GLY B 246 -9.40 -0.08 7.82
C GLY B 246 -10.09 -0.85 6.71
N GLU B 247 -11.42 -0.79 6.69
CA GLU B 247 -12.21 -1.47 5.67
C GLU B 247 -11.90 -0.91 4.29
N PHE B 248 -11.14 -1.66 3.51
CA PHE B 248 -10.77 -1.26 2.16
C PHE B 248 -11.64 -1.98 1.15
N ASP B 249 -11.85 -1.35 0.00
CA ASP B 249 -12.73 -1.92 -1.02
C ASP B 249 -12.08 -3.16 -1.65
N ASP B 250 -12.93 -4.14 -1.97
CA ASP B 250 -12.50 -5.36 -2.66
C ASP B 250 -11.44 -6.12 -1.87
N THR B 251 -11.68 -6.28 -0.57
CA THR B 251 -10.80 -7.05 0.29
C THR B 251 -11.40 -8.42 0.56
N HIS B 252 -10.52 -9.41 0.72
CA HIS B 252 -10.98 -10.78 0.94
C HIS B 252 -10.02 -11.60 1.81
N ALA B 253 -9.15 -10.96 2.58
CA ALA B 253 -8.22 -11.68 3.45
C ALA B 253 -7.77 -10.73 4.56
N ASN B 254 -7.38 -11.32 5.68
CA ASN B 254 -6.93 -10.54 6.81
C ASN B 254 -5.65 -9.78 6.46
N SER B 255 -5.44 -8.67 7.16
CA SER B 255 -4.23 -7.88 7.01
C SER B 255 -3.17 -8.36 8.00
N LEU B 256 -1.96 -7.79 7.87
CA LEU B 256 -0.90 -8.12 8.82
C LEU B 256 -1.30 -7.74 10.24
N GLU B 257 -1.96 -6.59 10.39
CA GLU B 257 -2.37 -6.15 11.72
C GLU B 257 -3.51 -7.01 12.27
N ALA B 258 -4.39 -7.50 11.39
CA ALA B 258 -5.49 -8.35 11.84
C ALA B 258 -4.98 -9.67 12.40
N VAL B 259 -4.13 -10.36 11.63
CA VAL B 259 -3.49 -11.58 12.14
C VAL B 259 -2.64 -11.27 13.36
N HIS B 260 -2.08 -10.06 13.42
CA HIS B 260 -1.32 -9.65 14.59
C HIS B 260 -2.20 -9.56 15.84
N ASP B 261 -3.47 -9.15 15.68
CA ASP B 261 -4.35 -9.00 16.83
C ASP B 261 -4.71 -10.35 17.47
N ASP B 262 -4.79 -11.41 16.66
CA ASP B 262 -5.24 -12.70 17.17
C ASP B 262 -4.33 -13.20 18.29
N ILE B 263 -3.02 -13.02 18.17
CA ILE B 263 -2.11 -13.50 19.20
C ILE B 263 -2.26 -12.67 20.48
N HIS B 264 -2.34 -11.35 20.34
CA HIS B 264 -2.57 -10.48 21.49
C HIS B 264 -3.83 -10.88 22.24
N GLY B 265 -4.88 -11.25 21.50
CA GLY B 265 -6.11 -11.65 22.15
C GLY B 265 -6.09 -13.05 22.72
N PHE B 266 -5.29 -13.94 22.11
CA PHE B 266 -5.14 -15.29 22.65
C PHE B 266 -4.41 -15.26 23.98
N VAL B 267 -3.29 -14.53 24.05
CA VAL B 267 -2.51 -14.53 25.28
C VAL B 267 -3.14 -13.61 26.32
N GLY B 268 -3.73 -12.50 25.90
CA GLY B 268 -4.22 -11.51 26.83
C GLY B 268 -5.60 -11.75 27.40
N ARG B 269 -6.57 -12.05 26.53
CA ARG B 269 -7.97 -12.11 26.93
C ARG B 269 -8.30 -13.49 27.50
N GLY B 270 -8.68 -13.54 28.77
CA GLY B 270 -9.17 -14.76 29.38
C GLY B 270 -10.56 -14.56 29.95
N ALA B 271 -10.72 -14.81 31.25
CA ALA B 271 -11.96 -14.43 31.92
C ALA B 271 -12.05 -12.92 32.08
N ILE B 272 -10.90 -12.26 32.22
CA ILE B 272 -10.80 -10.81 32.22
C ILE B 272 -9.66 -10.43 31.28
N ARG B 273 -9.37 -9.13 31.22
CA ARG B 273 -8.34 -8.62 30.32
C ARG B 273 -6.98 -8.64 30.99
N GLY B 274 -5.99 -9.18 30.29
CA GLY B 274 -4.62 -9.21 30.77
C GLY B 274 -3.75 -8.15 30.13
N HIS B 275 -2.44 -8.28 30.36
CA HIS B 275 -1.50 -7.31 29.82
C HIS B 275 -1.40 -7.42 28.30
N MET B 276 -1.39 -8.64 27.77
CA MET B 276 -1.14 -8.85 26.35
C MET B 276 -2.29 -8.37 25.47
N THR B 277 -3.49 -8.19 26.04
CA THR B 277 -4.65 -7.76 25.27
C THR B 277 -4.94 -6.27 25.46
N HIS B 278 -3.98 -5.51 26.00
CA HIS B 278 -4.14 -4.07 26.16
C HIS B 278 -2.95 -3.39 25.51
N ALA B 279 -3.22 -2.49 24.55
CA ALA B 279 -2.15 -1.87 23.78
C ALA B 279 -1.24 -1.00 24.65
N LEU B 280 -1.71 -0.59 25.83
CA LEU B 280 -0.90 0.23 26.72
C LEU B 280 0.01 -0.58 27.62
N PHE B 281 -0.29 -1.86 27.84
CA PHE B 281 0.50 -2.72 28.70
C PHE B 281 1.03 -3.96 27.99
N ALA B 282 0.86 -4.04 26.66
CA ALA B 282 1.24 -5.26 25.94
C ALA B 282 2.75 -5.44 25.85
N ALA B 283 3.49 -4.34 25.72
CA ALA B 283 4.92 -4.43 25.50
C ALA B 283 5.69 -4.91 26.73
N PHE B 284 5.08 -4.91 27.90
CA PHE B 284 5.77 -5.36 29.11
C PHE B 284 5.86 -6.88 29.20
N ASP B 285 4.97 -7.61 28.55
CA ASP B 285 5.07 -9.06 28.51
C ASP B 285 6.27 -9.44 27.65
N PRO B 286 7.22 -10.23 28.17
CA PRO B 286 8.42 -10.55 27.37
C PRO B 286 8.13 -11.29 26.08
N ILE B 287 6.98 -11.97 25.96
CA ILE B 287 6.67 -12.67 24.72
C ILE B 287 6.31 -11.72 23.59
N PHE B 288 5.98 -10.46 23.93
CA PHE B 288 5.64 -9.45 22.92
C PHE B 288 6.68 -9.39 21.82
N TRP B 289 7.96 -9.29 22.21
CA TRP B 289 9.03 -9.17 21.23
C TRP B 289 9.20 -10.44 20.41
N LEU B 290 8.81 -11.59 20.98
CA LEU B 290 8.82 -12.82 20.19
C LEU B 290 7.69 -12.82 19.17
N HIS B 291 6.58 -12.16 19.50
CA HIS B 291 5.46 -12.12 18.57
C HIS B 291 5.75 -11.21 17.39
N HIS B 292 6.04 -9.93 17.66
CA HIS B 292 6.21 -8.96 16.57
C HIS B 292 7.43 -9.28 15.71
N SER B 293 8.40 -10.01 16.23
CA SER B 293 9.48 -10.50 15.38
C SER B 293 8.91 -11.34 14.25
N ASN B 294 8.10 -12.34 14.60
CA ASN B 294 7.42 -13.11 13.56
C ASN B 294 6.59 -12.20 12.68
N VAL B 295 5.94 -11.20 13.28
CA VAL B 295 5.19 -10.24 12.47
C VAL B 295 6.10 -9.60 11.44
N ASP B 296 7.26 -9.11 11.89
CA ASP B 296 8.20 -8.53 10.96
C ASP B 296 8.60 -9.55 9.89
N ARG B 297 8.80 -10.80 10.31
CA ARG B 297 9.13 -11.84 9.35
C ARG B 297 8.05 -11.95 8.29
N HIS B 298 6.78 -11.94 8.71
CA HIS B 298 5.69 -11.97 7.74
C HIS B 298 5.85 -10.84 6.74
N LEU B 299 6.15 -9.64 7.23
CA LEU B 299 6.33 -8.50 6.34
C LEU B 299 7.39 -8.82 5.30
N SER B 300 8.53 -9.34 5.73
CA SER B 300 9.59 -9.66 4.78
C SER B 300 9.09 -10.64 3.73
N LEU B 301 8.39 -11.69 4.17
CA LEU B 301 7.85 -12.66 3.22
C LEU B 301 6.96 -11.95 2.20
N TRP B 302 6.11 -11.04 2.68
CA TRP B 302 5.21 -10.34 1.76
C TRP B 302 6.00 -9.51 0.77
N GLN B 303 7.10 -8.90 1.21
CA GLN B 303 7.92 -8.12 0.29
C GLN B 303 8.46 -8.98 -0.85
N ALA B 304 8.69 -10.28 -0.58
CA ALA B 304 9.17 -11.16 -1.64
C ALA B 304 8.07 -11.44 -2.65
N LEU B 305 6.81 -11.43 -2.22
CA LEU B 305 5.72 -11.76 -3.14
C LEU B 305 5.27 -10.55 -3.94
N TYR B 306 5.30 -9.36 -3.34
CA TYR B 306 4.85 -8.13 -3.99
C TYR B 306 5.95 -7.07 -3.89
N PRO B 307 7.01 -7.20 -4.68
CA PRO B 307 8.05 -6.15 -4.69
C PRO B 307 7.54 -4.91 -5.39
N GLY B 308 8.05 -3.76 -4.95
CA GLY B 308 7.61 -2.48 -5.48
C GLY B 308 6.35 -1.93 -4.85
N VAL B 309 5.76 -2.65 -3.89
CA VAL B 309 4.58 -2.20 -3.19
C VAL B 309 5.00 -1.83 -1.77
N TRP B 310 4.83 -0.56 -1.41
CA TRP B 310 5.27 -0.10 -0.11
C TRP B 310 4.28 0.90 0.47
N VAL B 311 4.74 1.81 1.32
CA VAL B 311 3.86 2.67 2.09
C VAL B 311 3.15 3.66 1.16
N THR B 312 1.83 3.66 1.21
CA THR B 312 1.02 4.66 0.53
C THR B 312 0.66 5.77 1.51
N GLN B 313 -0.16 6.71 1.06
CA GLN B 313 -0.56 7.82 1.91
C GLN B 313 -1.85 7.51 2.64
N GLY B 314 -1.89 7.86 3.93
CA GLY B 314 -3.05 7.65 4.76
C GLY B 314 -3.08 8.60 5.93
N PRO B 315 -4.27 8.81 6.49
CA PRO B 315 -4.40 9.75 7.62
C PRO B 315 -4.13 9.09 8.96
N GLU B 316 -3.81 9.93 9.94
CA GLU B 316 -3.64 9.48 11.32
C GLU B 316 -5.02 9.33 11.95
N ARG B 317 -5.43 8.09 12.20
CA ARG B 317 -6.81 7.83 12.63
C ARG B 317 -6.97 8.02 14.13
N GLU B 318 -6.17 7.33 14.94
CA GLU B 318 -6.33 7.37 16.38
C GLU B 318 -5.37 8.31 17.09
N GLY B 319 -4.23 8.62 16.49
CA GLY B 319 -3.29 9.54 17.09
C GLY B 319 -2.32 8.91 18.07
N SER B 320 -1.03 9.19 17.88
CA SER B 320 0.04 8.72 18.75
C SER B 320 0.81 9.92 19.28
N MET B 321 1.90 9.65 20.01
CA MET B 321 2.76 10.73 20.46
C MET B 321 3.61 11.29 19.33
N GLY B 322 3.77 10.55 18.24
CA GLY B 322 4.50 11.03 17.08
C GLY B 322 3.71 11.95 16.18
N PHE B 323 2.41 11.66 16.03
CA PHE B 323 1.54 12.44 15.16
C PHE B 323 0.21 12.71 15.85
N ALA B 324 -0.28 13.93 15.70
CA ALA B 324 -1.59 14.27 16.23
C ALA B 324 -2.69 13.72 15.31
N PRO B 325 -3.87 13.39 15.87
CA PRO B 325 -4.96 12.89 15.03
C PRO B 325 -5.36 13.85 13.92
N GLY B 326 -5.09 13.47 12.68
CA GLY B 326 -5.40 14.31 11.54
C GLY B 326 -4.22 14.52 10.61
N THR B 327 -3.05 14.08 11.04
CA THR B 327 -1.83 14.26 10.25
C THR B 327 -1.79 13.27 9.08
N GLU B 328 -1.45 13.77 7.90
CA GLU B 328 -1.30 12.92 6.72
C GLU B 328 0.06 12.23 6.76
N LEU B 329 0.05 10.90 6.63
CA LEU B 329 1.24 10.08 6.72
C LEU B 329 1.55 9.46 5.36
N ASN B 330 2.84 9.31 5.07
CA ASN B 330 3.29 8.70 3.83
C ASN B 330 4.60 7.98 4.11
N LYS B 331 5.34 7.65 3.05
CA LYS B 331 6.60 6.93 3.20
C LYS B 331 7.68 7.81 3.82
N ASP B 332 7.51 9.13 3.82
CA ASP B 332 8.52 10.05 4.33
C ASP B 332 8.23 10.54 5.74
N SER B 333 7.26 9.94 6.44
CA SER B 333 6.94 10.37 7.79
C SER B 333 8.06 9.99 8.76
N ALA B 334 8.15 10.76 9.84
CA ALA B 334 9.19 10.54 10.85
C ALA B 334 8.70 9.50 11.84
N LEU B 335 9.37 8.35 11.86
CA LEU B 335 8.99 7.24 12.75
C LEU B 335 9.57 7.51 14.13
N GLU B 336 8.90 8.40 14.87
CA GLU B 336 9.31 8.74 16.22
C GLU B 336 9.05 7.56 17.16
N PRO B 337 9.93 7.36 18.15
CA PRO B 337 11.12 8.15 18.46
C PRO B 337 12.41 7.50 17.98
N PHE B 338 12.35 6.83 16.84
CA PHE B 338 13.49 6.08 16.31
C PHE B 338 14.29 6.97 15.38
N TYR B 339 15.59 7.10 15.66
CA TYR B 339 16.47 8.01 14.96
C TYR B 339 17.62 7.28 14.30
N GLU B 340 18.07 7.81 13.16
CA GLU B 340 19.28 7.36 12.51
C GLU B 340 20.50 8.12 13.01
N THR B 341 20.35 9.42 13.22
CA THR B 341 21.31 10.26 13.93
C THR B 341 20.57 11.01 15.03
N GLU B 342 21.33 11.65 15.91
CA GLU B 342 20.72 12.34 17.05
C GLU B 342 19.82 13.50 16.64
N ASP B 343 19.86 13.92 15.37
CA ASP B 343 19.04 15.03 14.90
C ASP B 343 18.21 14.66 13.67
N LYS B 344 18.11 13.39 13.31
CA LYS B 344 17.35 12.98 12.13
C LYS B 344 16.68 11.63 12.35
N PRO B 345 15.35 11.58 12.28
CA PRO B 345 14.64 10.32 12.53
C PRO B 345 14.59 9.44 11.28
N TRP B 346 14.29 8.17 11.53
CA TRP B 346 14.10 7.21 10.44
C TRP B 346 12.80 7.50 9.68
N THR B 347 12.76 7.04 8.43
CA THR B 347 11.57 7.08 7.61
C THR B 347 11.26 5.67 7.12
N SER B 348 10.05 5.50 6.60
CA SER B 348 9.60 4.18 6.15
C SER B 348 10.21 3.77 4.81
N VAL B 349 10.92 4.67 4.13
CA VAL B 349 11.44 4.39 2.79
C VAL B 349 12.61 3.42 2.83
N PRO B 350 13.69 3.67 3.58
CA PRO B 350 14.85 2.77 3.53
C PRO B 350 14.66 1.44 4.25
N LEU B 351 13.54 1.26 4.97
CA LEU B 351 13.33 0.08 5.79
C LEU B 351 12.88 -1.14 5.00
N THR B 352 12.99 -1.14 3.66
CA THR B 352 12.58 -2.29 2.88
C THR B 352 13.58 -3.44 2.98
N ASP B 353 14.87 -3.13 3.15
CA ASP B 353 15.91 -4.13 3.20
C ASP B 353 16.29 -4.36 4.66
N THR B 354 16.02 -5.56 5.16
CA THR B 354 16.38 -5.90 6.54
C THR B 354 17.88 -5.94 6.76
N ALA B 355 18.65 -6.19 5.69
CA ALA B 355 20.10 -6.24 5.81
C ALA B 355 20.69 -4.90 6.23
N LEU B 356 19.94 -3.80 6.04
CA LEU B 356 20.39 -2.50 6.53
C LEU B 356 20.48 -2.48 8.04
N LEU B 357 19.66 -3.26 8.73
CA LEU B 357 19.66 -3.34 10.18
C LEU B 357 20.37 -4.60 10.69
N ASN B 358 21.20 -5.22 9.85
CA ASN B 358 22.07 -6.32 10.26
C ASN B 358 21.28 -7.52 10.77
N TYR B 359 20.19 -7.86 10.08
CA TYR B 359 19.44 -9.06 10.42
C TYR B 359 18.67 -9.53 9.20
N SER B 360 18.37 -10.82 9.17
CA SER B 360 17.59 -11.42 8.09
C SER B 360 16.84 -12.62 8.68
N TYR B 361 16.32 -13.48 7.81
CA TYR B 361 15.56 -14.64 8.24
C TYR B 361 16.02 -15.88 7.48
N PRO B 362 15.92 -17.05 8.10
CA PRO B 362 16.41 -18.28 7.44
C PRO B 362 15.61 -18.69 6.22
N ASP B 363 14.43 -18.12 6.00
CA ASP B 363 13.66 -18.45 4.80
C ASP B 363 14.38 -18.03 3.52
N PHE B 364 15.29 -17.07 3.61
CA PHE B 364 16.03 -16.57 2.47
C PHE B 364 17.47 -17.09 2.43
N ASP B 365 17.75 -18.21 3.11
CA ASP B 365 19.11 -18.75 3.11
C ASP B 365 19.47 -19.35 1.77
N LYS B 366 18.53 -20.07 1.14
CA LYS B 366 18.80 -20.70 -0.15
C LYS B 366 18.87 -19.69 -1.29
N VAL B 367 18.34 -18.48 -1.10
CA VAL B 367 18.32 -17.48 -2.15
C VAL B 367 18.99 -16.20 -1.67
N LYS B 368 20.05 -16.34 -0.88
CA LYS B 368 20.77 -15.17 -0.37
C LYS B 368 21.57 -14.51 -1.49
N GLY B 369 20.96 -13.55 -2.18
CA GLY B 369 21.64 -12.85 -3.26
C GLY B 369 21.14 -13.22 -4.64
N GLY B 370 19.83 -13.46 -4.77
CA GLY B 370 19.24 -13.83 -6.04
C GLY B 370 18.40 -12.70 -6.64
N THR B 371 17.94 -12.92 -7.86
CA THR B 371 17.12 -11.95 -8.54
C THR B 371 15.71 -11.94 -7.95
N PRO B 372 15.03 -10.78 -7.94
CA PRO B 372 13.67 -10.74 -7.39
C PRO B 372 12.70 -11.67 -8.10
N ASP B 373 12.95 -11.99 -9.38
CA ASP B 373 12.06 -12.87 -10.12
C ASP B 373 12.06 -14.27 -9.54
N LEU B 374 13.24 -14.79 -9.19
CA LEU B 374 13.31 -16.12 -8.62
C LEU B 374 12.95 -16.12 -7.15
N VAL B 375 13.29 -15.04 -6.43
CA VAL B 375 12.94 -14.95 -5.01
C VAL B 375 11.43 -14.98 -4.84
N ARG B 376 10.69 -14.33 -5.74
CA ARG B 376 9.22 -14.34 -5.63
C ARG B 376 8.68 -15.76 -5.75
N ASP B 377 9.18 -16.53 -6.73
CA ASP B 377 8.69 -17.89 -6.92
C ASP B 377 9.11 -18.80 -5.77
N TYR B 378 10.36 -18.69 -5.32
CA TYR B 378 10.85 -19.53 -4.24
C TYR B 378 10.07 -19.28 -2.96
N ILE B 379 9.83 -18.00 -2.63
CA ILE B 379 9.08 -17.69 -1.43
C ILE B 379 7.62 -18.11 -1.59
N ASN B 380 7.07 -17.99 -2.80
CA ASN B 380 5.70 -18.43 -3.03
C ASN B 380 5.55 -19.92 -2.77
N ASP B 381 6.45 -20.73 -3.33
CA ASP B 381 6.43 -22.17 -3.08
C ASP B 381 6.68 -22.48 -1.61
N HIS B 382 7.58 -21.73 -0.97
CA HIS B 382 7.89 -21.96 0.43
C HIS B 382 6.68 -21.70 1.31
N ILE B 383 5.89 -20.68 0.98
CA ILE B 383 4.65 -20.42 1.71
C ILE B 383 3.62 -21.50 1.41
N ASP B 384 3.59 -21.99 0.17
CA ASP B 384 2.69 -23.08 -0.17
C ASP B 384 3.00 -24.34 0.63
N ARG B 385 4.28 -24.58 0.92
CA ARG B 385 4.65 -25.78 1.66
C ARG B 385 4.56 -25.59 3.17
N ARG B 386 4.74 -24.35 3.64
CA ARG B 386 4.79 -24.10 5.08
C ARG B 386 3.40 -23.85 5.67
N TYR B 387 2.63 -22.92 5.10
CA TYR B 387 1.34 -22.53 5.63
C TYR B 387 0.17 -22.92 4.75
N GLY B 388 0.43 -23.52 3.59
CA GLY B 388 -0.65 -23.88 2.69
C GLY B 388 -1.44 -25.08 3.19
N ILE B 389 -2.35 -25.54 2.34
CA ILE B 389 -3.20 -26.69 2.63
C ILE B 389 -2.67 -27.87 1.83
N LYS B 390 -2.30 -28.94 2.52
CA LYS B 390 -1.78 -30.12 1.87
C LYS B 390 -2.88 -30.88 1.15
N LYS B 391 -2.48 -31.67 0.16
CA LYS B 391 -3.41 -32.48 -0.62
C LYS B 391 -3.63 -33.83 0.07
N SER B 392 -4.64 -34.55 -0.39
CA SER B 392 -4.99 -35.81 0.24
C SER B 392 -3.99 -36.90 -0.14
N GLU B 393 -3.94 -37.94 0.67
CA GLU B 393 -3.03 -39.06 0.46
C GLU B 393 -3.70 -40.04 -0.49
N GLY B 394 -3.09 -40.26 -1.65
CA GLY B 394 -3.63 -41.19 -2.62
C GLY B 394 -4.95 -40.77 -3.23
N GLY B 395 -5.26 -39.48 -3.20
CA GLY B 395 -6.53 -38.99 -3.75
C GLY B 395 -7.75 -39.53 -3.04
N LYS B 396 -7.77 -39.45 -1.71
CA LYS B 396 -8.92 -39.93 -0.95
C LYS B 396 -10.04 -38.90 -0.86
N ASN B 397 -9.71 -37.61 -0.90
CA ASN B 397 -10.71 -36.54 -0.82
C ASN B 397 -10.53 -35.60 -2.01
N PRO B 398 -11.40 -35.68 -3.03
CA PRO B 398 -11.23 -34.80 -4.19
C PRO B 398 -11.47 -33.33 -3.88
N ALA B 399 -12.42 -33.03 -2.99
CA ALA B 399 -12.67 -31.63 -2.63
C ALA B 399 -11.45 -31.00 -1.96
N LEU B 400 -10.73 -31.79 -1.17
CA LEU B 400 -9.52 -31.28 -0.54
C LEU B 400 -8.38 -31.13 -1.53
N ASP B 401 -8.35 -31.97 -2.58
CA ASP B 401 -7.39 -31.77 -3.66
C ASP B 401 -7.68 -30.49 -4.42
N LEU B 402 -8.97 -30.21 -4.67
CA LEU B 402 -9.34 -28.97 -5.34
C LEU B 402 -9.00 -27.76 -4.49
N LEU B 403 -9.29 -27.84 -3.19
CA LEU B 403 -8.90 -26.75 -2.29
C LEU B 403 -7.39 -26.59 -2.21
N SER B 404 -6.65 -27.70 -2.30
CA SER B 404 -5.20 -27.64 -2.25
C SER B 404 -4.62 -27.02 -3.51
N ASP B 405 -5.30 -27.17 -4.65
CA ASP B 405 -4.84 -26.52 -5.87
C ASP B 405 -4.96 -25.00 -5.76
N PHE B 406 -5.94 -24.51 -5.01
CA PHE B 406 -6.13 -23.07 -4.82
C PHE B 406 -5.38 -22.54 -3.62
N LYS B 407 -5.40 -23.25 -2.50
CA LYS B 407 -4.76 -22.76 -1.28
C LYS B 407 -3.61 -23.66 -0.84
N GLY B 408 -2.69 -23.96 -1.76
CA GLY B 408 -1.54 -24.78 -1.41
C GLY B 408 -0.72 -25.11 -2.63
N VAL B 409 -0.01 -26.25 -2.55
CA VAL B 409 0.77 -26.73 -3.68
C VAL B 409 -0.18 -27.10 -4.82
N THR B 410 0.12 -26.62 -6.02
CA THR B 410 -0.77 -26.75 -7.17
C THR B 410 -0.17 -27.72 -8.16
N HIS B 411 -0.82 -28.87 -8.34
CA HIS B 411 -0.43 -29.81 -9.39
C HIS B 411 -1.02 -29.36 -10.72
N ASP B 412 -0.21 -29.35 -11.76
CA ASP B 412 -0.66 -28.86 -13.06
C ASP B 412 -1.80 -29.72 -13.59
N HIS B 413 -2.70 -29.09 -14.35
CA HIS B 413 -3.91 -29.73 -14.82
C HIS B 413 -4.12 -29.41 -16.30
N ASN B 414 -4.72 -30.35 -17.01
CA ASN B 414 -4.96 -30.16 -18.44
C ASN B 414 -6.07 -29.14 -18.67
N GLU B 415 -7.16 -29.25 -17.92
CA GLU B 415 -8.26 -28.30 -18.00
C GLU B 415 -8.14 -27.26 -16.90
N ASP B 416 -8.93 -26.19 -17.02
CA ASP B 416 -8.94 -25.14 -16.03
C ASP B 416 -9.87 -25.51 -14.89
N LEU B 417 -9.51 -25.08 -13.68
CA LEU B 417 -10.29 -25.40 -12.49
C LEU B 417 -11.03 -24.15 -12.02
N LYS B 418 -12.19 -24.37 -11.40
CA LYS B 418 -12.98 -23.24 -10.90
C LYS B 418 -13.65 -23.65 -9.60
N MET B 419 -13.66 -22.72 -8.64
CA MET B 419 -14.33 -22.97 -7.37
C MET B 419 -14.62 -21.63 -6.71
N PHE B 420 -15.46 -21.68 -5.68
CA PHE B 420 -15.81 -20.50 -4.91
C PHE B 420 -15.02 -20.47 -3.62
N ASP B 421 -14.34 -19.36 -3.37
CA ASP B 421 -13.62 -19.14 -2.12
C ASP B 421 -14.60 -18.49 -1.14
N TRP B 422 -14.79 -19.13 0.01
CA TRP B 422 -15.79 -18.74 0.98
C TRP B 422 -15.12 -18.16 2.22
N THR B 423 -15.64 -17.05 2.70
CA THR B 423 -15.06 -16.41 3.88
C THR B 423 -16.15 -15.65 4.63
N ILE B 424 -15.95 -15.51 5.93
CA ILE B 424 -16.83 -14.73 6.80
C ILE B 424 -16.21 -13.35 6.93
N GLN B 425 -16.87 -12.37 6.31
CA GLN B 425 -16.46 -10.98 6.36
C GLN B 425 -17.22 -10.28 7.47
N ALA B 426 -16.51 -9.55 8.33
CA ALA B 426 -17.14 -8.85 9.45
C ALA B 426 -16.57 -7.45 9.53
N SER B 427 -17.44 -6.44 9.51
CA SER B 427 -17.02 -5.06 9.62
C SER B 427 -17.77 -4.38 10.76
N TRP B 428 -17.04 -3.62 11.57
CA TRP B 428 -17.63 -2.91 12.70
C TRP B 428 -16.85 -1.62 12.89
N LYS B 429 -17.37 -0.74 13.73
CA LYS B 429 -16.73 0.54 14.00
C LYS B 429 -15.93 0.41 15.30
N LYS B 430 -14.60 0.47 15.17
CA LYS B 430 -13.76 0.54 16.36
C LYS B 430 -14.06 1.83 17.13
N PHE B 431 -13.70 1.82 18.41
CA PHE B 431 -13.86 2.90 19.38
C PHE B 431 -15.30 3.00 19.88
N GLU B 432 -16.20 2.11 19.47
CA GLU B 432 -17.54 2.10 20.06
C GLU B 432 -17.49 1.60 21.50
N LEU B 433 -16.78 0.49 21.73
CA LEU B 433 -16.54 -0.03 23.07
C LEU B 433 -15.07 0.14 23.42
N ASP B 434 -14.80 0.45 24.69
CA ASP B 434 -13.44 0.67 25.17
C ASP B 434 -12.87 -0.54 25.89
N ASP B 435 -13.44 -1.73 25.68
CA ASP B 435 -12.95 -2.96 26.27
C ASP B 435 -12.63 -3.95 25.17
N SER B 436 -11.45 -4.59 25.28
CA SER B 436 -11.07 -5.59 24.30
C SER B 436 -12.02 -6.78 24.34
N PHE B 437 -12.56 -7.14 23.19
CA PHE B 437 -13.53 -8.22 23.10
C PHE B 437 -13.16 -9.20 21.99
N ALA B 438 -14.03 -10.15 21.70
CA ALA B 438 -13.77 -11.12 20.65
C ALA B 438 -15.08 -11.65 20.10
N ILE B 439 -15.04 -12.09 18.83
CA ILE B 439 -16.21 -12.64 18.15
C ILE B 439 -15.91 -14.10 17.84
N ILE B 440 -16.74 -15.00 18.36
CA ILE B 440 -16.54 -16.43 18.20
C ILE B 440 -17.51 -16.96 17.15
N PHE B 441 -16.99 -17.75 16.21
CA PHE B 441 -17.78 -18.34 15.15
C PHE B 441 -17.70 -19.86 15.27
N TYR B 442 -18.87 -20.51 15.23
CA TYR B 442 -18.92 -21.96 15.41
C TYR B 442 -20.22 -22.48 14.80
N PHE B 443 -20.24 -23.80 14.59
CA PHE B 443 -21.42 -24.50 14.09
C PHE B 443 -22.30 -24.90 15.28
N ALA B 444 -23.61 -24.65 15.15
CA ALA B 444 -24.54 -24.85 16.25
C ALA B 444 -25.52 -26.01 16.04
N ALA B 445 -25.29 -26.85 15.03
CA ALA B 445 -26.23 -27.95 14.76
C ALA B 445 -26.17 -29.06 15.80
N ASP B 446 -25.26 -29.00 16.77
CA ASP B 446 -25.14 -30.06 17.77
C ASP B 446 -25.50 -29.52 19.16
N GLY B 447 -24.71 -28.61 19.72
CA GLY B 447 -25.02 -28.03 21.00
C GLY B 447 -25.00 -26.52 20.94
N SER B 448 -25.74 -25.91 21.88
CA SER B 448 -25.86 -24.46 21.94
C SER B 448 -24.90 -23.81 22.91
N THR B 449 -24.29 -24.59 23.80
CA THR B 449 -23.42 -24.05 24.84
C THR B 449 -21.99 -24.57 24.74
N ASN B 450 -21.81 -25.88 24.59
CA ASN B 450 -20.49 -26.48 24.59
C ASN B 450 -19.58 -26.15 23.40
N VAL B 451 -18.35 -26.65 23.45
CA VAL B 451 -17.36 -26.52 22.41
C VAL B 451 -16.71 -27.76 21.79
N THR B 452 -17.23 -28.17 20.63
CA THR B 452 -16.78 -29.38 19.95
C THR B 452 -15.66 -29.02 19.00
N LYS B 453 -14.57 -29.79 19.06
CA LYS B 453 -13.36 -29.46 18.31
C LYS B 453 -13.63 -29.38 16.80
N GLU B 454 -14.48 -30.27 16.27
CA GLU B 454 -14.70 -30.27 14.83
C GLU B 454 -15.65 -29.18 14.38
N ASN B 455 -16.64 -28.82 15.20
CA ASN B 455 -17.62 -27.80 14.86
C ASN B 455 -17.22 -26.41 15.35
N TYR B 456 -15.92 -26.14 15.51
CA TYR B 456 -15.45 -24.84 15.93
C TYR B 456 -14.76 -24.18 14.74
N ILE B 457 -15.26 -23.01 14.34
CA ILE B 457 -14.72 -22.30 13.20
C ILE B 457 -13.53 -21.46 13.64
N GLY B 458 -13.80 -20.30 14.23
CA GLY B 458 -12.71 -19.42 14.59
C GLY B 458 -13.14 -18.27 15.46
N SER B 459 -12.30 -17.24 15.47
CA SER B 459 -12.56 -16.07 16.30
C SER B 459 -11.83 -14.86 15.72
N ILE B 460 -12.41 -13.68 15.95
CA ILE B 460 -11.80 -12.41 15.59
C ILE B 460 -11.56 -11.66 16.89
N ASN B 461 -10.29 -11.42 17.20
CA ASN B 461 -9.88 -10.78 18.44
C ASN B 461 -9.62 -9.29 18.22
N ILE B 462 -9.93 -8.49 19.23
CA ILE B 462 -9.80 -7.04 19.19
C ILE B 462 -8.67 -6.63 20.11
N PHE B 463 -7.68 -5.95 19.55
CA PHE B 463 -6.52 -5.46 20.29
C PHE B 463 -6.63 -3.94 20.41
N ARG B 464 -7.39 -3.49 21.41
CA ARG B 464 -7.63 -2.06 21.59
C ARG B 464 -7.20 -1.57 22.95
N GLY B 465 -6.55 -0.42 22.98
CA GLY B 465 -6.09 0.17 24.22
C GLY B 465 -6.55 1.59 24.45
N THR B 466 -5.84 2.55 23.87
CA THR B 466 -6.17 3.95 24.06
C THR B 466 -7.52 4.17 23.42
N THR B 467 -8.35 4.96 24.09
CA THR B 467 -9.67 5.31 23.56
C THR B 467 -9.58 6.70 22.94
N PRO B 468 -10.35 7.00 21.91
CA PRO B 468 -10.26 8.33 21.30
C PRO B 468 -10.84 9.49 22.09
N THR B 469 -10.62 10.68 21.54
CA THR B 469 -11.10 11.93 22.12
C THR B 469 -11.94 12.66 21.07
N ASN B 470 -12.99 13.33 21.53
CA ASN B 470 -13.89 14.04 20.63
C ASN B 470 -13.18 15.20 19.93
N ASN B 479 -14.73 8.74 12.54
CA ASN B 479 -15.21 7.36 12.53
C ASN B 479 -14.41 6.50 11.56
N LEU B 480 -13.97 5.34 12.04
CA LEU B 480 -13.20 4.39 11.25
C LEU B 480 -13.79 3.00 11.41
N VAL B 481 -13.80 2.24 10.33
CA VAL B 481 -14.37 0.90 10.30
C VAL B 481 -13.25 -0.13 10.22
N GLN B 482 -13.21 -1.02 11.20
CA GLN B 482 -12.28 -2.14 11.29
C GLN B 482 -12.98 -3.41 10.81
N GLU B 483 -12.25 -4.22 10.03
CA GLU B 483 -12.80 -5.43 9.43
C GLU B 483 -11.92 -6.63 9.73
N GLY B 484 -12.54 -7.80 9.72
CA GLY B 484 -11.83 -9.06 9.93
C GLY B 484 -12.48 -10.17 9.13
N PHE B 485 -11.69 -11.22 8.88
CA PHE B 485 -12.09 -12.33 8.03
C PHE B 485 -11.86 -13.65 8.77
N VAL B 486 -12.74 -14.63 8.51
CA VAL B 486 -12.57 -15.99 9.02
C VAL B 486 -12.88 -16.98 7.90
N HIS B 487 -11.94 -17.88 7.61
CA HIS B 487 -12.03 -18.73 6.43
C HIS B 487 -12.81 -20.00 6.72
N LEU B 488 -13.59 -20.46 5.71
CA LEU B 488 -14.48 -21.60 5.84
C LEU B 488 -14.22 -22.72 4.85
N ASP B 489 -13.19 -22.61 4.01
CA ASP B 489 -13.05 -23.54 2.88
C ASP B 489 -12.79 -24.96 3.35
N ARG B 490 -11.93 -25.14 4.35
CA ARG B 490 -11.56 -26.50 4.77
C ARG B 490 -12.75 -27.25 5.38
N PHE B 491 -13.67 -26.54 6.03
CA PHE B 491 -14.85 -27.22 6.57
C PHE B 491 -15.79 -27.67 5.46
N ILE B 492 -15.82 -26.94 4.34
CA ILE B 492 -16.63 -27.36 3.21
C ILE B 492 -15.96 -28.54 2.50
N ALA B 493 -14.64 -28.49 2.36
CA ALA B 493 -13.92 -29.59 1.73
C ALA B 493 -14.03 -30.86 2.56
N ARG B 494 -14.21 -30.74 3.88
CA ARG B 494 -14.35 -31.92 4.71
C ARG B 494 -15.67 -32.64 4.46
N ASP B 495 -16.75 -31.89 4.25
CA ASP B 495 -18.09 -32.46 4.15
C ASP B 495 -18.61 -32.49 2.72
N LEU B 496 -18.85 -31.34 2.11
CA LEU B 496 -19.50 -31.28 0.81
C LEU B 496 -18.55 -31.74 -0.31
N ASP B 497 -19.12 -31.91 -1.49
CA ASP B 497 -18.39 -32.30 -2.68
C ASP B 497 -18.24 -31.17 -3.69
N THR B 498 -18.84 -30.02 -3.43
CA THR B 498 -18.75 -28.89 -4.34
C THR B 498 -18.79 -27.59 -3.54
N PHE B 499 -18.32 -26.52 -4.18
CA PHE B 499 -18.30 -25.19 -3.58
C PHE B 499 -19.33 -24.25 -4.20
N ASP B 500 -20.38 -24.80 -4.80
CA ASP B 500 -21.40 -23.95 -5.40
C ASP B 500 -22.14 -23.17 -4.31
N PRO B 501 -22.54 -21.93 -4.58
CA PRO B 501 -23.30 -21.18 -3.56
C PRO B 501 -24.62 -21.83 -3.18
N GLN B 502 -25.31 -22.44 -4.15
CA GLN B 502 -26.60 -23.05 -3.88
C GLN B 502 -26.46 -24.24 -2.94
N ALA B 503 -25.30 -24.88 -2.90
CA ALA B 503 -25.07 -25.99 -1.98
C ALA B 503 -24.55 -25.53 -0.64
N VAL B 504 -23.64 -24.55 -0.63
CA VAL B 504 -23.08 -24.07 0.63
C VAL B 504 -24.10 -23.28 1.43
N HIS B 505 -25.13 -22.73 0.78
CA HIS B 505 -26.21 -22.09 1.53
C HIS B 505 -26.95 -23.13 2.37
N ARG B 506 -27.22 -24.30 1.79
CA ARG B 506 -27.85 -25.38 2.54
C ARG B 506 -26.91 -25.97 3.57
N TYR B 507 -25.61 -26.02 3.27
CA TYR B 507 -24.66 -26.55 4.24
C TYR B 507 -24.57 -25.66 5.47
N LEU B 508 -24.50 -24.34 5.28
CA LEU B 508 -24.38 -23.43 6.39
C LEU B 508 -25.70 -23.22 7.13
N LYS B 509 -26.83 -23.38 6.44
CA LYS B 509 -28.13 -23.25 7.11
C LYS B 509 -28.50 -24.50 7.90
N GLU B 510 -28.20 -25.68 7.35
CA GLU B 510 -28.48 -26.92 8.07
C GLU B 510 -27.65 -27.03 9.35
N LYS B 511 -26.43 -26.52 9.34
CA LYS B 511 -25.55 -26.61 10.51
C LYS B 511 -25.64 -25.38 11.40
N LYS B 512 -26.45 -24.39 11.02
CA LYS B 512 -26.73 -23.21 11.84
C LYS B 512 -25.44 -22.52 12.29
N LEU B 513 -24.69 -22.05 11.31
CA LEU B 513 -23.49 -21.27 11.57
C LEU B 513 -23.83 -20.03 12.39
N SER B 514 -23.29 -19.96 13.61
CA SER B 514 -23.62 -18.87 14.52
C SER B 514 -22.36 -18.25 15.08
N TYR B 515 -22.53 -17.06 15.66
CA TYR B 515 -21.44 -16.29 16.24
C TYR B 515 -21.90 -15.74 17.59
N LYS B 516 -20.93 -15.21 18.34
CA LYS B 516 -21.21 -14.65 19.65
C LYS B 516 -20.14 -13.62 19.98
N VAL B 517 -20.55 -12.39 20.26
CA VAL B 517 -19.64 -11.34 20.69
C VAL B 517 -19.50 -11.41 22.20
N VAL B 518 -18.29 -11.70 22.67
CA VAL B 518 -18.03 -11.91 24.09
C VAL B 518 -16.96 -10.91 24.55
N ALA B 519 -17.20 -10.28 25.69
CA ALA B 519 -16.24 -9.43 26.37
C ALA B 519 -16.07 -9.96 27.79
N ASP B 520 -14.83 -10.16 28.22
CA ASP B 520 -14.53 -10.80 29.49
C ASP B 520 -15.19 -12.18 29.57
N ASP B 521 -16.32 -12.27 30.25
CA ASP B 521 -17.08 -13.49 30.35
C ASP B 521 -18.52 -13.36 29.87
N HIS B 522 -19.20 -12.28 30.24
CA HIS B 522 -20.58 -12.08 29.81
C HIS B 522 -20.63 -11.64 28.35
N SER B 523 -21.83 -11.62 27.80
CA SER B 523 -22.04 -11.20 26.42
C SER B 523 -22.32 -9.70 26.36
N VAL B 524 -21.76 -9.05 25.34
CA VAL B 524 -21.93 -7.62 25.13
C VAL B 524 -22.42 -7.41 23.70
N THR B 525 -23.07 -6.26 23.48
CA THR B 525 -23.64 -5.93 22.19
C THR B 525 -23.16 -4.57 21.72
N LEU B 526 -22.84 -4.47 20.44
CA LEU B 526 -22.54 -3.21 19.79
C LEU B 526 -23.36 -3.09 18.51
N LYS B 527 -23.67 -1.84 18.15
CA LYS B 527 -24.63 -1.58 17.08
C LYS B 527 -23.97 -1.39 15.72
N SER B 528 -22.66 -1.18 15.67
CA SER B 528 -21.98 -0.90 14.42
C SER B 528 -21.52 -2.17 13.70
N LEU B 529 -21.91 -3.34 14.17
CA LEU B 529 -21.44 -4.59 13.59
C LEU B 529 -22.30 -5.00 12.40
N ARG B 530 -21.64 -5.47 11.34
CA ARG B 530 -22.29 -6.00 10.15
C ARG B 530 -21.46 -7.19 9.68
N ILE B 531 -22.03 -8.39 9.80
CA ILE B 531 -21.36 -9.62 9.42
C ILE B 531 -22.08 -10.20 8.21
N ARG B 532 -21.31 -10.83 7.32
CA ARG B 532 -21.87 -11.44 6.13
C ARG B 532 -20.92 -12.54 5.65
N VAL B 533 -21.42 -13.36 4.74
CA VAL B 533 -20.65 -14.43 4.12
C VAL B 533 -20.35 -14.04 2.68
N GLN B 534 -19.08 -14.09 2.31
CA GLN B 534 -18.63 -13.66 0.98
C GLN B 534 -18.14 -14.87 0.20
N GLY B 535 -18.67 -15.03 -1.02
CA GLY B 535 -18.22 -16.01 -1.97
C GLY B 535 -17.63 -15.40 -3.21
N ARG B 536 -16.34 -15.64 -3.45
CA ARG B 536 -15.60 -15.10 -4.59
C ARG B 536 -15.32 -16.19 -5.60
N PRO B 537 -15.74 -16.05 -6.86
CA PRO B 537 -15.39 -17.07 -7.87
C PRO B 537 -13.94 -16.97 -8.29
N LEU B 538 -13.16 -18.00 -7.98
CA LEU B 538 -11.76 -18.10 -8.39
C LEU B 538 -11.60 -19.19 -9.44
N HIS B 539 -10.86 -18.88 -10.49
CA HIS B 539 -10.56 -19.83 -11.55
C HIS B 539 -9.06 -19.87 -11.83
N LEU B 540 -8.59 -21.05 -12.23
CA LEU B 540 -7.18 -21.29 -12.58
C LEU B 540 -7.11 -21.83 -14.00
N PRO B 541 -6.72 -21.01 -14.96
CA PRO B 541 -6.43 -21.52 -16.31
C PRO B 541 -5.26 -22.49 -16.29
N PRO B 542 -5.17 -23.37 -17.28
CA PRO B 542 -4.11 -24.40 -17.26
C PRO B 542 -2.74 -23.78 -17.45
N GLY B 543 -1.88 -23.95 -16.47
CA GLY B 543 -0.52 -23.43 -16.52
C GLY B 543 -0.17 -22.42 -15.45
N VAL B 544 -1.06 -22.11 -14.51
CA VAL B 544 -0.76 -21.16 -13.45
C VAL B 544 -1.05 -21.78 -12.10
N SER B 545 -0.35 -21.31 -11.07
CA SER B 545 -0.59 -21.73 -9.71
C SER B 545 -1.27 -20.67 -8.87
N PHE B 546 -1.30 -19.42 -9.34
CA PHE B 546 -1.91 -18.33 -8.58
C PHE B 546 -3.35 -18.13 -9.04
N PRO B 547 -4.34 -18.32 -8.17
CA PRO B 547 -5.74 -18.16 -8.60
C PRO B 547 -6.07 -16.71 -8.92
N ARG B 548 -7.02 -16.52 -9.84
CA ARG B 548 -7.48 -15.21 -10.26
C ARG B 548 -8.99 -15.11 -10.07
N LEU B 549 -9.46 -13.88 -9.95
CA LEU B 549 -10.90 -13.62 -9.79
C LEU B 549 -11.62 -13.90 -11.10
N ASP B 550 -12.75 -14.60 -11.01
CA ASP B 550 -13.58 -14.89 -12.17
C ASP B 550 -14.53 -13.73 -12.38
N LYS B 551 -14.29 -12.96 -13.44
CA LYS B 551 -15.06 -11.74 -13.71
C LYS B 551 -16.45 -12.01 -14.28
N ASN B 552 -16.72 -13.27 -14.59
CA ASN B 552 -18.00 -13.66 -15.15
C ASN B 552 -19.18 -13.56 -14.24
N ILE B 553 -19.03 -14.08 -13.04
CA ILE B 553 -20.12 -14.11 -12.10
C ILE B 553 -19.78 -13.29 -10.88
N PRO B 554 -20.74 -12.51 -10.46
CA PRO B 554 -20.61 -11.60 -9.33
C PRO B 554 -20.39 -12.27 -7.99
N ILE B 555 -19.73 -11.52 -7.11
CA ILE B 555 -19.43 -11.96 -5.77
C ILE B 555 -20.71 -12.10 -4.99
N VAL B 556 -20.77 -13.07 -4.08
CA VAL B 556 -21.98 -13.30 -3.32
C VAL B 556 -21.89 -12.87 -1.88
N ASN B 557 -23.01 -12.39 -1.36
CA ASN B 557 -23.10 -11.93 0.02
C ASN B 557 -24.32 -12.56 0.68
N PHE B 558 -24.10 -13.20 1.83
CA PHE B 558 -25.16 -13.77 2.64
C PHE B 558 -25.26 -12.99 3.94
N ASP B 559 -26.45 -12.46 4.22
CA ASP B 559 -26.72 -11.75 5.47
C ASP B 559 -27.82 -12.42 6.29
N ASP B 560 -28.18 -13.65 5.95
CA ASP B 560 -29.24 -14.38 6.63
C ASP B 560 -28.76 -15.69 7.23
N VAL B 561 -27.45 -15.97 7.18
CA VAL B 561 -26.93 -17.24 7.65
C VAL B 561 -26.48 -17.16 9.10
N LEU B 562 -25.86 -16.06 9.49
CA LEU B 562 -25.34 -15.92 10.84
C LEU B 562 -26.47 -15.76 11.84
N ASP B 563 -26.24 -16.28 13.05
CA ASP B 563 -27.19 -16.19 14.15
C ASP B 563 -26.49 -15.60 15.36
N LEU B 564 -27.19 -14.73 16.08
CA LEU B 564 -26.63 -14.08 17.26
C LEU B 564 -26.97 -14.91 18.50
N VAL B 565 -25.98 -15.08 19.36
CA VAL B 565 -26.11 -15.89 20.57
C VAL B 565 -25.65 -15.08 21.78
N THR B 566 -26.43 -15.15 22.85
CA THR B 566 -26.10 -14.47 24.12
C THR B 566 -26.17 -15.51 25.22
N GLY B 567 -25.00 -15.97 25.67
CA GLY B 567 -24.93 -16.96 26.73
C GLY B 567 -24.15 -18.20 26.32
N LEU C 12 -76.44 13.99 -6.16
CA LEU C 12 -75.32 14.70 -6.77
C LEU C 12 -74.83 13.97 -8.01
N LEU C 13 -73.73 13.23 -7.86
CA LEU C 13 -73.10 12.49 -8.95
C LEU C 13 -73.34 11.00 -8.77
N ALA C 14 -73.26 10.28 -9.88
CA ALA C 14 -73.35 8.82 -9.89
C ALA C 14 -71.96 8.23 -10.13
N THR C 15 -71.67 7.15 -9.41
CA THR C 15 -70.39 6.44 -9.55
C THR C 15 -70.55 5.41 -10.66
N VAL C 16 -70.07 5.75 -11.86
CA VAL C 16 -70.23 4.88 -13.02
C VAL C 16 -68.96 4.11 -13.37
N GLY C 17 -67.79 4.57 -12.92
CA GLY C 17 -66.55 3.89 -13.21
C GLY C 17 -65.83 4.50 -14.40
N PRO C 18 -64.66 3.94 -14.73
CA PRO C 18 -63.88 4.49 -15.86
C PRO C 18 -64.49 4.13 -17.19
N THR C 19 -64.04 4.85 -18.22
CA THR C 19 -64.50 4.64 -19.58
C THR C 19 -63.59 3.65 -20.30
N GLY C 20 -64.08 3.09 -21.38
CA GLY C 20 -63.35 2.10 -22.14
C GLY C 20 -63.75 0.69 -21.77
N GLY C 21 -63.03 -0.27 -22.35
CA GLY C 21 -63.27 -1.67 -22.08
C GLY C 21 -62.85 -2.03 -20.68
N VAL C 22 -62.73 -3.32 -20.40
CA VAL C 22 -62.28 -3.81 -19.09
C VAL C 22 -60.77 -3.92 -19.20
N LYS C 23 -60.07 -2.97 -18.57
CA LYS C 23 -58.62 -2.94 -18.57
C LYS C 23 -58.12 -3.44 -17.23
N ASN C 24 -56.92 -4.00 -17.23
CA ASN C 24 -56.31 -4.50 -16.01
C ASN C 24 -55.71 -3.38 -15.19
N ARG C 25 -55.73 -3.56 -13.87
CA ARG C 25 -55.00 -2.71 -12.95
C ARG C 25 -53.60 -3.29 -12.77
N LEU C 26 -52.59 -2.52 -13.17
CA LEU C 26 -51.23 -3.04 -13.21
C LEU C 26 -50.57 -2.97 -11.83
N ASP C 27 -49.54 -3.80 -11.66
CA ASP C 27 -48.73 -3.73 -10.46
C ASP C 27 -47.94 -2.42 -10.45
N ILE C 28 -47.87 -1.78 -9.28
CA ILE C 28 -47.18 -0.51 -9.15
C ILE C 28 -45.70 -0.61 -9.51
N VAL C 29 -45.10 -1.79 -9.38
CA VAL C 29 -43.72 -1.99 -9.85
C VAL C 29 -43.62 -1.78 -11.35
N ASP C 30 -44.65 -2.17 -12.10
CA ASP C 30 -44.67 -1.97 -13.55
C ASP C 30 -45.35 -0.68 -13.97
N PHE C 31 -46.25 -0.14 -13.14
CA PHE C 31 -46.96 1.07 -13.51
C PHE C 31 -46.04 2.29 -13.58
N VAL C 32 -45.08 2.37 -12.66
CA VAL C 32 -44.22 3.55 -12.60
C VAL C 32 -43.21 3.55 -13.74
N ARG C 33 -42.86 2.37 -14.25
CA ARG C 33 -41.88 2.25 -15.33
C ARG C 33 -42.53 2.18 -16.70
N ASP C 34 -43.86 2.22 -16.78
CA ASP C 34 -44.56 2.38 -18.05
C ASP C 34 -44.78 3.87 -18.26
N GLU C 35 -44.00 4.47 -19.16
CA GLU C 35 -44.02 5.91 -19.34
C GLU C 35 -45.43 6.43 -19.65
N LYS C 36 -46.17 5.69 -20.48
CA LYS C 36 -47.48 6.15 -20.93
C LYS C 36 -48.44 6.31 -19.75
N PHE C 37 -48.47 5.34 -18.84
CA PHE C 37 -49.39 5.41 -17.71
C PHE C 37 -48.89 6.34 -16.61
N PHE C 38 -47.60 6.23 -16.26
CA PHE C 38 -47.03 7.07 -15.21
C PHE C 38 -47.18 8.55 -15.53
N THR C 39 -46.88 8.95 -16.78
CA THR C 39 -46.94 10.35 -17.16
C THR C 39 -48.36 10.91 -17.00
N LEU C 40 -49.37 10.12 -17.33
CA LEU C 40 -50.75 10.58 -17.14
C LEU C 40 -51.12 10.62 -15.67
N TYR C 41 -50.68 9.63 -14.89
CA TYR C 41 -51.07 9.55 -13.49
C TYR C 41 -50.56 10.75 -12.70
N VAL C 42 -49.28 11.10 -12.90
CA VAL C 42 -48.69 12.20 -12.11
C VAL C 42 -49.45 13.50 -12.36
N ARG C 43 -49.74 13.80 -13.63
CA ARG C 43 -50.40 15.06 -13.97
C ARG C 43 -51.85 15.06 -13.51
N ALA C 44 -52.53 13.91 -13.59
CA ALA C 44 -53.92 13.86 -13.15
C ALA C 44 -54.02 14.06 -11.64
N LEU C 45 -53.21 13.34 -10.87
CA LEU C 45 -53.26 13.48 -9.42
C LEU C 45 -52.89 14.90 -8.99
N GLN C 46 -51.78 15.43 -9.54
CA GLN C 46 -51.40 16.80 -9.23
C GLN C 46 -52.49 17.79 -9.66
N ALA C 47 -53.29 17.42 -10.67
CA ALA C 47 -54.36 18.31 -11.11
C ALA C 47 -55.50 18.34 -10.11
N ILE C 48 -55.99 17.17 -9.69
CA ILE C 48 -57.12 17.14 -8.77
C ILE C 48 -56.74 17.46 -7.33
N GLN C 49 -55.44 17.54 -7.01
CA GLN C 49 -55.03 17.77 -5.63
C GLN C 49 -55.55 19.10 -5.09
N ASP C 50 -55.47 20.16 -5.89
CA ASP C 50 -55.80 21.51 -5.44
C ASP C 50 -56.90 22.13 -6.29
N LYS C 51 -57.94 21.36 -6.60
CA LYS C 51 -59.05 21.89 -7.40
C LYS C 51 -59.86 22.89 -6.61
N ASP C 52 -60.21 22.56 -5.36
CA ASP C 52 -60.99 23.44 -4.52
C ASP C 52 -60.92 22.92 -3.09
N GLN C 53 -61.29 23.78 -2.14
CA GLN C 53 -61.44 23.34 -0.75
C GLN C 53 -62.60 22.36 -0.61
N ALA C 54 -63.56 22.40 -1.50
CA ALA C 54 -64.68 21.46 -1.51
C ALA C 54 -65.26 21.42 -2.91
N ASP C 55 -65.19 20.27 -3.56
CA ASP C 55 -65.68 20.13 -4.92
C ASP C 55 -66.06 18.68 -5.16
N TYR C 56 -66.69 18.42 -6.31
CA TYR C 56 -67.07 17.06 -6.67
C TYR C 56 -65.90 16.23 -7.16
N SER C 57 -64.82 16.87 -7.63
CA SER C 57 -63.68 16.17 -8.18
C SER C 57 -62.38 16.48 -7.45
N SER C 58 -62.44 17.19 -6.33
CA SER C 58 -61.23 17.50 -5.57
C SER C 58 -60.76 16.28 -4.81
N PHE C 59 -59.44 16.09 -4.75
CA PHE C 59 -58.89 15.02 -3.93
C PHE C 59 -59.26 15.19 -2.46
N PHE C 60 -59.45 16.44 -2.03
CA PHE C 60 -59.80 16.70 -0.63
C PHE C 60 -61.17 16.12 -0.29
N GLN C 61 -62.14 16.22 -1.20
CA GLN C 61 -63.48 15.74 -0.91
C GLN C 61 -63.59 14.23 -1.08
N LEU C 62 -63.07 13.71 -2.20
CA LEU C 62 -63.00 12.27 -2.37
C LEU C 62 -62.32 11.60 -1.18
N SER C 63 -61.28 12.24 -0.65
CA SER C 63 -60.70 11.80 0.61
C SER C 63 -61.60 12.14 1.80
N GLY C 64 -62.50 13.10 1.63
CA GLY C 64 -63.40 13.52 2.69
C GLY C 64 -64.61 12.63 2.87
N ILE C 65 -64.83 11.68 1.95
CA ILE C 65 -65.86 10.68 2.17
C ILE C 65 -65.42 9.68 3.22
N HIS C 66 -64.15 9.25 3.17
CA HIS C 66 -63.65 8.26 4.12
C HIS C 66 -63.64 8.79 5.54
N GLY C 67 -63.48 10.10 5.72
CA GLY C 67 -63.44 10.68 7.05
C GLY C 67 -63.90 12.13 7.09
N LEU C 68 -63.09 13.00 7.67
CA LEU C 68 -63.40 14.42 7.74
C LEU C 68 -63.31 15.06 6.35
N PRO C 69 -64.21 16.02 6.06
CA PRO C 69 -65.25 16.54 6.96
C PRO C 69 -66.50 15.67 7.02
N PHE C 70 -67.36 15.93 8.01
CA PHE C 70 -68.60 15.17 8.18
C PHE C 70 -69.75 15.86 7.44
N THR C 71 -69.56 16.01 6.13
CA THR C 71 -70.51 16.71 5.28
C THR C 71 -71.00 15.80 4.16
N PRO C 72 -72.24 15.98 3.72
CA PRO C 72 -72.73 15.20 2.58
C PRO C 72 -71.91 15.49 1.33
N TRP C 73 -71.75 14.45 0.50
CA TRP C 73 -70.92 14.55 -0.70
C TRP C 73 -71.76 14.53 -1.97
N VAL C 82 -78.73 13.81 8.34
CA VAL C 82 -77.81 12.70 8.54
C VAL C 82 -78.22 11.89 9.77
N PRO C 83 -78.19 10.56 9.66
CA PRO C 83 -78.57 9.72 10.79
C PRO C 83 -77.56 9.78 11.93
N TYR C 84 -76.27 9.62 11.59
CA TYR C 84 -75.20 9.64 12.57
C TYR C 84 -74.08 10.53 12.05
N GLU C 85 -73.50 11.34 12.93
CA GLU C 85 -72.51 12.33 12.54
C GLU C 85 -71.11 11.72 12.68
N SER C 86 -70.58 11.20 11.59
CA SER C 86 -69.24 10.63 11.54
C SER C 86 -68.82 10.54 10.07
N GLY C 87 -67.83 9.69 9.80
CA GLY C 87 -67.38 9.49 8.44
C GLY C 87 -68.20 8.43 7.72
N TYR C 88 -68.29 8.57 6.40
CA TYR C 88 -69.02 7.59 5.59
C TYR C 88 -68.34 6.24 5.53
N CYS C 89 -67.08 6.14 5.99
CA CYS C 89 -66.38 4.87 5.95
C CYS C 89 -67.09 3.83 6.81
N THR C 90 -67.18 2.62 6.28
CA THR C 90 -67.87 1.50 6.93
C THR C 90 -66.83 0.45 7.31
N HIS C 91 -66.26 0.60 8.50
CA HIS C 91 -65.25 -0.32 9.01
C HIS C 91 -65.84 -1.22 10.07
N SER C 92 -65.28 -2.42 10.20
CA SER C 92 -65.70 -3.41 11.19
C SER C 92 -67.17 -3.78 11.01
N GLN C 93 -67.53 -4.18 9.79
CA GLN C 93 -68.88 -4.63 9.48
C GLN C 93 -68.81 -5.46 8.20
N VAL C 94 -69.97 -6.00 7.79
CA VAL C 94 -70.01 -6.89 6.64
C VAL C 94 -69.87 -6.13 5.32
N LEU C 95 -70.03 -4.81 5.32
CA LEU C 95 -70.01 -4.02 4.10
C LEU C 95 -68.64 -3.42 3.78
N PHE C 96 -67.60 -3.80 4.53
CA PHE C 96 -66.27 -3.25 4.32
C PHE C 96 -65.76 -3.47 2.89
N PRO C 97 -65.66 -4.70 2.38
CA PRO C 97 -65.02 -4.89 1.07
C PRO C 97 -65.77 -4.24 -0.08
N THR C 98 -67.10 -4.37 -0.12
CA THR C 98 -67.87 -3.81 -1.23
C THR C 98 -67.81 -2.29 -1.23
N TRP C 99 -68.10 -1.68 -0.08
CA TRP C 99 -68.03 -0.23 0.06
C TRP C 99 -66.66 0.30 -0.39
N HIS C 100 -65.59 -0.30 0.14
CA HIS C 100 -64.26 0.14 -0.27
C HIS C 100 -63.93 -0.26 -1.71
N ARG C 101 -64.73 -1.12 -2.34
CA ARG C 101 -64.54 -1.44 -3.75
C ARG C 101 -65.08 -0.32 -4.65
N VAL C 102 -66.37 0.01 -4.49
CA VAL C 102 -66.92 1.09 -5.30
C VAL C 102 -66.26 2.41 -4.94
N TYR C 103 -65.78 2.55 -3.70
CA TYR C 103 -65.07 3.75 -3.29
C TYR C 103 -63.80 3.95 -4.11
N VAL C 104 -63.13 2.86 -4.48
CA VAL C 104 -61.98 2.98 -5.37
C VAL C 104 -62.44 3.19 -6.80
N SER C 105 -63.61 2.63 -7.16
CA SER C 105 -64.10 2.80 -8.53
C SER C 105 -64.37 4.27 -8.85
N ILE C 106 -64.94 5.02 -7.91
CA ILE C 106 -65.22 6.43 -8.18
C ILE C 106 -63.91 7.22 -8.29
N TYR C 107 -62.91 6.88 -7.47
CA TYR C 107 -61.61 7.54 -7.57
C TYR C 107 -60.97 7.27 -8.92
N GLU C 108 -61.11 6.05 -9.44
CA GLU C 108 -60.61 5.73 -10.76
C GLU C 108 -61.35 6.51 -11.84
N GLN C 109 -62.68 6.62 -11.72
CA GLN C 109 -63.46 7.34 -12.73
C GLN C 109 -63.11 8.82 -12.75
N VAL C 110 -62.98 9.43 -11.57
CA VAL C 110 -62.69 10.87 -11.51
C VAL C 110 -61.26 11.15 -11.95
N LEU C 111 -60.31 10.31 -11.51
CA LEU C 111 -58.92 10.52 -11.90
C LEU C 111 -58.74 10.33 -13.41
N GLN C 112 -59.45 9.36 -13.99
CA GLN C 112 -59.38 9.19 -15.44
C GLN C 112 -60.13 10.29 -16.17
N GLU C 113 -61.15 10.88 -15.54
CA GLU C 113 -61.85 11.99 -16.17
C GLU C 113 -60.98 13.24 -16.21
N ALA C 114 -60.20 13.48 -15.15
CA ALA C 114 -59.27 14.60 -15.17
C ALA C 114 -58.07 14.31 -16.05
N ALA C 115 -57.67 13.03 -16.16
CA ALA C 115 -56.56 12.68 -17.03
C ALA C 115 -56.94 12.75 -18.50
N LYS C 116 -58.20 12.48 -18.82
CA LYS C 116 -58.64 12.55 -20.21
C LYS C 116 -58.67 13.97 -20.73
N GLY C 117 -58.85 14.94 -19.84
CA GLY C 117 -58.83 16.35 -20.22
C GLY C 117 -57.51 17.01 -19.90
N ALA C 130 -52.99 9.43 -28.57
CA ALA C 130 -53.20 8.06 -29.04
C ALA C 130 -53.40 7.08 -27.89
N GLN C 131 -54.52 6.37 -27.88
CA GLN C 131 -54.79 5.42 -26.80
C GLN C 131 -54.88 6.16 -25.47
N ALA C 132 -53.94 5.84 -24.57
CA ALA C 132 -53.81 6.48 -23.26
C ALA C 132 -54.91 6.25 -22.25
N ALA C 133 -55.65 7.31 -21.91
CA ALA C 133 -56.64 7.31 -20.81
C ALA C 133 -57.75 6.27 -20.83
N GLU C 134 -58.07 5.74 -22.00
CA GLU C 134 -59.03 4.70 -22.09
C GLU C 134 -58.52 3.54 -21.24
N ASP C 135 -57.21 3.31 -21.20
CA ASP C 135 -56.71 2.15 -20.47
C ASP C 135 -56.18 2.50 -19.09
N LEU C 136 -56.29 3.76 -18.66
CA LEU C 136 -55.75 4.19 -17.39
C LEU C 136 -56.52 3.52 -16.25
N ARG C 137 -55.86 2.64 -15.51
CA ARG C 137 -56.46 1.95 -14.38
C ARG C 137 -55.62 2.20 -13.13
N GLN C 138 -56.30 2.32 -11.99
CA GLN C 138 -55.64 2.58 -10.71
C GLN C 138 -54.72 1.43 -10.35
N PRO C 139 -53.41 1.65 -10.32
CA PRO C 139 -52.48 0.56 -9.99
C PRO C 139 -52.59 0.15 -8.53
N TYR C 140 -52.14 -1.07 -8.26
CA TYR C 140 -52.19 -1.64 -6.93
C TYR C 140 -50.79 -1.85 -6.37
N TRP C 141 -50.69 -1.88 -5.05
CA TRP C 141 -49.44 -2.04 -4.32
C TRP C 141 -49.47 -3.43 -3.67
N ASP C 142 -48.79 -4.39 -4.29
CA ASP C 142 -48.79 -5.78 -3.84
C ASP C 142 -48.00 -5.87 -2.53
N THR C 143 -48.65 -5.46 -1.44
CA THR C 143 -47.98 -5.44 -0.14
C THR C 143 -47.61 -6.83 0.33
N GLY C 144 -48.37 -7.86 -0.06
CA GLY C 144 -48.06 -9.21 0.38
C GLY C 144 -46.76 -9.76 -0.20
N PHE C 145 -46.42 -9.34 -1.42
CA PHE C 145 -45.23 -9.85 -2.10
C PHE C 145 -44.02 -8.92 -1.92
N ALA C 146 -44.16 -7.65 -2.29
CA ALA C 146 -43.08 -6.67 -2.20
C ALA C 146 -43.58 -5.49 -1.37
N LEU C 147 -43.34 -5.56 -0.06
CA LEU C 147 -43.84 -4.51 0.83
C LEU C 147 -43.11 -3.19 0.61
N VAL C 148 -41.82 -3.24 0.26
CA VAL C 148 -41.06 -2.02 -0.01
C VAL C 148 -41.40 -1.54 -1.41
N PRO C 149 -42.09 -0.41 -1.55
CA PRO C 149 -42.56 0.02 -2.88
C PRO C 149 -41.44 0.66 -3.66
N PRO C 150 -41.63 0.89 -4.96
CA PRO C 150 -40.61 1.60 -5.75
C PRO C 150 -40.37 3.01 -5.22
N ASP C 151 -39.15 3.49 -5.44
CA ASP C 151 -38.72 4.76 -4.86
C ASP C 151 -39.53 5.95 -5.38
N GLU C 152 -40.17 5.81 -6.53
CA GLU C 152 -40.91 6.92 -7.12
C GLU C 152 -42.14 7.31 -6.29
N ILE C 153 -42.66 6.39 -5.49
CA ILE C 153 -43.90 6.62 -4.77
C ILE C 153 -43.63 6.68 -3.26
N ILE C 154 -42.36 6.81 -2.85
CA ILE C 154 -42.03 6.74 -1.44
C ILE C 154 -40.97 7.77 -1.06
N LYS C 155 -39.99 8.00 -1.94
CA LYS C 155 -38.85 8.81 -1.56
C LYS C 155 -38.52 9.94 -2.53
N LEU C 156 -38.78 9.75 -3.82
CA LEU C 156 -38.37 10.73 -4.83
C LEU C 156 -39.29 11.95 -4.77
N GLU C 157 -38.71 13.11 -4.45
CA GLU C 157 -39.49 14.34 -4.37
C GLU C 157 -39.95 14.82 -5.74
N GLN C 158 -39.17 14.55 -6.78
CA GLN C 158 -39.49 14.96 -8.14
C GLN C 158 -39.25 13.79 -9.08
N VAL C 159 -40.21 13.51 -9.96
CA VAL C 159 -40.14 12.39 -10.88
C VAL C 159 -40.00 12.91 -12.30
N LYS C 160 -39.50 12.05 -13.18
CA LYS C 160 -39.27 12.38 -14.58
C LYS C 160 -40.33 11.73 -15.45
N ILE C 161 -40.98 12.54 -16.28
CA ILE C 161 -42.04 12.08 -17.17
C ILE C 161 -41.79 12.60 -18.57
N THR C 162 -42.76 12.43 -19.47
CA THR C 162 -42.68 12.89 -20.84
C THR C 162 -43.58 14.10 -21.03
N ASN C 163 -42.99 15.23 -21.37
CA ASN C 163 -43.72 16.48 -21.58
C ASN C 163 -43.34 17.16 -22.91
N THR C 167 -38.79 13.92 -24.81
CA THR C 167 -39.44 15.11 -24.28
C THR C 167 -39.53 15.05 -22.77
N LYS C 168 -38.61 14.34 -22.14
CA LYS C 168 -38.62 14.17 -20.69
C LYS C 168 -38.46 15.45 -19.90
N ILE C 169 -39.18 15.53 -18.80
CA ILE C 169 -39.11 16.69 -17.92
C ILE C 169 -39.28 16.25 -16.48
N THR C 170 -38.73 17.01 -15.55
CA THR C 170 -38.80 16.69 -14.14
C THR C 170 -39.85 17.56 -13.47
N VAL C 171 -40.81 16.92 -12.81
CA VAL C 171 -41.90 17.62 -12.14
C VAL C 171 -41.98 17.15 -10.69
N ARG C 172 -42.71 17.91 -9.89
CA ARG C 172 -42.91 17.56 -8.49
C ARG C 172 -43.77 16.31 -8.38
N ASN C 173 -43.43 15.43 -7.44
CA ASN C 173 -44.16 14.19 -7.25
C ASN C 173 -45.36 14.43 -6.35
N PRO C 174 -46.59 14.21 -6.83
CA PRO C 174 -47.77 14.37 -5.98
C PRO C 174 -48.18 13.13 -5.20
N ILE C 175 -47.41 12.04 -5.30
CA ILE C 175 -47.77 10.80 -4.61
C ILE C 175 -47.22 10.77 -3.18
N LEU C 176 -46.19 11.57 -2.87
CA LEU C 176 -45.61 11.54 -1.54
C LEU C 176 -46.56 12.13 -0.50
N ARG C 177 -47.37 13.10 -0.88
CA ARG C 177 -48.13 13.88 0.10
C ARG C 177 -49.20 14.68 -0.63
N TYR C 178 -50.05 15.34 0.16
CA TYR C 178 -51.07 16.23 -0.36
C TYR C 178 -51.18 17.42 0.58
N SER C 179 -50.83 18.60 0.08
CA SER C 179 -50.84 19.81 0.90
C SER C 179 -52.25 20.39 1.03
N ASP C 184 -58.93 22.58 7.71
CA ASP C 184 -60.35 22.49 8.00
C ASP C 184 -60.61 22.76 9.48
N PRO C 185 -61.63 23.57 9.77
CA PRO C 185 -61.90 23.95 11.18
C PRO C 185 -62.41 22.82 12.06
N SER C 186 -62.87 21.71 11.47
CA SER C 186 -63.39 20.61 12.29
C SER C 186 -62.30 19.93 13.11
N PHE C 187 -61.02 20.14 12.76
CA PHE C 187 -59.94 19.66 13.63
C PHE C 187 -60.04 20.33 15.00
N ASN C 188 -60.10 21.66 15.02
CA ASN C 188 -60.42 22.44 16.22
C ASN C 188 -59.54 22.05 17.40
N GLY C 189 -58.26 21.82 17.13
CA GLY C 189 -57.31 21.44 18.15
C GLY C 189 -56.85 20.00 18.12
N TYR C 190 -57.19 19.24 17.08
CA TYR C 190 -56.69 17.89 16.94
C TYR C 190 -55.16 17.93 16.82
N PRO C 191 -54.43 17.22 17.68
CA PRO C 191 -52.98 17.43 17.76
C PRO C 191 -52.27 17.14 16.45
N ASN C 192 -51.45 18.08 16.01
CA ASN C 192 -50.65 18.01 14.79
C ASN C 192 -51.50 18.12 13.53
N PHE C 193 -52.69 17.52 13.53
CA PHE C 193 -53.58 17.63 12.38
C PHE C 193 -54.11 19.05 12.20
N ASP C 194 -54.03 19.89 13.22
CA ASP C 194 -54.42 21.29 13.11
C ASP C 194 -53.28 22.17 12.64
N THR C 195 -52.03 21.72 12.75
CA THR C 195 -50.87 22.50 12.36
C THR C 195 -50.17 21.94 11.13
N TRP C 196 -50.62 20.81 10.60
CA TRP C 196 -50.00 20.18 9.43
C TRP C 196 -50.70 20.69 8.17
N ARG C 197 -49.99 21.47 7.37
CA ARG C 197 -50.49 21.90 6.08
C ARG C 197 -50.39 20.81 5.01
N THR C 198 -49.83 19.65 5.36
CA THR C 198 -49.62 18.57 4.40
C THR C 198 -49.63 17.25 5.14
N THR C 199 -50.10 16.20 4.47
CA THR C 199 -50.12 14.86 5.05
C THR C 199 -48.69 14.41 5.35
N VAL C 200 -48.53 13.71 6.48
CA VAL C 200 -47.22 13.30 6.98
C VAL C 200 -47.22 11.79 7.17
N ARG C 201 -46.17 11.14 6.70
CA ARG C 201 -45.97 9.70 6.85
C ARG C 201 -44.86 9.45 7.86
N ASN C 202 -45.12 8.54 8.80
CA ASN C 202 -44.15 8.14 9.81
C ASN C 202 -43.53 9.35 10.52
N PRO C 203 -44.34 10.12 11.25
CA PRO C 203 -43.83 11.39 11.81
C PRO C 203 -42.89 11.15 12.98
N ASP C 204 -42.14 12.20 13.30
CA ASP C 204 -41.26 12.22 14.46
C ASP C 204 -41.84 13.14 15.53
N ALA C 205 -41.11 13.29 16.64
CA ALA C 205 -41.57 14.15 17.71
C ALA C 205 -41.64 15.61 17.29
N ASP C 206 -40.91 16.00 16.24
CA ASP C 206 -40.93 17.36 15.72
C ASP C 206 -41.80 17.50 14.48
N LYS C 207 -42.77 16.59 14.29
CA LYS C 207 -43.69 16.62 13.15
C LYS C 207 -42.96 16.61 11.82
N LYS C 208 -41.79 15.97 11.77
CA LYS C 208 -40.99 15.88 10.57
C LYS C 208 -41.15 14.51 9.94
N GLU C 209 -41.40 14.48 8.63
CA GLU C 209 -41.58 13.21 7.93
C GLU C 209 -40.28 12.42 7.92
N ASN C 210 -40.35 11.17 8.37
CA ASN C 210 -39.18 10.31 8.53
C ASN C 210 -39.32 9.12 7.58
N ILE C 211 -38.98 9.35 6.31
CA ILE C 211 -39.02 8.32 5.28
C ILE C 211 -37.95 7.25 5.52
N PRO C 212 -36.69 7.61 5.84
CA PRO C 212 -35.68 6.56 6.10
C PRO C 212 -36.09 5.54 7.15
N ALA C 213 -36.79 5.97 8.21
CA ALA C 213 -37.27 5.01 9.20
C ALA C 213 -38.42 4.18 8.64
N LEU C 214 -39.28 4.78 7.83
CA LEU C 214 -40.39 4.04 7.22
C LEU C 214 -39.88 2.90 6.35
N ILE C 215 -38.81 3.15 5.59
CA ILE C 215 -38.23 2.09 4.76
C ILE C 215 -37.78 0.92 5.65
N ALA C 216 -37.14 1.22 6.78
CA ALA C 216 -36.69 0.16 7.68
C ALA C 216 -37.88 -0.63 8.23
N LYS C 217 -38.92 0.08 8.68
CA LYS C 217 -40.10 -0.61 9.20
C LYS C 217 -40.70 -1.53 8.15
N LEU C 218 -40.80 -1.06 6.89
CA LEU C 218 -41.38 -1.89 5.85
C LEU C 218 -40.50 -3.10 5.54
N ASP C 219 -39.17 -2.92 5.54
CA ASP C 219 -38.28 -4.04 5.30
C ASP C 219 -38.36 -5.08 6.43
N LEU C 220 -38.67 -4.63 7.65
CA LEU C 220 -38.77 -5.57 8.76
C LEU C 220 -40.03 -6.43 8.67
N GLU C 221 -41.16 -5.83 8.29
CA GLU C 221 -42.46 -6.48 8.34
C GLU C 221 -42.82 -7.21 7.05
N ALA C 222 -41.85 -7.49 6.18
CA ALA C 222 -42.16 -8.12 4.91
C ALA C 222 -42.68 -9.54 5.10
N ASP C 223 -41.97 -10.35 5.88
CA ASP C 223 -42.35 -11.75 6.03
C ASP C 223 -43.67 -11.91 6.78
N SER C 224 -43.85 -11.15 7.86
CA SER C 224 -45.10 -11.21 8.61
C SER C 224 -46.29 -10.87 7.72
N THR C 225 -46.18 -9.79 6.93
CA THR C 225 -47.25 -9.43 6.01
C THR C 225 -47.46 -10.49 4.95
N ARG C 226 -46.38 -11.16 4.52
CA ARG C 226 -46.53 -12.25 3.55
C ARG C 226 -47.38 -13.39 4.11
N GLU C 227 -46.99 -13.88 5.30
CA GLU C 227 -47.77 -14.96 5.93
C GLU C 227 -49.21 -14.52 6.16
N LYS C 228 -49.42 -13.31 6.67
CA LYS C 228 -50.78 -12.82 6.91
C LYS C 228 -51.59 -12.82 5.63
N THR C 229 -51.00 -12.35 4.53
CA THR C 229 -51.71 -12.33 3.25
C THR C 229 -52.10 -13.75 2.82
N TYR C 230 -51.15 -14.69 2.90
CA TYR C 230 -51.44 -16.06 2.49
C TYR C 230 -52.59 -16.66 3.30
N ASN C 231 -52.45 -16.65 4.63
CA ASN C 231 -53.46 -17.28 5.48
C ASN C 231 -54.80 -16.59 5.35
N MET C 232 -54.81 -15.26 5.24
CA MET C 232 -56.06 -14.54 5.05
C MET C 232 -56.72 -14.96 3.75
N LEU C 233 -55.93 -15.21 2.71
CA LEU C 233 -56.52 -15.54 1.41
C LEU C 233 -57.06 -16.96 1.39
N LYS C 234 -56.41 -17.89 2.09
CA LYS C 234 -56.76 -19.29 1.89
C LYS C 234 -57.63 -19.88 3.00
N PHE C 235 -57.63 -19.33 4.21
CA PHE C 235 -58.25 -20.01 5.35
C PHE C 235 -59.40 -19.21 5.94
N ASN C 236 -60.18 -18.54 5.10
CA ASN C 236 -61.42 -17.88 5.51
C ASN C 236 -62.54 -18.31 4.58
N ALA C 237 -63.46 -19.12 5.10
CA ALA C 237 -64.47 -19.77 4.27
C ALA C 237 -65.81 -19.05 4.24
N ASN C 238 -66.09 -18.18 5.21
CA ASN C 238 -67.37 -17.46 5.28
C ASN C 238 -67.12 -15.96 5.26
N TRP C 239 -68.21 -15.20 5.31
CA TRP C 239 -68.10 -13.75 5.11
C TRP C 239 -67.82 -13.03 6.42
N GLU C 240 -68.37 -13.53 7.52
CA GLU C 240 -68.15 -12.87 8.81
C GLU C 240 -66.70 -13.01 9.26
N ALA C 241 -66.04 -14.10 8.88
CA ALA C 241 -64.65 -14.33 9.24
C ALA C 241 -63.67 -13.77 8.23
N PHE C 242 -64.15 -13.11 7.17
CA PHE C 242 -63.30 -12.58 6.12
C PHE C 242 -63.41 -11.08 5.93
N SER C 243 -64.56 -10.47 6.21
CA SER C 243 -64.82 -9.11 5.79
C SER C 243 -64.63 -8.06 6.87
N ASN C 244 -64.64 -8.43 8.15
CA ASN C 244 -64.61 -7.44 9.22
C ASN C 244 -63.68 -7.87 10.33
N HIS C 245 -63.47 -6.94 11.28
CA HIS C 245 -62.61 -7.20 12.43
C HIS C 245 -63.25 -8.22 13.38
N GLY C 246 -64.56 -8.14 13.56
CA GLY C 246 -65.29 -8.85 14.60
C GLY C 246 -64.87 -10.27 14.89
N GLU C 247 -64.72 -10.58 16.17
CA GLU C 247 -64.34 -11.92 16.60
C GLU C 247 -65.47 -12.89 16.27
N PHE C 248 -65.26 -13.72 15.25
CA PHE C 248 -66.26 -14.70 14.83
C PHE C 248 -65.85 -16.09 15.31
N ASP C 249 -66.84 -16.97 15.40
CA ASP C 249 -66.59 -18.32 15.88
C ASP C 249 -65.77 -19.12 14.87
N ASP C 250 -64.91 -19.99 15.39
CA ASP C 250 -64.12 -20.92 14.58
C ASP C 250 -63.26 -20.19 13.55
N THR C 251 -62.59 -19.13 14.00
CA THR C 251 -61.66 -18.38 13.17
C THR C 251 -60.22 -18.79 13.47
N HIS C 252 -59.38 -18.74 12.43
CA HIS C 252 -57.98 -19.13 12.61
C HIS C 252 -57.04 -18.38 11.67
N ALA C 253 -57.48 -17.27 11.09
CA ALA C 253 -56.64 -16.46 10.22
C ALA C 253 -57.19 -15.04 10.19
N ASN C 254 -56.30 -14.09 9.91
CA ASN C 254 -56.70 -12.69 9.85
C ASN C 254 -57.71 -12.47 8.73
N SER C 255 -58.58 -11.49 8.93
CA SER C 255 -59.57 -11.13 7.94
C SER C 255 -58.95 -10.18 6.91
N LEU C 256 -59.71 -9.86 5.86
CA LEU C 256 -59.27 -8.86 4.89
C LEU C 256 -59.00 -7.51 5.57
N GLU C 257 -59.91 -7.06 6.44
CA GLU C 257 -59.71 -5.80 7.15
C GLU C 257 -58.55 -5.87 8.13
N ALA C 258 -58.32 -7.04 8.75
CA ALA C 258 -57.22 -7.18 9.70
C ALA C 258 -55.88 -6.96 9.02
N VAL C 259 -55.66 -7.62 7.88
CA VAL C 259 -54.43 -7.38 7.12
C VAL C 259 -54.44 -5.96 6.56
N HIS C 260 -55.62 -5.41 6.26
CA HIS C 260 -55.71 -4.04 5.75
C HIS C 260 -55.25 -3.03 6.79
N ASP C 261 -55.42 -3.32 8.08
CA ASP C 261 -55.01 -2.38 9.12
C ASP C 261 -53.50 -2.25 9.20
N ASP C 262 -52.76 -3.33 8.93
CA ASP C 262 -51.33 -3.32 9.11
C ASP C 262 -50.63 -2.30 8.22
N ILE C 263 -51.15 -2.07 7.02
CA ILE C 263 -50.54 -1.09 6.12
C ILE C 263 -50.78 0.33 6.65
N HIS C 264 -52.03 0.63 7.03
CA HIS C 264 -52.33 1.91 7.65
C HIS C 264 -51.45 2.17 8.87
N GLY C 265 -51.19 1.12 9.66
CA GLY C 265 -50.31 1.27 10.81
C GLY C 265 -48.85 1.42 10.47
N PHE C 266 -48.38 0.75 9.41
CA PHE C 266 -46.98 0.89 9.01
C PHE C 266 -46.70 2.29 8.47
N VAL C 267 -47.61 2.82 7.65
CA VAL C 267 -47.36 4.14 7.06
C VAL C 267 -47.65 5.24 8.07
N GLY C 268 -48.73 5.10 8.85
CA GLY C 268 -49.18 6.19 9.70
C GLY C 268 -48.50 6.32 11.04
N ARG C 269 -48.28 5.20 11.73
CA ARG C 269 -47.79 5.25 13.10
C ARG C 269 -46.27 5.40 13.12
N GLY C 270 -45.79 6.51 13.66
CA GLY C 270 -44.38 6.73 13.88
C GLY C 270 -44.10 7.09 15.33
N ALA C 271 -43.44 8.23 15.54
CA ALA C 271 -43.33 8.74 16.91
C ALA C 271 -44.66 9.28 17.40
N ILE C 272 -45.49 9.79 16.48
CA ILE C 272 -46.85 10.21 16.80
C ILE C 272 -47.79 9.63 15.75
N ARG C 273 -49.06 10.01 15.80
CA ARG C 273 -50.06 9.50 14.88
C ARG C 273 -50.07 10.35 13.62
N GLY C 274 -49.81 9.72 12.47
CA GLY C 274 -49.88 10.41 11.20
C GLY C 274 -51.25 10.32 10.56
N HIS C 275 -51.33 10.83 9.33
CA HIS C 275 -52.61 10.82 8.61
C HIS C 275 -53.06 9.40 8.28
N MET C 276 -52.13 8.55 7.83
CA MET C 276 -52.50 7.23 7.34
C MET C 276 -53.03 6.31 8.42
N THR C 277 -52.66 6.55 9.68
CA THR C 277 -53.12 5.71 10.79
C THR C 277 -54.37 6.27 11.46
N HIS C 278 -55.03 7.24 10.85
CA HIS C 278 -56.26 7.82 11.38
C HIS C 278 -57.31 7.79 10.28
N ALA C 279 -58.39 7.03 10.50
CA ALA C 279 -59.40 6.84 9.46
C ALA C 279 -60.04 8.14 8.99
N LEU C 280 -60.08 9.18 9.83
CA LEU C 280 -60.64 10.46 9.42
C LEU C 280 -59.72 11.24 8.48
N PHE C 281 -58.43 10.86 8.39
CA PHE C 281 -57.49 11.56 7.55
C PHE C 281 -56.60 10.60 6.75
N ALA C 282 -56.98 9.32 6.69
CA ALA C 282 -56.16 8.34 5.99
C ALA C 282 -56.26 8.47 4.47
N ALA C 283 -57.42 8.89 3.96
CA ALA C 283 -57.61 8.97 2.51
C ALA C 283 -56.93 10.17 1.88
N PHE C 284 -56.55 11.18 2.67
CA PHE C 284 -55.83 12.33 2.11
C PHE C 284 -54.43 11.93 1.64
N ASP C 285 -53.84 10.91 2.25
CA ASP C 285 -52.55 10.43 1.79
C ASP C 285 -52.70 9.79 0.41
N PRO C 286 -51.92 10.21 -0.57
CA PRO C 286 -52.04 9.61 -1.92
C PRO C 286 -51.75 8.12 -1.95
N ILE C 287 -51.04 7.57 -0.96
CA ILE C 287 -50.73 6.15 -0.96
C ILE C 287 -51.94 5.32 -0.57
N PHE C 288 -52.92 5.95 0.09
CA PHE C 288 -54.15 5.27 0.49
C PHE C 288 -54.74 4.48 -0.68
N TRP C 289 -54.90 5.14 -1.82
CA TRP C 289 -55.52 4.53 -2.98
C TRP C 289 -54.66 3.44 -3.61
N LEU C 290 -53.35 3.47 -3.40
CA LEU C 290 -52.52 2.33 -3.81
C LEU C 290 -52.68 1.14 -2.88
N HIS C 291 -53.06 1.37 -1.62
CA HIS C 291 -53.30 0.27 -0.68
C HIS C 291 -54.68 -0.36 -0.92
N HIS C 292 -55.73 0.44 -0.83
CA HIS C 292 -57.09 -0.07 -1.03
C HIS C 292 -57.35 -0.57 -2.44
N SER C 293 -56.45 -0.31 -3.39
CA SER C 293 -56.51 -1.01 -4.67
C SER C 293 -56.17 -2.48 -4.47
N ASN C 294 -54.99 -2.74 -3.88
CA ASN C 294 -54.58 -4.13 -3.67
C ASN C 294 -55.58 -4.87 -2.78
N VAL C 295 -56.13 -4.18 -1.78
CA VAL C 295 -57.19 -4.77 -0.96
C VAL C 295 -58.30 -5.29 -1.85
N ASP C 296 -58.77 -4.46 -2.79
CA ASP C 296 -59.79 -4.91 -3.72
C ASP C 296 -59.30 -6.09 -4.54
N ARG C 297 -58.04 -6.07 -4.96
CA ARG C 297 -57.43 -7.23 -5.59
C ARG C 297 -57.54 -8.44 -4.67
N HIS C 298 -57.16 -8.26 -3.40
CA HIS C 298 -57.31 -9.34 -2.42
C HIS C 298 -58.74 -9.83 -2.34
N LEU C 299 -59.71 -8.95 -2.57
CA LEU C 299 -61.10 -9.38 -2.63
C LEU C 299 -61.30 -10.33 -3.81
N SER C 300 -60.90 -9.90 -5.01
CA SER C 300 -61.12 -10.72 -6.19
C SER C 300 -60.43 -12.08 -6.08
N LEU C 301 -59.15 -12.06 -5.67
CA LEU C 301 -58.43 -13.31 -5.46
C LEU C 301 -59.14 -14.23 -4.49
N TRP C 302 -59.86 -13.66 -3.52
CA TRP C 302 -60.62 -14.49 -2.59
C TRP C 302 -61.89 -15.02 -3.24
N GLN C 303 -62.55 -14.20 -4.07
CA GLN C 303 -63.76 -14.65 -4.74
C GLN C 303 -63.50 -15.86 -5.62
N ALA C 304 -62.31 -15.94 -6.23
CA ALA C 304 -61.98 -17.10 -7.04
C ALA C 304 -61.83 -18.36 -6.20
N LEU C 305 -61.40 -18.23 -4.94
CA LEU C 305 -61.21 -19.40 -4.11
C LEU C 305 -62.52 -19.89 -3.51
N TYR C 306 -63.38 -18.98 -3.09
CA TYR C 306 -64.67 -19.32 -2.49
C TYR C 306 -65.80 -18.67 -3.27
N PRO C 307 -66.15 -19.20 -4.43
CA PRO C 307 -67.30 -18.67 -5.17
C PRO C 307 -68.61 -19.03 -4.47
N GLY C 308 -69.59 -18.14 -4.59
CA GLY C 308 -70.85 -18.32 -3.93
C GLY C 308 -70.92 -17.83 -2.50
N VAL C 309 -69.80 -17.34 -1.96
CA VAL C 309 -69.75 -16.78 -0.62
C VAL C 309 -69.66 -15.27 -0.75
N TRP C 310 -70.73 -14.57 -0.36
CA TRP C 310 -70.77 -13.12 -0.47
C TRP C 310 -71.29 -12.52 0.82
N VAL C 311 -71.89 -11.32 0.73
CA VAL C 311 -72.26 -10.58 1.92
C VAL C 311 -73.42 -11.27 2.64
N THR C 312 -73.28 -11.45 3.95
CA THR C 312 -74.34 -11.93 4.81
C THR C 312 -74.95 -10.74 5.55
N GLN C 313 -75.81 -11.02 6.52
CA GLN C 313 -76.49 -9.97 7.27
C GLN C 313 -75.79 -9.74 8.61
N GLY C 314 -75.56 -8.47 8.93
CA GLY C 314 -74.91 -8.09 10.17
C GLY C 314 -75.24 -6.68 10.60
N PRO C 315 -75.05 -6.39 11.88
CA PRO C 315 -75.45 -5.08 12.40
C PRO C 315 -74.38 -4.02 12.21
N GLU C 316 -74.81 -2.77 12.27
CA GLU C 316 -73.90 -1.63 12.23
C GLU C 316 -73.30 -1.45 13.62
N ARG C 317 -72.02 -1.81 13.76
CA ARG C 317 -71.38 -1.81 15.07
C ARG C 317 -70.90 -0.43 15.48
N GLU C 318 -70.01 0.17 14.67
CA GLU C 318 -69.42 1.44 15.04
C GLU C 318 -70.28 2.62 14.64
N GLY C 319 -70.87 2.56 13.45
CA GLY C 319 -71.74 3.63 12.99
C GLY C 319 -71.06 4.65 12.09
N SER C 320 -71.53 4.73 10.85
CA SER C 320 -71.08 5.72 9.88
C SER C 320 -72.19 6.75 9.68
N MET C 321 -71.98 7.66 8.72
CA MET C 321 -73.04 8.61 8.39
C MET C 321 -74.15 7.98 7.55
N GLY C 322 -73.94 6.77 7.04
CA GLY C 322 -74.96 6.07 6.30
C GLY C 322 -75.97 5.38 7.20
N PHE C 323 -75.51 4.79 8.30
CA PHE C 323 -76.37 4.05 9.21
C PHE C 323 -75.95 4.33 10.65
N ALA C 324 -76.94 4.42 11.53
CA ALA C 324 -76.67 4.61 12.95
C ALA C 324 -76.30 3.27 13.60
N PRO C 325 -75.51 3.31 14.68
CA PRO C 325 -75.15 2.06 15.36
C PRO C 325 -76.38 1.30 15.84
N GLY C 326 -76.53 0.08 15.34
CA GLY C 326 -77.71 -0.72 15.58
C GLY C 326 -78.52 -1.03 14.33
N THR C 327 -78.19 -0.43 13.20
CA THR C 327 -78.89 -0.70 11.95
C THR C 327 -78.43 -2.03 11.37
N GLU C 328 -79.38 -2.85 10.93
CA GLU C 328 -79.06 -4.14 10.33
C GLU C 328 -78.70 -3.95 8.86
N LEU C 329 -77.58 -4.53 8.46
CA LEU C 329 -77.07 -4.41 7.10
C LEU C 329 -77.04 -5.79 6.45
N ASN C 330 -77.12 -5.80 5.12
CA ASN C 330 -77.12 -7.05 4.37
C ASN C 330 -76.57 -6.77 2.97
N LYS C 331 -76.81 -7.70 2.06
CA LYS C 331 -76.38 -7.54 0.68
C LYS C 331 -77.16 -6.45 -0.06
N ASP C 332 -78.35 -6.11 0.42
CA ASP C 332 -79.21 -5.14 -0.23
C ASP C 332 -79.14 -3.76 0.42
N SER C 333 -78.14 -3.52 1.28
CA SER C 333 -77.98 -2.22 1.90
C SER C 333 -77.52 -1.19 0.88
N ALA C 334 -77.87 0.08 1.14
CA ALA C 334 -77.49 1.17 0.26
C ALA C 334 -76.07 1.61 0.56
N LEU C 335 -75.17 1.41 -0.40
CA LEU C 335 -73.76 1.75 -0.23
C LEU C 335 -73.58 3.24 -0.51
N GLU C 336 -74.01 4.05 0.44
CA GLU C 336 -73.90 5.50 0.32
C GLU C 336 -72.45 5.94 0.51
N PRO C 337 -72.04 7.04 -0.16
CA PRO C 337 -72.84 7.83 -1.09
C PRO C 337 -72.53 7.51 -2.55
N PHE C 338 -72.42 6.23 -2.87
CA PHE C 338 -72.08 5.78 -4.22
C PHE C 338 -73.36 5.39 -4.96
N TYR C 339 -73.59 6.04 -6.10
CA TYR C 339 -74.81 5.88 -6.86
C TYR C 339 -74.50 5.44 -8.28
N GLU C 340 -75.46 4.76 -8.91
CA GLU C 340 -75.39 4.45 -10.33
C GLU C 340 -76.26 5.39 -11.17
N THR C 341 -77.41 5.79 -10.64
CA THR C 341 -78.22 6.85 -11.21
C THR C 341 -78.32 8.00 -10.22
N GLU C 342 -79.12 9.01 -10.55
CA GLU C 342 -79.17 10.21 -9.73
C GLU C 342 -79.76 9.94 -8.35
N ASP C 343 -80.62 8.94 -8.22
CA ASP C 343 -81.26 8.64 -6.94
C ASP C 343 -81.44 7.13 -6.79
N LYS C 344 -80.35 6.38 -6.90
CA LYS C 344 -80.37 4.94 -6.70
C LYS C 344 -78.98 4.51 -6.24
N PRO C 345 -78.82 4.23 -4.94
CA PRO C 345 -77.49 3.83 -4.44
C PRO C 345 -77.09 2.46 -4.95
N TRP C 346 -75.81 2.16 -4.78
CA TRP C 346 -75.30 0.84 -5.12
C TRP C 346 -75.68 -0.17 -4.05
N THR C 347 -75.65 -1.44 -4.44
CA THR C 347 -75.88 -2.56 -3.53
C THR C 347 -74.73 -3.55 -3.67
N SER C 348 -74.63 -4.47 -2.72
CA SER C 348 -73.55 -5.44 -2.71
C SER C 348 -73.79 -6.60 -3.69
N VAL C 349 -74.97 -6.69 -4.28
CA VAL C 349 -75.32 -7.80 -5.16
C VAL C 349 -74.58 -7.71 -6.48
N PRO C 350 -74.63 -6.60 -7.24
CA PRO C 350 -73.97 -6.58 -8.54
C PRO C 350 -72.46 -6.36 -8.49
N LEU C 351 -71.91 -6.03 -7.33
CA LEU C 351 -70.48 -5.75 -7.20
C LEU C 351 -69.62 -7.01 -7.21
N THR C 352 -70.20 -8.18 -7.48
CA THR C 352 -69.42 -9.42 -7.52
C THR C 352 -68.55 -9.52 -8.76
N ASP C 353 -68.88 -8.79 -9.83
CA ASP C 353 -68.15 -8.87 -11.09
C ASP C 353 -67.42 -7.54 -11.31
N THR C 354 -66.09 -7.57 -11.18
CA THR C 354 -65.30 -6.35 -11.38
C THR C 354 -65.40 -5.86 -12.83
N ALA C 355 -65.63 -6.78 -13.77
CA ALA C 355 -65.74 -6.39 -15.18
C ALA C 355 -66.90 -5.42 -15.42
N LEU C 356 -67.86 -5.35 -14.50
CA LEU C 356 -68.95 -4.39 -14.64
C LEU C 356 -68.44 -2.96 -14.52
N LEU C 357 -67.37 -2.74 -13.75
CA LEU C 357 -66.79 -1.42 -13.56
C LEU C 357 -65.55 -1.20 -14.41
N ASN C 358 -65.38 -1.99 -15.48
CA ASN C 358 -64.33 -1.77 -16.48
C ASN C 358 -62.93 -1.83 -15.87
N TYR C 359 -62.69 -2.85 -15.05
CA TYR C 359 -61.35 -3.08 -14.53
C TYR C 359 -61.22 -4.53 -14.10
N SER C 360 -60.01 -5.05 -14.20
CA SER C 360 -59.70 -6.41 -13.79
C SER C 360 -58.30 -6.42 -13.19
N TYR C 361 -57.72 -7.61 -13.05
CA TYR C 361 -56.38 -7.77 -12.50
C TYR C 361 -55.61 -8.79 -13.31
N PRO C 362 -54.29 -8.62 -13.45
CA PRO C 362 -53.51 -9.53 -14.30
C PRO C 362 -53.47 -10.97 -13.81
N ASP C 363 -53.85 -11.24 -12.56
CA ASP C 363 -53.86 -12.61 -12.05
C ASP C 363 -54.88 -13.49 -12.77
N PHE C 364 -55.88 -12.89 -13.42
CA PHE C 364 -56.90 -13.63 -14.13
C PHE C 364 -56.75 -13.53 -15.65
N ASP C 365 -55.55 -13.17 -16.13
CA ASP C 365 -55.35 -13.03 -17.57
C ASP C 365 -55.37 -14.38 -18.27
N LYS C 366 -54.68 -15.38 -17.70
CA LYS C 366 -54.61 -16.69 -18.32
C LYS C 366 -55.92 -17.47 -18.26
N VAL C 367 -56.88 -17.01 -17.46
CA VAL C 367 -58.16 -17.70 -17.34
C VAL C 367 -59.29 -16.70 -17.57
N LYS C 368 -59.05 -15.73 -18.45
CA LYS C 368 -60.07 -14.74 -18.78
C LYS C 368 -61.17 -15.36 -19.65
N GLY C 369 -62.20 -15.89 -19.01
CA GLY C 369 -63.31 -16.50 -19.73
C GLY C 369 -63.41 -18.00 -19.51
N GLY C 370 -63.00 -18.45 -18.33
CA GLY C 370 -63.03 -19.85 -17.98
C GLY C 370 -64.14 -20.17 -16.99
N THR C 371 -64.30 -21.48 -16.74
CA THR C 371 -65.29 -21.93 -15.78
C THR C 371 -64.81 -21.65 -14.35
N PRO C 372 -65.73 -21.40 -13.42
CA PRO C 372 -65.31 -21.17 -12.02
C PRO C 372 -64.50 -22.32 -11.46
N ASP C 373 -64.82 -23.56 -11.86
CA ASP C 373 -64.09 -24.72 -11.37
C ASP C 373 -62.61 -24.62 -11.70
N LEU C 374 -62.28 -24.15 -12.90
CA LEU C 374 -60.87 -24.04 -13.30
C LEU C 374 -60.21 -22.85 -12.62
N VAL C 375 -60.94 -21.73 -12.52
CA VAL C 375 -60.39 -20.53 -11.91
C VAL C 375 -59.99 -20.80 -10.46
N ARG C 376 -60.80 -21.57 -9.74
CA ARG C 376 -60.47 -21.90 -8.35
C ARG C 376 -59.11 -22.60 -8.26
N ASP C 377 -58.91 -23.63 -9.08
CA ASP C 377 -57.66 -24.37 -9.04
C ASP C 377 -56.47 -23.49 -9.43
N TYR C 378 -56.58 -22.78 -10.55
CA TYR C 378 -55.47 -21.96 -11.00
C TYR C 378 -55.09 -20.90 -9.97
N ILE C 379 -56.10 -20.24 -9.38
CA ILE C 379 -55.81 -19.19 -8.41
C ILE C 379 -55.22 -19.78 -7.14
N ASN C 380 -55.71 -20.96 -6.73
CA ASN C 380 -55.14 -21.61 -5.55
C ASN C 380 -53.65 -21.90 -5.74
N ASP C 381 -53.30 -22.52 -6.88
CA ASP C 381 -51.89 -22.77 -7.16
C ASP C 381 -51.11 -21.47 -7.26
N HIS C 382 -51.71 -20.43 -7.85
CA HIS C 382 -51.03 -19.16 -8.00
C HIS C 382 -50.68 -18.55 -6.64
N ILE C 383 -51.60 -18.64 -5.67
CA ILE C 383 -51.31 -18.13 -4.33
C ILE C 383 -50.27 -19.01 -3.65
N ASP C 384 -50.30 -20.31 -3.94
CA ASP C 384 -49.30 -21.20 -3.36
C ASP C 384 -47.90 -20.84 -3.83
N ARG C 385 -47.76 -20.44 -5.10
CA ARG C 385 -46.45 -20.10 -5.62
C ARG C 385 -46.04 -18.67 -5.29
N ARG C 386 -47.01 -17.76 -5.14
CA ARG C 386 -46.73 -16.35 -4.91
C ARG C 386 -46.49 -16.04 -3.44
N TYR C 387 -47.49 -16.29 -2.60
CA TYR C 387 -47.43 -15.94 -1.18
C TYR C 387 -47.17 -17.13 -0.28
N GLY C 388 -47.14 -18.35 -0.81
CA GLY C 388 -46.94 -19.53 0.01
C GLY C 388 -45.52 -19.65 0.50
N ILE C 389 -45.25 -20.79 1.14
CA ILE C 389 -43.94 -21.10 1.69
C ILE C 389 -43.25 -22.09 0.76
N LYS C 390 -42.10 -21.70 0.24
CA LYS C 390 -41.34 -22.56 -0.67
C LYS C 390 -40.70 -23.71 0.11
N LYS C 391 -40.15 -24.66 -0.64
CA LYS C 391 -39.51 -25.81 -0.04
C LYS C 391 -38.10 -25.45 0.46
N SER C 392 -37.49 -26.39 1.17
CA SER C 392 -36.18 -26.15 1.75
C SER C 392 -35.10 -26.13 0.68
N GLU C 393 -34.17 -25.19 0.81
CA GLU C 393 -33.01 -25.14 -0.07
C GLU C 393 -32.07 -26.30 0.30
N GLY C 394 -32.04 -27.33 -0.55
CA GLY C 394 -31.17 -28.47 -0.30
C GLY C 394 -31.45 -29.21 0.98
N GLY C 395 -32.66 -29.08 1.54
CA GLY C 395 -32.99 -29.74 2.78
C GLY C 395 -33.28 -31.23 2.61
N LYS C 396 -32.89 -32.10 3.56
CA LYS C 396 -32.16 -31.85 4.82
C LYS C 396 -32.89 -30.93 5.82
N ASN C 397 -34.15 -30.61 5.53
CA ASN C 397 -34.98 -29.78 6.42
C ASN C 397 -36.41 -30.28 6.30
N PRO C 398 -36.76 -31.34 7.05
CA PRO C 398 -38.10 -31.93 6.89
C PRO C 398 -39.22 -31.05 7.43
N ALA C 399 -38.97 -30.31 8.50
CA ALA C 399 -40.02 -29.47 9.07
C ALA C 399 -40.52 -28.43 8.08
N LEU C 400 -39.61 -27.88 7.27
CA LEU C 400 -40.01 -26.84 6.32
C LEU C 400 -40.59 -27.45 5.05
N ASP C 401 -40.25 -28.69 4.72
CA ASP C 401 -40.92 -29.36 3.62
C ASP C 401 -42.36 -29.71 4.00
N LEU C 402 -42.56 -30.18 5.23
CA LEU C 402 -43.91 -30.42 5.72
C LEU C 402 -44.70 -29.11 5.77
N LEU C 403 -44.09 -28.06 6.33
CA LEU C 403 -44.75 -26.76 6.36
C LEU C 403 -45.07 -26.25 4.96
N SER C 404 -44.22 -26.58 3.98
CA SER C 404 -44.52 -26.24 2.60
C SER C 404 -45.72 -27.03 2.10
N ASP C 405 -45.84 -28.29 2.56
CA ASP C 405 -47.02 -29.08 2.21
C ASP C 405 -48.27 -28.49 2.83
N PHE C 406 -48.13 -27.75 3.93
CA PHE C 406 -49.31 -27.14 4.56
C PHE C 406 -49.55 -25.71 4.11
N LYS C 407 -48.49 -24.91 3.95
CA LYS C 407 -48.67 -23.50 3.62
C LYS C 407 -48.02 -23.15 2.28
N GLY C 408 -48.28 -23.96 1.25
CA GLY C 408 -47.72 -23.68 -0.06
C GLY C 408 -47.99 -24.80 -1.04
N VAL C 409 -47.08 -24.95 -2.00
CA VAL C 409 -47.20 -26.02 -2.98
C VAL C 409 -47.09 -27.37 -2.28
N THR C 410 -47.98 -28.28 -2.64
CA THR C 410 -48.14 -29.54 -1.93
C THR C 410 -47.48 -30.67 -2.72
N HIS C 411 -46.44 -31.26 -2.13
CA HIS C 411 -45.82 -32.45 -2.70
C HIS C 411 -46.58 -33.69 -2.24
N ASP C 412 -46.82 -34.60 -3.19
CA ASP C 412 -47.61 -35.78 -2.88
C ASP C 412 -46.91 -36.67 -1.85
N HIS C 413 -47.71 -37.30 -1.01
CA HIS C 413 -47.21 -38.15 0.07
C HIS C 413 -47.98 -39.45 0.09
N ASN C 414 -47.28 -40.53 0.45
CA ASN C 414 -47.90 -41.85 0.48
C ASN C 414 -48.89 -41.96 1.63
N GLU C 415 -48.48 -41.61 2.84
CA GLU C 415 -49.35 -41.58 4.00
C GLU C 415 -49.87 -40.17 4.24
N ASP C 416 -50.79 -40.05 5.18
CA ASP C 416 -51.34 -38.75 5.53
C ASP C 416 -50.41 -38.02 6.51
N LEU C 417 -50.35 -36.71 6.37
CA LEU C 417 -49.42 -35.89 7.14
C LEU C 417 -50.18 -35.04 8.16
N LYS C 418 -49.68 -34.99 9.39
CA LYS C 418 -50.35 -34.26 10.46
C LYS C 418 -49.35 -33.38 11.20
N MET C 419 -49.74 -32.13 11.43
CA MET C 419 -48.92 -31.21 12.21
C MET C 419 -49.81 -30.11 12.76
N PHE C 420 -49.30 -29.41 13.77
CA PHE C 420 -50.03 -28.35 14.45
C PHE C 420 -49.74 -27.00 13.81
N ASP C 421 -50.80 -26.30 13.42
CA ASP C 421 -50.70 -24.91 12.95
C ASP C 421 -50.76 -23.99 14.16
N TRP C 422 -49.72 -23.18 14.33
CA TRP C 422 -49.55 -22.36 15.52
C TRP C 422 -49.80 -20.90 15.19
N THR C 423 -50.60 -20.23 16.03
CA THR C 423 -50.89 -18.83 15.84
C THR C 423 -51.02 -18.14 17.18
N ILE C 424 -50.81 -16.83 17.18
CA ILE C 424 -51.01 -15.98 18.33
C ILE C 424 -52.36 -15.31 18.16
N GLN C 425 -53.30 -15.68 19.04
CA GLN C 425 -54.65 -15.15 19.03
C GLN C 425 -54.75 -14.03 20.05
N ALA C 426 -55.22 -12.86 19.61
CA ALA C 426 -55.34 -11.69 20.46
C ALA C 426 -56.73 -11.09 20.28
N SER C 427 -57.49 -10.98 21.37
CA SER C 427 -58.85 -10.46 21.32
C SER C 427 -58.99 -9.30 22.30
N TRP C 428 -59.46 -8.16 21.81
CA TRP C 428 -59.63 -6.97 22.64
C TRP C 428 -60.89 -6.24 22.21
N LYS C 429 -61.39 -5.39 23.10
CA LYS C 429 -62.60 -4.61 22.83
C LYS C 429 -62.21 -3.26 22.22
N LYS C 430 -62.67 -3.02 21.00
CA LYS C 430 -62.47 -1.71 20.38
C LYS C 430 -63.20 -0.63 21.17
N PHE C 431 -62.75 0.61 21.00
CA PHE C 431 -63.27 1.82 21.64
C PHE C 431 -62.89 1.91 23.11
N GLU C 432 -62.14 0.94 23.65
CA GLU C 432 -61.61 1.08 25.00
C GLU C 432 -60.60 2.22 25.06
N LEU C 433 -59.69 2.27 24.09
CA LEU C 433 -58.80 3.40 23.90
C LEU C 433 -59.18 4.12 22.61
N ASP C 434 -59.21 5.44 22.66
CA ASP C 434 -59.56 6.25 21.49
C ASP C 434 -58.34 6.70 20.71
N ASP C 435 -57.18 6.11 20.95
CA ASP C 435 -55.96 6.40 20.21
C ASP C 435 -55.46 5.12 19.54
N SER C 436 -55.07 5.24 18.28
CA SER C 436 -54.58 4.08 17.54
C SER C 436 -53.32 3.54 18.19
N PHE C 437 -53.29 2.22 18.40
CA PHE C 437 -52.16 1.59 19.07
C PHE C 437 -51.69 0.37 18.28
N ALA C 438 -50.77 -0.40 18.86
CA ALA C 438 -50.27 -1.59 18.19
C ALA C 438 -49.69 -2.54 19.23
N ILE C 439 -49.81 -3.84 18.94
CA ILE C 439 -49.29 -4.90 19.79
C ILE C 439 -48.06 -5.46 19.10
N ILE C 440 -46.89 -5.29 19.72
CA ILE C 440 -45.62 -5.73 19.15
C ILE C 440 -45.19 -7.00 19.87
N PHE C 441 -45.02 -8.08 19.12
CA PHE C 441 -44.51 -9.34 19.65
C PHE C 441 -43.05 -9.51 19.26
N TYR C 442 -42.27 -10.11 20.15
CA TYR C 442 -40.87 -10.40 19.85
C TYR C 442 -40.32 -11.37 20.88
N PHE C 443 -39.27 -12.08 20.49
CA PHE C 443 -38.54 -12.95 21.41
C PHE C 443 -37.68 -12.09 22.33
N ALA C 444 -37.89 -12.21 23.63
CA ALA C 444 -37.27 -11.32 24.61
C ALA C 444 -35.85 -11.73 24.98
N ALA C 445 -35.34 -12.83 24.44
CA ALA C 445 -33.99 -13.26 24.76
C ALA C 445 -32.97 -12.29 24.17
N ASP C 446 -31.82 -12.19 24.85
CA ASP C 446 -30.71 -11.34 24.44
C ASP C 446 -31.06 -9.85 24.44
N GLY C 447 -31.94 -9.43 25.34
CA GLY C 447 -32.22 -8.02 25.54
C GLY C 447 -33.45 -7.55 24.78
N SER C 448 -33.85 -6.31 25.09
CA SER C 448 -34.99 -5.67 24.45
C SER C 448 -34.59 -4.56 23.49
N THR C 449 -33.32 -4.16 23.48
CA THR C 449 -32.84 -3.11 22.59
C THR C 449 -32.13 -3.65 21.36
N ASN C 450 -31.92 -4.97 21.27
CA ASN C 450 -31.24 -5.54 20.11
C ASN C 450 -32.13 -5.53 18.88
N VAL C 451 -33.45 -5.63 19.06
CA VAL C 451 -34.46 -5.67 18.01
C VAL C 451 -33.97 -6.49 16.82
N THR C 452 -33.51 -7.71 17.09
CA THR C 452 -32.97 -8.57 16.05
C THR C 452 -34.04 -8.94 15.04
N LYS C 453 -33.67 -8.91 13.76
CA LYS C 453 -34.62 -9.26 12.71
C LYS C 453 -35.02 -10.73 12.78
N GLU C 454 -34.14 -11.59 13.31
CA GLU C 454 -34.46 -13.01 13.42
C GLU C 454 -35.32 -13.29 14.64
N ASN C 455 -35.26 -12.44 15.65
CA ASN C 455 -36.06 -12.59 16.87
C ASN C 455 -37.24 -11.63 16.89
N TYR C 456 -37.89 -11.45 15.74
CA TYR C 456 -39.06 -10.55 15.68
C TYR C 456 -40.33 -11.29 15.25
N ILE C 457 -41.26 -11.40 16.18
CA ILE C 457 -42.52 -12.10 15.93
C ILE C 457 -43.56 -11.58 14.93
N GLY C 458 -43.86 -10.30 14.94
CA GLY C 458 -44.92 -9.78 14.07
C GLY C 458 -45.55 -8.54 14.68
N SER C 459 -46.81 -8.24 14.39
CA SER C 459 -47.36 -7.04 14.99
C SER C 459 -48.84 -6.94 14.62
N ILE C 460 -49.64 -6.43 15.54
CA ILE C 460 -51.07 -6.26 15.31
C ILE C 460 -51.38 -4.76 15.40
N ASN C 461 -51.74 -4.16 14.27
CA ASN C 461 -51.95 -2.72 14.20
C ASN C 461 -53.45 -2.41 14.23
N ILE C 462 -53.80 -1.30 14.87
CA ILE C 462 -55.19 -0.91 15.08
C ILE C 462 -55.46 0.32 14.24
N PHE C 463 -56.44 0.22 13.33
CA PHE C 463 -56.81 1.32 12.45
C PHE C 463 -58.11 1.92 12.98
N ARG C 464 -57.99 3.05 13.67
CA ARG C 464 -59.15 3.74 14.23
C ARG C 464 -59.04 5.25 14.00
N ASP C 478 -72.94 -1.89 21.05
CA ASP C 478 -73.08 -3.35 21.10
C ASP C 478 -71.80 -3.99 21.62
N ASN C 479 -70.76 -3.17 21.84
CA ASN C 479 -69.49 -3.61 22.36
C ASN C 479 -68.90 -4.74 21.52
N LEU C 480 -68.31 -4.41 20.38
CA LEU C 480 -67.74 -5.42 19.50
C LEU C 480 -66.41 -5.92 20.05
N VAL C 481 -66.10 -7.18 19.73
CA VAL C 481 -64.84 -7.80 20.11
C VAL C 481 -64.01 -7.99 18.84
N GLN C 482 -62.87 -7.31 18.78
CA GLN C 482 -61.96 -7.35 17.64
C GLN C 482 -60.81 -8.30 17.93
N GLU C 483 -60.41 -9.07 16.91
CA GLU C 483 -59.39 -10.09 17.09
C GLU C 483 -58.33 -9.98 15.99
N GLY C 484 -57.16 -10.53 16.30
CA GLY C 484 -56.04 -10.55 15.37
C GLY C 484 -55.16 -11.75 15.62
N PHE C 485 -54.42 -12.14 14.58
CA PHE C 485 -53.61 -13.34 14.60
C PHE C 485 -52.19 -13.03 14.13
N VAL C 486 -51.22 -13.73 14.70
CA VAL C 486 -49.82 -13.62 14.26
C VAL C 486 -49.22 -15.02 14.19
N HIS C 487 -48.78 -15.44 13.01
CA HIS C 487 -48.36 -16.82 12.79
C HIS C 487 -46.96 -17.08 13.33
N LEU C 488 -46.71 -18.35 13.69
CA LEU C 488 -45.46 -18.76 14.31
C LEU C 488 -44.82 -19.98 13.64
N ASP C 489 -45.35 -20.44 12.50
CA ASP C 489 -44.92 -21.73 11.97
C ASP C 489 -43.48 -21.69 11.47
N ARG C 490 -43.14 -20.67 10.68
CA ARG C 490 -41.81 -20.62 10.08
C ARG C 490 -40.73 -20.51 11.15
N PHE C 491 -41.02 -19.83 12.25
CA PHE C 491 -40.05 -19.74 13.34
C PHE C 491 -39.81 -21.09 13.98
N ILE C 492 -40.85 -21.93 14.07
CA ILE C 492 -40.66 -23.27 14.61
C ILE C 492 -39.87 -24.13 13.63
N ALA C 493 -40.18 -24.02 12.34
CA ALA C 493 -39.43 -24.78 11.34
C ALA C 493 -37.97 -24.36 11.29
N ARG C 494 -37.67 -23.12 11.69
CA ARG C 494 -36.29 -22.66 11.68
C ARG C 494 -35.47 -23.33 12.76
N ASP C 495 -36.03 -23.46 13.97
CA ASP C 495 -35.28 -24.01 15.09
C ASP C 495 -35.64 -25.46 15.36
N LEU C 496 -36.87 -25.70 15.83
CA LEU C 496 -37.29 -27.04 16.22
C LEU C 496 -37.42 -27.94 14.99
N ASP C 497 -37.72 -29.21 15.25
CA ASP C 497 -37.96 -30.19 14.20
C ASP C 497 -39.36 -30.75 14.24
N THR C 498 -40.20 -30.29 15.17
CA THR C 498 -41.57 -30.79 15.29
C THR C 498 -42.48 -29.65 15.74
N PHE C 499 -43.78 -29.84 15.54
CA PHE C 499 -44.78 -28.85 15.91
C PHE C 499 -45.66 -29.33 17.06
N ASP C 500 -45.18 -30.27 17.88
CA ASP C 500 -45.98 -30.77 18.99
C ASP C 500 -46.15 -29.68 20.05
N PRO C 501 -47.31 -29.63 20.71
CA PRO C 501 -47.48 -28.64 21.79
C PRO C 501 -46.53 -28.86 22.95
N GLN C 502 -46.14 -30.11 23.23
CA GLN C 502 -45.21 -30.38 24.31
C GLN C 502 -43.81 -29.83 24.03
N ALA C 503 -43.41 -29.71 22.77
CA ALA C 503 -42.11 -29.16 22.40
C ALA C 503 -42.10 -27.63 22.38
N VAL C 504 -43.09 -27.02 21.71
CA VAL C 504 -43.19 -25.57 21.71
C VAL C 504 -43.50 -25.03 23.11
N HIS C 505 -44.07 -25.88 23.97
CA HIS C 505 -44.36 -25.48 25.35
C HIS C 505 -43.11 -24.95 26.04
N ARG C 506 -41.97 -25.59 25.82
CA ARG C 506 -40.70 -25.13 26.34
C ARG C 506 -39.89 -24.33 25.33
N TYR C 507 -40.18 -24.48 24.03
CA TYR C 507 -39.47 -23.72 23.02
C TYR C 507 -39.79 -22.23 23.12
N LEU C 508 -41.08 -21.89 23.06
CA LEU C 508 -41.47 -20.48 23.09
C LEU C 508 -41.13 -19.83 24.43
N LYS C 509 -41.12 -20.60 25.51
CA LYS C 509 -40.71 -20.06 26.81
C LYS C 509 -39.20 -19.87 26.88
N GLU C 510 -38.43 -20.79 26.29
CA GLU C 510 -36.98 -20.62 26.24
C GLU C 510 -36.56 -19.48 25.33
N LYS C 511 -37.36 -19.13 24.33
CA LYS C 511 -37.06 -18.02 23.45
C LYS C 511 -38.07 -16.88 23.65
N LEU C 513 -40.65 -15.51 24.57
CA LEU C 513 -41.65 -14.82 23.78
C LEU C 513 -42.42 -13.82 24.64
N SER C 514 -42.46 -12.56 24.18
CA SER C 514 -43.14 -11.53 24.93
C SER C 514 -43.78 -10.55 23.96
N TYR C 515 -44.63 -9.68 24.50
CA TYR C 515 -45.33 -8.68 23.72
C TYR C 515 -45.34 -7.35 24.47
N LYS C 516 -45.80 -6.31 23.79
CA LYS C 516 -45.87 -4.97 24.36
C LYS C 516 -46.87 -4.16 23.55
N VAL C 517 -47.91 -3.65 24.22
CA VAL C 517 -48.90 -2.80 23.59
C VAL C 517 -48.42 -1.36 23.70
N VAL C 518 -48.08 -0.77 22.56
CA VAL C 518 -47.52 0.58 22.50
C VAL C 518 -48.42 1.46 21.66
N ALA C 519 -48.64 2.68 22.13
CA ALA C 519 -49.34 3.72 21.39
C ALA C 519 -48.43 4.92 21.25
N ASP C 520 -48.28 5.41 20.01
CA ASP C 520 -47.36 6.49 19.69
C ASP C 520 -45.94 6.14 20.10
N ASP C 521 -45.52 6.56 21.29
CA ASP C 521 -44.17 6.28 21.76
C ASP C 521 -44.20 5.63 23.15
N HIS C 522 -44.98 6.21 24.06
CA HIS C 522 -45.07 5.66 25.41
C HIS C 522 -45.90 4.40 25.42
N SER C 523 -45.80 3.65 26.51
CA SER C 523 -46.55 2.41 26.69
C SER C 523 -47.92 2.70 27.29
N VAL C 524 -48.94 2.07 26.72
CA VAL C 524 -50.32 2.22 27.17
C VAL C 524 -50.85 0.85 27.56
N THR C 525 -51.85 0.86 28.44
CA THR C 525 -52.43 -0.37 28.96
C THR C 525 -53.94 -0.32 28.82
N LEU C 526 -54.51 -1.39 28.26
CA LEU C 526 -55.95 -1.60 28.24
C LEU C 526 -56.27 -2.94 28.89
N LYS C 527 -57.51 -3.07 29.37
CA LYS C 527 -57.89 -4.20 30.20
C LYS C 527 -58.67 -5.29 29.46
N SER C 528 -59.27 -4.98 28.32
CA SER C 528 -60.13 -5.92 27.63
C SER C 528 -59.37 -6.87 26.72
N LEU C 529 -58.05 -6.87 26.76
CA LEU C 529 -57.28 -7.71 25.85
C LEU C 529 -57.02 -9.08 26.47
N ARG C 530 -56.88 -10.07 25.59
CA ARG C 530 -56.65 -11.46 25.98
C ARG C 530 -55.78 -12.07 24.89
N ILE C 531 -54.55 -12.42 25.26
CA ILE C 531 -53.57 -12.99 24.35
C ILE C 531 -53.40 -14.47 24.69
N ARG C 532 -53.19 -15.29 23.67
CA ARG C 532 -52.97 -16.71 23.87
C ARG C 532 -52.34 -17.29 22.62
N VAL C 533 -51.87 -18.54 22.74
CA VAL C 533 -51.30 -19.28 21.62
C VAL C 533 -52.24 -20.42 21.28
N GLN C 534 -52.74 -20.44 20.05
CA GLN C 534 -53.67 -21.46 19.58
C GLN C 534 -52.93 -22.41 18.65
N GLY C 535 -53.03 -23.71 18.93
CA GLY C 535 -52.48 -24.73 18.07
C GLY C 535 -53.57 -25.65 17.54
N ARG C 536 -53.75 -25.64 16.22
CA ARG C 536 -54.80 -26.42 15.58
C ARG C 536 -54.21 -27.67 14.95
N PRO C 537 -54.67 -28.87 15.32
CA PRO C 537 -54.21 -30.07 14.63
C PRO C 537 -54.73 -30.13 13.20
N LEU C 538 -53.83 -30.02 12.22
CA LEU C 538 -54.19 -30.08 10.82
C LEU C 538 -53.60 -31.34 10.19
N HIS C 539 -54.43 -32.02 9.40
CA HIS C 539 -54.00 -33.23 8.70
C HIS C 539 -54.33 -33.11 7.22
N LEU C 540 -53.58 -33.87 6.43
CA LEU C 540 -53.72 -33.91 4.97
C LEU C 540 -53.72 -35.37 4.56
N PRO C 541 -54.87 -35.92 4.18
CA PRO C 541 -54.90 -37.26 3.60
C PRO C 541 -54.03 -37.35 2.36
N PRO C 542 -53.61 -38.55 1.97
CA PRO C 542 -52.65 -38.68 0.87
C PRO C 542 -53.14 -38.17 -0.49
N GLY C 543 -54.44 -37.92 -0.64
CA GLY C 543 -54.99 -37.55 -1.93
C GLY C 543 -55.51 -36.15 -2.07
N VAL C 544 -55.27 -35.25 -1.10
CA VAL C 544 -55.80 -33.90 -1.14
C VAL C 544 -54.68 -32.91 -0.90
N SER C 545 -54.93 -31.66 -1.32
CA SER C 545 -53.99 -30.56 -1.13
C SER C 545 -54.46 -29.54 -0.11
N PHE C 546 -55.73 -29.57 0.29
CA PHE C 546 -56.27 -28.60 1.24
C PHE C 546 -56.26 -29.20 2.64
N PRO C 547 -55.55 -28.59 3.59
CA PRO C 547 -55.52 -29.14 4.94
C PRO C 547 -56.87 -29.05 5.62
N ARG C 548 -57.16 -30.03 6.47
CA ARG C 548 -58.43 -30.12 7.17
C ARG C 548 -58.19 -30.24 8.67
N LEU C 549 -59.24 -29.94 9.44
CA LEU C 549 -59.17 -30.03 10.89
C LEU C 549 -59.12 -31.49 11.32
N ASP C 550 -58.27 -31.77 12.30
CA ASP C 550 -58.12 -33.12 12.85
C ASP C 550 -59.10 -33.29 14.00
N LYS C 551 -60.15 -34.09 13.77
CA LYS C 551 -61.17 -34.33 14.80
C LYS C 551 -60.72 -35.31 15.86
N ASN C 552 -59.48 -35.80 15.80
CA ASN C 552 -58.97 -36.73 16.79
C ASN C 552 -58.28 -36.01 17.93
N ILE C 553 -57.26 -35.21 17.63
CA ILE C 553 -56.54 -34.44 18.64
C ILE C 553 -57.28 -33.12 18.85
N PRO C 554 -57.58 -32.75 20.09
CA PRO C 554 -58.32 -31.49 20.32
C PRO C 554 -57.43 -30.28 20.09
N ILE C 555 -58.08 -29.12 20.04
CA ILE C 555 -57.36 -27.86 19.86
C ILE C 555 -56.58 -27.55 21.13
N VAL C 556 -55.41 -26.94 20.95
CA VAL C 556 -54.50 -26.63 22.05
C VAL C 556 -54.50 -25.12 22.28
N ASN C 557 -54.50 -24.73 23.55
CA ASN C 557 -54.44 -23.31 23.93
C ASN C 557 -53.43 -23.13 25.04
N PHE C 558 -52.50 -22.19 24.84
CA PHE C 558 -51.49 -21.83 25.83
C PHE C 558 -51.76 -20.41 26.32
N ASP C 559 -51.97 -20.28 27.62
CA ASP C 559 -52.19 -18.98 28.26
C ASP C 559 -51.10 -18.67 29.29
N ASP C 560 -49.95 -19.34 29.19
CA ASP C 560 -48.85 -19.14 30.13
C ASP C 560 -47.54 -18.84 29.43
N VAL C 561 -47.55 -18.60 28.12
CA VAL C 561 -46.33 -18.41 27.35
C VAL C 561 -46.02 -16.94 27.14
N LEU C 562 -47.05 -16.11 26.95
CA LEU C 562 -46.83 -14.69 26.69
C LEU C 562 -46.40 -13.97 27.96
N ASP C 563 -45.57 -12.94 27.77
CA ASP C 563 -45.07 -12.11 28.85
C ASP C 563 -45.25 -10.65 28.50
N LEU C 564 -45.59 -9.84 29.50
CA LEU C 564 -45.83 -8.42 29.30
C LEU C 564 -44.55 -7.63 29.45
N VAL C 565 -44.34 -6.67 28.54
CA VAL C 565 -43.14 -5.83 28.53
C VAL C 565 -43.58 -4.38 28.44
N THR C 566 -42.94 -3.52 29.24
CA THR C 566 -43.21 -2.09 29.21
C THR C 566 -41.93 -1.31 28.92
N LEU D 12 49.20 11.07 -24.02
CA LEU D 12 49.35 10.80 -22.60
C LEU D 12 48.37 11.61 -21.76
N LEU D 13 47.78 10.97 -20.76
CA LEU D 13 46.94 11.69 -19.80
C LEU D 13 47.84 12.46 -18.85
N ALA D 14 47.71 13.78 -18.85
CA ALA D 14 48.53 14.62 -18.00
C ALA D 14 47.97 14.69 -16.60
N THR D 15 48.87 14.59 -15.60
CA THR D 15 48.49 14.65 -14.20
C THR D 15 48.31 16.12 -13.82
N VAL D 16 47.07 16.60 -13.88
CA VAL D 16 46.76 18.00 -13.58
C VAL D 16 46.09 18.18 -12.23
N GLY D 17 45.65 17.10 -11.58
CA GLY D 17 45.03 17.22 -10.29
C GLY D 17 43.51 17.30 -10.39
N PRO D 18 42.85 17.36 -9.23
CA PRO D 18 41.38 17.42 -9.23
C PRO D 18 40.87 18.78 -9.69
N THR D 19 39.61 18.78 -10.13
CA THR D 19 38.96 19.98 -10.61
C THR D 19 38.29 20.73 -9.45
N GLY D 20 37.70 21.87 -9.76
CA GLY D 20 37.06 22.70 -8.76
C GLY D 20 38.04 23.62 -8.08
N GLY D 21 37.57 24.22 -6.98
CA GLY D 21 38.40 25.12 -6.20
C GLY D 21 39.44 24.36 -5.39
N VAL D 22 40.02 25.08 -4.45
CA VAL D 22 41.01 24.52 -3.52
C VAL D 22 40.25 23.99 -2.31
N LYS D 23 40.12 22.67 -2.22
CA LYS D 23 39.39 22.03 -1.14
C LYS D 23 40.35 21.28 -0.23
N ASN D 24 39.91 21.07 1.01
CA ASN D 24 40.72 20.41 2.02
C ASN D 24 40.54 18.90 1.96
N ARG D 25 41.63 18.19 2.26
CA ARG D 25 41.58 16.75 2.49
C ARG D 25 41.25 16.50 3.96
N LEU D 26 40.13 15.84 4.20
CA LEU D 26 39.61 15.72 5.56
C LEU D 26 40.21 14.50 6.26
N ASP D 27 40.17 14.54 7.59
CA ASP D 27 40.58 13.38 8.38
C ASP D 27 39.58 12.24 8.17
N ILE D 28 40.09 11.02 8.11
CA ILE D 28 39.24 9.86 7.86
C ILE D 28 38.21 9.68 8.96
N VAL D 29 38.48 10.19 10.16
CA VAL D 29 37.49 10.15 11.23
C VAL D 29 36.28 11.02 10.87
N ASP D 30 36.53 12.15 10.21
CA ASP D 30 35.45 13.05 9.81
C ASP D 30 34.91 12.75 8.42
N PHE D 31 35.70 12.08 7.57
CA PHE D 31 35.26 11.80 6.21
C PHE D 31 34.10 10.80 6.19
N VAL D 32 34.11 9.83 7.11
CA VAL D 32 33.05 8.83 7.14
C VAL D 32 31.76 9.39 7.70
N ARG D 33 31.81 10.53 8.39
CA ARG D 33 30.60 11.13 8.93
C ARG D 33 29.87 12.00 7.93
N ASP D 34 30.52 12.40 6.84
CA ASP D 34 29.88 13.17 5.78
C ASP D 34 29.29 12.19 4.77
N GLU D 35 27.96 12.16 4.68
CA GLU D 35 27.30 11.15 3.86
C GLU D 35 27.62 11.34 2.38
N LYS D 36 27.66 12.59 1.91
CA LYS D 36 27.93 12.84 0.51
C LYS D 36 29.34 12.41 0.12
N PHE D 37 30.33 12.82 0.91
CA PHE D 37 31.72 12.49 0.60
C PHE D 37 31.97 10.99 0.69
N PHE D 38 31.48 10.34 1.74
CA PHE D 38 31.69 8.91 1.89
C PHE D 38 30.99 8.13 0.78
N THR D 39 29.75 8.52 0.46
CA THR D 39 29.02 7.85 -0.61
C THR D 39 29.76 7.99 -1.94
N LEU D 40 30.19 9.22 -2.26
CA LEU D 40 30.92 9.43 -3.51
C LEU D 40 32.25 8.66 -3.52
N TYR D 41 32.89 8.50 -2.37
CA TYR D 41 34.15 7.76 -2.33
C TYR D 41 33.92 6.28 -2.61
N VAL D 42 32.90 5.69 -1.97
CA VAL D 42 32.60 4.28 -2.21
C VAL D 42 32.19 4.06 -3.65
N ARG D 43 31.35 4.95 -4.18
CA ARG D 43 30.88 4.82 -5.56
C ARG D 43 32.02 4.92 -6.55
N ALA D 44 32.89 5.94 -6.39
CA ALA D 44 33.98 6.13 -7.33
C ALA D 44 35.00 5.00 -7.24
N LEU D 45 35.35 4.58 -6.01
CA LEU D 45 36.32 3.51 -5.84
C LEU D 45 35.82 2.20 -6.45
N GLN D 46 34.56 1.86 -6.21
CA GLN D 46 34.01 0.66 -6.84
C GLN D 46 33.88 0.83 -8.35
N ALA D 47 33.66 2.07 -8.81
CA ALA D 47 33.55 2.34 -10.24
C ALA D 47 34.87 2.04 -10.95
N ILE D 48 35.97 2.59 -10.44
CA ILE D 48 37.27 2.25 -11.00
C ILE D 48 37.66 0.83 -10.67
N GLN D 49 36.96 0.20 -9.71
CA GLN D 49 37.25 -1.19 -9.39
C GLN D 49 36.73 -2.12 -10.47
N ASP D 50 35.54 -1.88 -11.00
CA ASP D 50 34.99 -2.76 -12.02
C ASP D 50 35.62 -2.58 -13.40
N LYS D 51 36.33 -1.48 -13.62
CA LYS D 51 36.92 -1.23 -14.94
C LYS D 51 38.02 -2.23 -15.27
N ASP D 52 38.32 -2.33 -16.57
CA ASP D 52 39.33 -3.25 -17.07
C ASP D 52 40.73 -2.75 -16.74
N GLN D 53 41.69 -3.68 -16.72
CA GLN D 53 43.07 -3.33 -16.41
C GLN D 53 43.80 -2.70 -17.60
N ALA D 54 43.22 -2.75 -18.80
CA ALA D 54 43.83 -2.08 -19.94
C ALA D 54 43.55 -0.59 -19.95
N ASP D 55 42.52 -0.13 -19.24
CA ASP D 55 42.22 1.29 -19.19
C ASP D 55 43.25 2.00 -18.31
N TYR D 56 43.75 3.15 -18.80
CA TYR D 56 44.77 3.88 -18.07
C TYR D 56 44.26 4.45 -16.76
N SER D 57 42.94 4.67 -16.64
CA SER D 57 42.34 5.29 -15.46
C SER D 57 41.74 4.28 -14.50
N SER D 58 42.20 3.03 -14.53
CA SER D 58 41.68 2.01 -13.63
C SER D 58 42.55 1.90 -12.38
N PHE D 59 41.99 1.27 -11.35
CA PHE D 59 42.73 1.08 -10.10
C PHE D 59 43.96 0.21 -10.31
N PHE D 60 43.87 -0.79 -11.21
CA PHE D 60 44.99 -1.69 -11.42
C PHE D 60 46.15 -0.98 -12.09
N GLN D 61 45.88 -0.12 -13.06
CA GLN D 61 46.97 0.57 -13.75
C GLN D 61 47.62 1.62 -12.85
N LEU D 62 46.81 2.33 -12.07
CA LEU D 62 47.37 3.31 -11.13
C LEU D 62 48.18 2.63 -10.03
N SER D 63 47.70 1.48 -9.53
CA SER D 63 48.43 0.75 -8.52
C SER D 63 49.65 0.03 -9.09
N GLY D 64 49.65 -0.26 -10.39
CA GLY D 64 50.79 -0.87 -11.04
C GLY D 64 51.96 0.06 -11.28
N ILE D 65 51.84 1.32 -10.89
CA ILE D 65 52.94 2.27 -11.04
C ILE D 65 53.89 2.17 -9.86
N HIS D 66 53.36 2.00 -8.64
CA HIS D 66 54.19 1.91 -7.46
C HIS D 66 55.05 0.65 -7.47
N GLY D 67 54.56 -0.43 -8.06
CA GLY D 67 55.31 -1.68 -8.13
C GLY D 67 54.99 -2.45 -9.38
N LEU D 68 54.78 -3.77 -9.23
CA LEU D 68 54.42 -4.62 -10.35
C LEU D 68 53.05 -4.23 -10.92
N PRO D 69 52.88 -4.37 -12.25
CA PRO D 69 53.88 -4.89 -13.21
C PRO D 69 54.92 -3.86 -13.62
N PHE D 70 55.99 -4.34 -14.27
CA PHE D 70 57.06 -3.48 -14.76
C PHE D 70 56.78 -3.05 -16.20
N THR D 71 55.65 -2.37 -16.38
CA THR D 71 55.21 -1.94 -17.70
C THR D 71 55.00 -0.43 -17.72
N PRO D 72 55.20 0.20 -18.88
CA PRO D 72 54.93 1.64 -18.98
C PRO D 72 53.46 1.96 -18.76
N TRP D 73 53.20 3.15 -18.23
CA TRP D 73 51.85 3.60 -17.91
C TRP D 73 51.51 4.79 -18.78
N ALA D 74 50.42 4.69 -19.53
CA ALA D 74 49.95 5.73 -20.43
C ALA D 74 51.03 6.15 -21.42
N THR D 79 56.88 6.93 -26.31
CA THR D 79 56.72 5.55 -25.86
C THR D 79 57.94 4.71 -26.24
N PRO D 80 59.11 5.29 -26.04
CA PRO D 80 60.38 4.62 -26.35
C PRO D 80 60.72 3.50 -25.39
N THR D 81 61.61 2.59 -25.82
CA THR D 81 62.04 1.47 -24.99
C THR D 81 62.80 2.00 -23.78
N VAL D 82 62.64 1.32 -22.65
CA VAL D 82 63.29 1.74 -21.41
C VAL D 82 64.42 0.84 -21.01
N PRO D 83 65.55 1.46 -20.69
CA PRO D 83 66.77 0.76 -20.30
C PRO D 83 66.70 -0.06 -19.01
N TYR D 84 66.08 0.46 -17.96
CA TYR D 84 66.01 -0.27 -16.70
C TYR D 84 64.59 -0.62 -16.32
N GLU D 85 64.32 -1.90 -16.09
CA GLU D 85 62.99 -2.37 -15.73
C GLU D 85 62.84 -2.63 -14.23
N SER D 86 61.92 -1.89 -13.63
CA SER D 86 61.59 -1.98 -12.22
C SER D 86 60.35 -1.13 -11.96
N GLY D 87 59.96 -1.01 -10.70
CA GLY D 87 58.82 -0.18 -10.36
C GLY D 87 59.14 1.29 -10.40
N TYR D 88 58.15 2.10 -10.77
CA TYR D 88 58.34 3.54 -10.82
C TYR D 88 58.52 4.18 -9.45
N CYS D 89 58.30 3.45 -8.37
CA CYS D 89 58.39 4.04 -7.04
C CYS D 89 59.81 4.48 -6.74
N THR D 90 59.94 5.64 -6.11
CA THR D 90 61.24 6.21 -5.75
C THR D 90 61.37 6.14 -4.23
N HIS D 91 62.05 5.12 -3.74
CA HIS D 91 62.27 4.93 -2.31
C HIS D 91 63.76 5.06 -2.00
N SER D 92 64.04 5.56 -0.79
CA SER D 92 65.41 5.73 -0.29
C SER D 92 66.22 6.66 -1.20
N GLN D 93 65.64 7.82 -1.51
CA GLN D 93 66.32 8.83 -2.31
C GLN D 93 65.70 10.18 -1.99
N VAL D 94 66.19 11.21 -2.70
CA VAL D 94 65.74 12.58 -2.42
C VAL D 94 64.41 12.92 -3.04
N LEU D 95 63.89 12.10 -3.95
CA LEU D 95 62.65 12.38 -4.66
C LEU D 95 61.45 11.65 -4.04
N PHE D 96 61.60 11.07 -2.86
CA PHE D 96 60.52 10.32 -2.24
C PHE D 96 59.29 11.18 -1.96
N PRO D 97 59.39 12.30 -1.20
CA PRO D 97 58.16 13.04 -0.87
C PRO D 97 57.47 13.68 -2.06
N THR D 98 58.21 14.23 -3.02
CA THR D 98 57.58 14.91 -4.15
C THR D 98 56.92 13.93 -5.10
N TRP D 99 57.61 12.83 -5.42
CA TRP D 99 57.03 11.81 -6.28
C TRP D 99 55.79 11.21 -5.63
N HIS D 100 55.91 10.83 -4.35
CA HIS D 100 54.72 10.36 -3.65
C HIS D 100 53.72 11.49 -3.36
N ARG D 101 54.06 12.72 -3.73
CA ARG D 101 53.10 13.82 -3.64
C ARG D 101 52.21 13.87 -4.87
N VAL D 102 52.80 13.89 -6.06
CA VAL D 102 51.98 13.93 -7.27
C VAL D 102 51.27 12.59 -7.48
N TYR D 103 51.88 11.50 -7.01
CA TYR D 103 51.27 10.18 -7.14
C TYR D 103 49.90 10.12 -6.47
N VAL D 104 49.70 10.87 -5.40
CA VAL D 104 48.37 10.95 -4.79
C VAL D 104 47.46 11.84 -5.63
N SER D 105 48.04 12.83 -6.32
CA SER D 105 47.22 13.79 -7.06
C SER D 105 46.56 13.13 -8.27
N ILE D 106 47.25 12.20 -8.93
CA ILE D 106 46.61 11.55 -10.08
C ILE D 106 45.44 10.67 -9.62
N TYR D 107 45.64 9.90 -8.54
CA TYR D 107 44.57 9.06 -8.00
C TYR D 107 43.38 9.91 -7.56
N GLU D 108 43.67 11.06 -6.95
CA GLU D 108 42.60 11.98 -6.57
C GLU D 108 41.89 12.53 -7.79
N GLN D 109 42.63 12.73 -8.89
CA GLN D 109 42.04 13.27 -10.11
C GLN D 109 41.05 12.27 -10.72
N VAL D 110 41.47 11.01 -10.86
CA VAL D 110 40.58 10.03 -11.47
C VAL D 110 39.42 9.71 -10.53
N LEU D 111 39.67 9.71 -9.22
CA LEU D 111 38.58 9.48 -8.27
C LEU D 111 37.54 10.58 -8.36
N GLN D 112 37.99 11.83 -8.53
CA GLN D 112 37.03 12.93 -8.71
C GLN D 112 36.35 12.85 -10.08
N GLU D 113 37.02 12.29 -11.08
CA GLU D 113 36.36 12.10 -12.37
C GLU D 113 35.21 11.09 -12.26
N ALA D 114 35.50 9.91 -11.69
CA ALA D 114 34.46 8.90 -11.51
C ALA D 114 33.34 9.42 -10.62
N ALA D 115 33.69 10.16 -9.55
CA ALA D 115 32.68 10.74 -8.69
C ALA D 115 31.86 11.80 -9.43
N LYS D 116 32.48 12.51 -10.38
CA LYS D 116 31.74 13.46 -11.20
C LYS D 116 30.76 12.74 -12.13
N GLY D 117 31.13 11.55 -12.61
CA GLY D 117 30.18 10.78 -13.38
C GLY D 117 29.06 10.22 -12.53
N ILE D 118 29.36 9.84 -11.28
CA ILE D 118 28.36 9.28 -10.40
C ILE D 118 27.40 10.37 -9.90
N ALA D 119 27.88 11.60 -9.74
CA ALA D 119 27.04 12.67 -9.23
C ALA D 119 25.87 12.96 -10.17
N LYS D 120 26.07 12.76 -11.47
CA LYS D 120 24.98 12.91 -12.44
C LYS D 120 24.01 11.74 -12.43
N LYS D 121 24.40 10.62 -11.81
CA LYS D 121 23.53 9.45 -11.72
C LYS D 121 22.48 9.57 -10.63
N PHE D 122 22.58 10.59 -9.78
CA PHE D 122 21.59 10.79 -8.72
C PHE D 122 20.29 11.34 -9.33
N THR D 123 19.28 11.51 -8.49
CA THR D 123 17.97 11.95 -8.95
C THR D 123 17.48 13.13 -8.13
N VAL D 124 17.56 13.01 -6.82
CA VAL D 124 17.13 14.05 -5.89
C VAL D 124 18.36 14.88 -5.51
N HIS D 125 18.20 16.20 -5.50
CA HIS D 125 19.30 17.13 -5.24
C HIS D 125 20.44 16.91 -6.22
N LYS D 126 20.12 16.97 -7.52
CA LYS D 126 21.13 16.74 -8.55
C LYS D 126 22.20 17.83 -8.58
N LYS D 127 21.93 18.99 -7.95
CA LYS D 127 22.90 20.07 -7.91
C LYS D 127 23.80 20.00 -6.68
N GLU D 128 23.29 19.48 -5.57
CA GLU D 128 24.11 19.37 -4.36
C GLU D 128 25.13 18.26 -4.47
N TRP D 129 24.74 17.12 -5.07
CA TRP D 129 25.67 16.01 -5.19
C TRP D 129 26.78 16.30 -6.20
N ALA D 130 26.50 17.18 -7.16
CA ALA D 130 27.52 17.56 -8.13
C ALA D 130 28.59 18.44 -7.48
N GLN D 131 28.16 19.40 -6.66
CA GLN D 131 29.12 20.21 -5.92
C GLN D 131 29.86 19.37 -4.89
N ALA D 132 29.20 18.36 -4.33
CA ALA D 132 29.89 17.40 -3.47
C ALA D 132 30.95 16.64 -4.26
N ALA D 133 30.66 16.33 -5.52
CA ALA D 133 31.65 15.66 -6.37
C ALA D 133 32.80 16.59 -6.73
N GLU D 134 32.55 17.90 -6.83
CA GLU D 134 33.61 18.84 -7.13
C GLU D 134 34.54 19.06 -5.94
N ASP D 135 34.06 18.83 -4.72
CA ASP D 135 34.85 19.04 -3.51
C ASP D 135 35.46 17.75 -2.97
N LEU D 136 35.33 16.64 -3.69
CA LEU D 136 35.82 15.35 -3.21
C LEU D 136 37.34 15.36 -3.25
N ARG D 137 37.96 15.29 -2.07
CA ARG D 137 39.41 15.21 -1.94
C ARG D 137 39.77 13.93 -1.17
N GLN D 138 40.91 13.36 -1.52
CA GLN D 138 41.35 12.10 -0.91
C GLN D 138 41.58 12.28 0.58
N PRO D 139 40.81 11.63 1.44
CA PRO D 139 41.02 11.80 2.89
C PRO D 139 42.30 11.11 3.34
N TYR D 140 42.75 11.50 4.54
CA TYR D 140 43.98 10.99 5.11
C TYR D 140 43.70 10.25 6.40
N TRP D 141 44.58 9.30 6.73
CA TRP D 141 44.50 8.48 7.93
C TRP D 141 45.57 8.98 8.89
N ASP D 142 45.16 9.79 9.85
CA ASP D 142 46.08 10.41 10.80
C ASP D 142 46.63 9.34 11.74
N THR D 143 47.66 8.63 11.24
CA THR D 143 48.26 7.55 12.03
C THR D 143 48.96 8.07 13.28
N GLY D 144 49.47 9.30 13.23
CA GLY D 144 50.19 9.84 14.38
C GLY D 144 49.29 10.15 15.55
N PHE D 145 48.01 10.43 15.29
CA PHE D 145 47.04 10.76 16.33
C PHE D 145 46.16 9.58 16.71
N ALA D 146 45.51 8.96 15.73
CA ALA D 146 44.64 7.81 15.96
C ALA D 146 45.12 6.67 15.07
N LEU D 147 46.07 5.87 15.58
CA LEU D 147 46.59 4.76 14.80
C LEU D 147 45.50 3.71 14.55
N VAL D 148 44.58 3.52 15.49
CA VAL D 148 43.44 2.64 15.28
C VAL D 148 42.45 3.39 14.39
N PRO D 149 42.23 2.94 13.16
CA PRO D 149 41.43 3.72 12.22
C PRO D 149 39.94 3.45 12.43
N PRO D 150 39.08 4.23 11.80
CA PRO D 150 37.64 3.98 11.92
C PRO D 150 37.27 2.59 11.41
N ASP D 151 36.07 2.15 11.81
CA ASP D 151 35.64 0.79 11.50
C ASP D 151 35.30 0.62 10.02
N GLU D 152 34.91 1.70 9.34
CA GLU D 152 34.45 1.59 7.96
C GLU D 152 35.57 1.25 6.99
N ILE D 153 36.83 1.40 7.41
CA ILE D 153 37.97 1.20 6.51
C ILE D 153 38.81 -0.01 6.90
N ILE D 154 38.44 -0.74 7.95
CA ILE D 154 39.26 -1.87 8.38
C ILE D 154 38.41 -3.04 8.87
N LYS D 155 37.20 -2.77 9.35
CA LYS D 155 36.41 -3.80 10.02
C LYS D 155 35.08 -4.13 9.36
N LEU D 156 34.40 -3.14 8.77
CA LEU D 156 33.04 -3.35 8.27
C LEU D 156 33.07 -3.98 6.88
N GLU D 157 32.52 -5.19 6.76
CA GLU D 157 32.43 -5.85 5.47
C GLU D 157 31.48 -5.12 4.53
N GLN D 158 30.43 -4.49 5.08
CA GLN D 158 29.47 -3.73 4.30
C GLN D 158 29.29 -2.36 4.94
N VAL D 159 29.13 -1.33 4.11
CA VAL D 159 28.98 0.03 4.60
C VAL D 159 27.66 0.61 4.11
N LYS D 160 27.10 1.52 4.89
CA LYS D 160 25.83 2.15 4.58
C LYS D 160 26.10 3.51 3.93
N ILE D 161 25.59 3.68 2.70
CA ILE D 161 25.73 4.93 1.98
C ILE D 161 24.35 5.41 1.54
N THR D 162 24.32 6.42 0.68
CA THR D 162 23.07 6.96 0.16
C THR D 162 22.95 6.66 -1.32
N ASN D 163 21.85 6.02 -1.71
CA ASN D 163 21.67 5.62 -3.10
C ASN D 163 21.44 6.84 -3.98
N TYR D 164 21.24 6.59 -5.28
CA TYR D 164 21.04 7.68 -6.22
C TYR D 164 19.73 8.40 -5.98
N ASP D 165 18.70 7.67 -5.55
CA ASP D 165 17.40 8.28 -5.24
C ASP D 165 17.39 9.00 -3.90
N GLY D 166 18.38 8.78 -3.05
CA GLY D 166 18.43 9.40 -1.73
C GLY D 166 18.12 8.48 -0.58
N THR D 167 18.06 7.17 -0.81
CA THR D 167 17.73 6.20 0.23
C THR D 167 19.01 5.58 0.79
N LYS D 168 19.05 5.40 2.11
CA LYS D 168 20.20 4.79 2.75
C LYS D 168 20.21 3.30 2.46
N ILE D 169 21.24 2.83 1.76
CA ILE D 169 21.38 1.43 1.39
C ILE D 169 22.71 0.89 1.94
N THR D 170 22.86 -0.42 1.85
CA THR D 170 24.05 -1.12 2.32
C THR D 170 24.75 -1.74 1.13
N VAL D 171 26.03 -1.40 0.92
CA VAL D 171 26.79 -1.89 -0.20
C VAL D 171 28.08 -2.54 0.29
N ARG D 172 28.68 -3.34 -0.59
CA ARG D 172 29.95 -3.98 -0.29
C ARG D 172 31.04 -2.92 -0.14
N ASN D 173 31.89 -3.12 0.86
CA ASN D 173 32.93 -2.14 1.16
C ASN D 173 34.14 -2.37 0.26
N PRO D 174 34.50 -1.43 -0.60
CA PRO D 174 35.68 -1.59 -1.45
C PRO D 174 36.99 -1.14 -0.82
N ILE D 175 36.98 -0.74 0.45
CA ILE D 175 38.20 -0.25 1.10
C ILE D 175 38.98 -1.35 1.81
N LEU D 176 38.32 -2.43 2.23
CA LEU D 176 39.01 -3.49 2.97
C LEU D 176 40.03 -4.21 2.11
N ARG D 177 39.66 -4.45 0.86
CA ARG D 177 40.51 -5.15 -0.10
C ARG D 177 40.02 -4.93 -1.52
N TYR D 178 40.78 -5.42 -2.50
CA TYR D 178 40.35 -5.31 -3.88
C TYR D 178 40.46 -6.69 -4.51
N SER D 179 39.39 -7.12 -5.16
CA SER D 179 39.36 -8.43 -5.80
C SER D 179 40.26 -8.40 -7.01
N PHE D 180 41.41 -8.99 -6.86
CA PHE D 180 42.39 -9.02 -7.92
C PHE D 180 41.90 -9.61 -9.24
N HIS D 181 41.01 -8.97 -10.00
CA HIS D 181 40.75 -9.81 -11.17
C HIS D 181 41.93 -10.71 -11.54
N PRO D 182 42.12 -10.84 -12.85
CA PRO D 182 43.20 -11.60 -13.46
C PRO D 182 44.51 -11.27 -12.83
N ILE D 183 45.24 -12.29 -12.40
CA ILE D 183 46.55 -12.08 -11.81
C ILE D 183 47.55 -11.87 -12.93
N ASP D 184 48.45 -10.93 -12.73
CA ASP D 184 49.49 -10.65 -13.72
C ASP D 184 50.49 -11.80 -13.73
N PRO D 185 50.89 -12.28 -14.92
CA PRO D 185 51.82 -13.42 -14.97
C PRO D 185 53.18 -13.11 -14.37
N SER D 186 53.56 -11.84 -14.27
CA SER D 186 54.87 -11.48 -13.74
C SER D 186 55.05 -11.92 -12.30
N PHE D 187 53.96 -12.13 -11.55
CA PHE D 187 54.08 -12.64 -10.19
C PHE D 187 54.36 -14.13 -10.15
N ASN D 188 54.80 -14.72 -11.25
CA ASN D 188 54.94 -16.17 -11.33
C ASN D 188 55.97 -16.68 -10.31
N GLY D 189 57.19 -16.14 -10.37
CA GLY D 189 58.23 -16.62 -9.48
C GLY D 189 58.17 -16.10 -8.07
N TYR D 190 57.29 -15.13 -7.80
CA TYR D 190 57.15 -14.60 -6.45
C TYR D 190 56.12 -15.42 -5.68
N PRO D 191 56.48 -16.01 -4.54
CA PRO D 191 55.55 -16.91 -3.85
C PRO D 191 54.30 -16.20 -3.32
N ASN D 192 53.23 -16.98 -3.20
CA ASN D 192 51.97 -16.57 -2.59
C ASN D 192 51.21 -15.51 -3.39
N PHE D 193 51.90 -14.45 -3.82
CA PHE D 193 51.24 -13.39 -4.55
C PHE D 193 50.70 -13.84 -5.91
N ASP D 194 51.22 -14.94 -6.47
CA ASP D 194 50.72 -15.44 -7.74
C ASP D 194 49.45 -16.25 -7.57
N THR D 195 49.35 -16.95 -6.45
CA THR D 195 48.14 -17.67 -6.15
C THR D 195 47.63 -16.91 -4.97
N TRP D 196 46.89 -15.83 -5.20
CA TRP D 196 46.41 -15.07 -4.08
C TRP D 196 45.13 -14.31 -4.32
N ARG D 197 44.62 -14.43 -5.53
CA ARG D 197 43.37 -13.80 -5.91
C ARG D 197 43.27 -12.36 -5.54
N THR D 198 43.60 -12.03 -4.29
CA THR D 198 43.52 -10.60 -4.02
C THR D 198 44.11 -10.24 -2.67
N THR D 199 44.29 -8.94 -2.45
CA THR D 199 44.89 -8.38 -1.25
C THR D 199 44.46 -8.90 0.10
N VAL D 200 45.40 -8.85 1.02
CA VAL D 200 45.19 -9.32 2.39
C VAL D 200 46.07 -8.52 3.33
N ARG D 201 45.52 -8.17 4.49
CA ARG D 201 46.22 -7.41 5.51
C ARG D 201 46.52 -8.32 6.69
N ASN D 202 47.77 -8.32 7.14
CA ASN D 202 48.21 -9.09 8.29
C ASN D 202 47.86 -10.58 8.14
N PRO D 203 48.44 -11.26 7.15
CA PRO D 203 48.04 -12.66 6.90
C PRO D 203 48.60 -13.60 7.95
N ASP D 204 48.03 -14.81 7.98
CA ASP D 204 48.46 -15.88 8.86
C ASP D 204 49.20 -16.94 8.05
N ALA D 205 49.61 -18.01 8.74
CA ALA D 205 50.31 -19.10 8.08
C ALA D 205 49.43 -19.84 7.06
N ASP D 206 48.11 -19.73 7.19
CA ASP D 206 47.18 -20.35 6.25
C ASP D 206 46.66 -19.37 5.22
N LYS D 207 47.39 -18.28 4.96
CA LYS D 207 47.02 -17.28 3.96
C LYS D 207 45.67 -16.66 4.25
N LYS D 208 45.31 -16.57 5.53
CA LYS D 208 44.03 -16.02 5.96
C LYS D 208 44.21 -14.61 6.52
N GLU D 209 43.32 -13.72 6.13
CA GLU D 209 43.37 -12.35 6.62
C GLU D 209 42.99 -12.31 8.10
N ASN D 210 43.86 -11.73 8.92
CA ASN D 210 43.67 -11.66 10.38
C ASN D 210 43.55 -10.18 10.76
N ILE D 211 42.35 -9.63 10.57
CA ILE D 211 42.05 -8.26 10.94
C ILE D 211 42.05 -8.06 12.46
N PRO D 212 41.45 -8.96 13.26
CA PRO D 212 41.51 -8.75 14.73
C PRO D 212 42.92 -8.58 15.27
N ALA D 213 43.87 -9.42 14.83
CA ALA D 213 45.25 -9.25 15.26
C ALA D 213 45.83 -7.94 14.74
N LEU D 214 45.36 -7.47 13.58
CA LEU D 214 45.80 -6.17 13.10
C LEU D 214 45.32 -5.06 14.02
N ILE D 215 44.08 -5.16 14.51
CA ILE D 215 43.57 -4.19 15.47
C ILE D 215 44.44 -4.19 16.73
N ALA D 216 44.79 -5.39 17.21
CA ALA D 216 45.63 -5.46 18.40
C ALA D 216 47.00 -4.84 18.15
N LYS D 217 47.59 -5.11 16.99
CA LYS D 217 48.90 -4.56 16.67
C LYS D 217 48.86 -3.04 16.59
N LEU D 218 47.80 -2.49 15.99
CA LEU D 218 47.67 -1.04 15.94
C LEU D 218 47.50 -0.44 17.33
N ASP D 219 46.70 -1.07 18.18
CA ASP D 219 46.55 -0.57 19.55
C ASP D 219 47.87 -0.64 20.32
N LEU D 220 48.74 -1.60 19.98
CA LEU D 220 50.02 -1.69 20.69
C LEU D 220 50.99 -0.60 20.26
N GLU D 221 51.08 -0.31 18.96
CA GLU D 221 52.08 0.59 18.40
C GLU D 221 51.67 2.06 18.40
N ALA D 222 50.56 2.42 19.07
CA ALA D 222 50.08 3.80 19.01
C ALA D 222 51.09 4.80 19.57
N ASP D 223 51.57 4.58 20.79
CA ASP D 223 52.38 5.58 21.47
C ASP D 223 53.72 5.78 20.76
N SER D 224 54.39 4.68 20.41
CA SER D 224 55.67 4.78 19.70
C SER D 224 55.51 5.56 18.41
N THR D 225 54.43 5.27 17.65
CA THR D 225 54.16 6.01 16.43
C THR D 225 53.95 7.50 16.72
N ARG D 226 53.32 7.82 17.85
CA ARG D 226 53.10 9.22 18.20
C ARG D 226 54.43 9.93 18.40
N GLU D 227 55.32 9.36 19.22
CA GLU D 227 56.61 10.00 19.45
C GLU D 227 57.41 10.12 18.16
N LYS D 228 57.43 9.04 17.36
CA LYS D 228 58.16 9.07 16.09
C LYS D 228 57.65 10.18 15.18
N THR D 229 56.33 10.35 15.10
CA THR D 229 55.77 11.40 14.24
C THR D 229 56.18 12.78 14.75
N TYR D 230 56.08 13.01 16.06
CA TYR D 230 56.43 14.32 16.61
C TYR D 230 57.88 14.67 16.29
N ASN D 231 58.82 13.81 16.71
CA ASN D 231 60.23 14.12 16.50
C ASN D 231 60.57 14.18 15.02
N MET D 232 59.89 13.40 14.18
CA MET D 232 60.11 13.47 12.74
C MET D 232 59.68 14.82 12.20
N LEU D 233 58.57 15.37 12.69
CA LEU D 233 58.09 16.64 12.18
C LEU D 233 58.91 17.83 12.65
N LYS D 234 59.46 17.78 13.87
CA LYS D 234 60.05 18.99 14.41
C LYS D 234 61.58 19.05 14.36
N PHE D 235 62.28 17.92 14.24
CA PHE D 235 63.72 17.90 14.45
C PHE D 235 64.50 17.46 13.20
N ASN D 236 63.99 17.78 12.01
CA ASN D 236 64.70 17.54 10.76
C ASN D 236 64.81 18.86 10.01
N ALA D 237 66.03 19.42 9.98
CA ALA D 237 66.23 20.77 9.46
C ALA D 237 66.77 20.80 8.03
N ASN D 238 67.17 19.66 7.47
CA ASN D 238 67.67 19.61 6.10
C ASN D 238 66.95 18.50 5.34
N TRP D 239 67.13 18.50 4.02
CA TRP D 239 66.37 17.60 3.16
C TRP D 239 66.90 16.17 3.25
N GLU D 240 68.22 16.01 3.37
CA GLU D 240 68.79 14.66 3.43
C GLU D 240 68.39 13.94 4.72
N ALA D 241 68.18 14.69 5.80
CA ALA D 241 67.78 14.10 7.07
C ALA D 241 66.27 13.94 7.20
N PHE D 242 65.50 14.38 6.21
CA PHE D 242 64.05 14.37 6.29
C PHE D 242 63.36 13.53 5.23
N SER D 243 63.97 13.34 4.07
CA SER D 243 63.25 12.79 2.92
C SER D 243 63.54 11.34 2.62
N ASN D 244 64.66 10.78 3.10
CA ASN D 244 65.08 9.45 2.68
C ASN D 244 65.54 8.64 3.89
N HIS D 245 65.89 7.38 3.62
CA HIS D 245 66.41 6.48 4.65
C HIS D 245 67.87 6.76 4.96
N GLY D 246 68.64 7.20 3.96
CA GLY D 246 70.08 7.29 4.04
C GLY D 246 70.65 7.87 5.32
N GLU D 247 71.62 7.16 5.89
CA GLU D 247 72.29 7.60 7.11
C GLU D 247 73.03 8.91 6.89
N PHE D 248 72.48 10.01 7.37
CA PHE D 248 73.11 11.32 7.25
C PHE D 248 73.75 11.69 8.57
N ASP D 249 74.79 12.51 8.48
CA ASP D 249 75.53 12.91 9.67
C ASP D 249 74.69 13.83 10.55
N ASP D 250 74.89 13.71 11.86
CA ASP D 250 74.24 14.55 12.86
C ASP D 250 72.71 14.44 12.79
N THR D 251 72.23 13.20 12.74
CA THR D 251 70.79 12.94 12.79
C THR D 251 70.38 12.46 14.18
N HIS D 252 69.16 12.82 14.57
CA HIS D 252 68.66 12.43 15.89
C HIS D 252 67.15 12.19 15.90
N ALA D 253 66.53 11.97 14.75
CA ALA D 253 65.10 11.70 14.67
C ALA D 253 64.82 10.99 13.37
N ASN D 254 63.74 10.23 13.35
CA ASN D 254 63.37 9.49 12.15
C ASN D 254 63.03 10.44 11.00
N SER D 255 63.19 9.95 9.78
CA SER D 255 62.84 10.71 8.59
C SER D 255 61.39 10.42 8.19
N LEU D 256 60.90 11.16 7.19
CA LEU D 256 59.56 10.95 6.68
C LEU D 256 59.40 9.54 6.12
N GLU D 257 60.42 9.03 5.43
CA GLU D 257 60.34 7.69 4.85
C GLU D 257 60.41 6.61 5.93
N ALA D 258 61.16 6.86 7.01
CA ALA D 258 61.24 5.90 8.10
C ALA D 258 59.88 5.72 8.75
N VAL D 259 59.23 6.82 9.13
CA VAL D 259 57.87 6.74 9.65
C VAL D 259 56.93 6.17 8.62
N HIS D 260 57.22 6.39 7.33
CA HIS D 260 56.39 5.80 6.27
C HIS D 260 56.49 4.28 6.28
N ASP D 261 57.66 3.73 6.59
CA ASP D 261 57.82 2.28 6.58
C ASP D 261 57.02 1.60 7.68
N ASP D 262 56.87 2.28 8.83
CA ASP D 262 56.23 1.66 9.98
C ASP D 262 54.80 1.24 9.67
N ILE D 263 54.06 2.06 8.93
CA ILE D 263 52.67 1.74 8.62
C ILE D 263 52.60 0.55 7.66
N HIS D 264 53.44 0.56 6.62
CA HIS D 264 53.50 -0.57 5.70
C HIS D 264 53.82 -1.87 6.43
N GLY D 265 54.69 -1.80 7.43
CA GLY D 265 55.02 -2.99 8.19
C GLY D 265 53.95 -3.38 9.19
N PHE D 266 53.18 -2.41 9.68
CA PHE D 266 52.08 -2.72 10.59
C PHE D 266 50.96 -3.45 9.85
N VAL D 267 50.58 -2.95 8.69
CA VAL D 267 49.46 -3.56 7.96
C VAL D 267 49.92 -4.81 7.22
N GLY D 268 51.14 -4.81 6.69
CA GLY D 268 51.58 -5.88 5.82
C GLY D 268 52.14 -7.12 6.49
N ARG D 269 53.06 -6.96 7.43
CA ARG D 269 53.80 -8.08 7.99
C ARG D 269 53.03 -8.70 9.15
N GLY D 270 52.63 -9.96 8.99
CA GLY D 270 52.03 -10.73 10.06
C GLY D 270 52.81 -12.01 10.32
N ALA D 271 52.14 -13.15 10.23
CA ALA D 271 52.87 -14.42 10.25
C ALA D 271 53.66 -14.62 8.97
N ILE D 272 53.17 -14.06 7.87
CA ILE D 272 53.89 -13.99 6.60
C ILE D 272 53.77 -12.56 6.08
N ARG D 273 54.32 -12.33 4.88
CA ARG D 273 54.32 -11.01 4.28
C ARG D 273 53.06 -10.81 3.46
N GLY D 274 52.39 -9.67 3.66
CA GLY D 274 51.22 -9.31 2.90
C GLY D 274 51.52 -8.30 1.81
N HIS D 275 50.45 -7.75 1.23
CA HIS D 275 50.61 -6.78 0.16
C HIS D 275 51.21 -5.48 0.66
N MET D 276 50.79 -5.02 1.85
CA MET D 276 51.17 -3.70 2.31
C MET D 276 52.65 -3.62 2.70
N THR D 277 53.30 -4.76 2.96
CA THR D 277 54.70 -4.77 3.34
C THR D 277 55.63 -5.14 2.18
N HIS D 278 55.13 -5.11 0.94
CA HIS D 278 55.93 -5.38 -0.24
C HIS D 278 55.76 -4.23 -1.21
N ALA D 279 56.88 -3.61 -1.60
CA ALA D 279 56.83 -2.40 -2.42
C ALA D 279 56.20 -2.65 -3.80
N LEU D 280 56.15 -3.90 -4.25
CA LEU D 280 55.57 -4.21 -5.55
C LEU D 280 54.05 -4.39 -5.52
N PHE D 281 53.48 -4.72 -4.37
CA PHE D 281 52.05 -4.97 -4.26
C PHE D 281 51.36 -4.07 -3.25
N ALA D 282 52.05 -3.06 -2.73
CA ALA D 282 51.46 -2.23 -1.68
C ALA D 282 50.35 -1.34 -2.20
N ALA D 283 50.46 -0.85 -3.44
CA ALA D 283 49.50 0.10 -3.97
C ALA D 283 48.14 -0.53 -4.26
N PHE D 284 48.04 -1.86 -4.30
CA PHE D 284 46.75 -2.50 -4.57
C PHE D 284 45.83 -2.49 -3.37
N ASP D 285 46.35 -2.40 -2.16
CA ASP D 285 45.53 -2.27 -0.97
C ASP D 285 44.86 -0.90 -0.95
N PRO D 286 43.54 -0.81 -0.87
CA PRO D 286 42.89 0.51 -0.91
C PRO D 286 43.29 1.45 0.21
N ILE D 287 43.79 0.92 1.34
CA ILE D 287 44.20 1.79 2.43
C ILE D 287 45.51 2.52 2.11
N PHE D 288 46.26 2.04 1.12
CA PHE D 288 47.51 2.65 0.73
C PHE D 288 47.35 4.14 0.50
N TRP D 289 46.33 4.52 -0.29
CA TRP D 289 46.14 5.94 -0.61
C TRP D 289 45.73 6.74 0.61
N LEU D 290 45.11 6.10 1.61
CA LEU D 290 44.83 6.83 2.85
C LEU D 290 46.11 7.07 3.64
N HIS D 291 47.10 6.19 3.52
CA HIS D 291 48.35 6.37 4.25
C HIS D 291 49.18 7.48 3.61
N HIS D 292 49.50 7.35 2.32
CA HIS D 292 50.37 8.30 1.65
C HIS D 292 49.75 9.68 1.54
N SER D 293 48.43 9.80 1.65
CA SER D 293 47.82 11.11 1.80
C SER D 293 48.32 11.77 3.09
N ASN D 294 48.19 11.08 4.21
CA ASN D 294 48.69 11.60 5.48
C ASN D 294 50.19 11.87 5.40
N VAL D 295 50.93 11.00 4.72
CA VAL D 295 52.36 11.22 4.50
C VAL D 295 52.56 12.58 3.83
N ASP D 296 51.81 12.83 2.75
CA ASP D 296 51.89 14.12 2.09
C ASP D 296 51.56 15.24 3.06
N ARG D 297 50.55 15.02 3.91
CA ARG D 297 50.21 16.01 4.93
C ARG D 297 51.42 16.31 5.81
N HIS D 298 52.13 15.27 6.25
CA HIS D 298 53.34 15.49 7.04
C HIS D 298 54.30 16.42 6.30
N LEU D 299 54.49 16.16 4.99
CA LEU D 299 55.36 17.03 4.21
C LEU D 299 54.90 18.47 4.32
N SER D 300 53.61 18.71 4.11
CA SER D 300 53.10 20.08 4.21
C SER D 300 53.38 20.66 5.58
N LEU D 301 53.10 19.88 6.63
CA LEU D 301 53.38 20.34 7.99
C LEU D 301 54.85 20.69 8.13
N TRP D 302 55.73 19.84 7.59
CA TRP D 302 57.16 20.12 7.69
C TRP D 302 57.50 21.39 6.92
N GLN D 303 56.84 21.62 5.78
CA GLN D 303 57.08 22.85 5.03
C GLN D 303 56.70 24.07 5.85
N ALA D 304 55.71 23.93 6.74
CA ALA D 304 55.34 25.06 7.58
C ALA D 304 56.40 25.33 8.64
N LEU D 305 57.10 24.29 9.09
CA LEU D 305 58.11 24.49 10.14
C LEU D 305 59.46 24.91 9.57
N TYR D 306 59.81 24.39 8.39
CA TYR D 306 61.09 24.68 7.75
C TYR D 306 60.84 25.15 6.33
N PRO D 307 60.37 26.39 6.16
CA PRO D 307 60.21 26.93 4.80
C PRO D 307 61.57 27.25 4.18
N GLY D 308 61.62 27.15 2.85
CA GLY D 308 62.86 27.37 2.14
C GLY D 308 63.79 26.17 2.07
N VAL D 309 63.41 25.04 2.65
CA VAL D 309 64.19 23.82 2.59
C VAL D 309 63.44 22.86 1.67
N TRP D 310 64.06 22.49 0.56
CA TRP D 310 63.41 21.63 -0.42
C TRP D 310 64.38 20.62 -1.01
N VAL D 311 64.11 20.16 -2.24
CA VAL D 311 64.84 19.04 -2.81
C VAL D 311 66.28 19.47 -3.09
N THR D 312 67.23 18.74 -2.52
CA THR D 312 68.64 18.88 -2.83
C THR D 312 69.03 17.82 -3.86
N GLN D 313 70.33 17.73 -4.16
CA GLN D 313 70.82 16.77 -5.12
C GLN D 313 71.21 15.47 -4.42
N GLY D 314 70.83 14.35 -5.03
CA GLY D 314 71.12 13.05 -4.47
C GLY D 314 71.17 11.97 -5.52
N PRO D 315 71.84 10.86 -5.20
CA PRO D 315 72.00 9.78 -6.17
C PRO D 315 70.82 8.81 -6.17
N GLU D 316 70.70 8.08 -7.28
CA GLU D 316 69.70 7.03 -7.42
C GLU D 316 70.21 5.79 -6.69
N ARG D 317 69.57 5.43 -5.58
CA ARG D 317 70.11 4.41 -4.70
C ARG D 317 69.75 3.00 -5.19
N GLU D 318 68.46 2.71 -5.33
CA GLU D 318 68.04 1.38 -5.72
C GLU D 318 67.68 1.27 -7.19
N GLY D 319 67.34 2.38 -7.84
CA GLY D 319 67.03 2.35 -9.25
C GLY D 319 65.58 2.01 -9.52
N SER D 320 64.93 2.81 -10.33
CA SER D 320 63.55 2.58 -10.75
C SER D 320 63.54 2.48 -12.27
N MET D 321 62.35 2.33 -12.84
CA MET D 321 62.25 2.36 -14.30
C MET D 321 62.37 3.78 -14.83
N GLY D 322 62.20 4.79 -13.97
CA GLY D 322 62.37 6.17 -14.37
C GLY D 322 63.82 6.59 -14.41
N PHE D 323 64.62 6.09 -13.46
CA PHE D 323 66.04 6.40 -13.41
C PHE D 323 66.83 5.14 -13.14
N ALA D 324 67.94 4.96 -13.85
CA ALA D 324 68.82 3.84 -13.62
C ALA D 324 69.70 4.08 -12.40
N PRO D 325 70.11 3.02 -11.68
CA PRO D 325 71.00 3.20 -10.53
C PRO D 325 72.30 3.89 -10.90
N GLY D 326 72.46 5.13 -10.44
CA GLY D 326 73.65 5.90 -10.75
C GLY D 326 73.31 7.27 -11.31
N THR D 327 72.03 7.48 -11.61
CA THR D 327 71.58 8.75 -12.16
C THR D 327 71.54 9.80 -11.07
N GLU D 328 72.06 10.99 -11.36
CA GLU D 328 72.03 12.09 -10.41
C GLU D 328 70.66 12.77 -10.45
N LEU D 329 70.03 12.89 -9.29
CA LEU D 329 68.71 13.47 -9.16
C LEU D 329 68.79 14.78 -8.38
N ASN D 330 67.95 15.73 -8.76
CA ASN D 330 67.91 17.03 -8.08
C ASN D 330 66.48 17.56 -8.18
N LYS D 331 66.33 18.87 -7.93
CA LYS D 331 65.00 19.48 -7.96
C LYS D 331 64.43 19.55 -9.37
N ASP D 332 65.26 19.40 -10.40
CA ASP D 332 64.82 19.50 -11.79
C ASP D 332 64.59 18.14 -12.44
N SER D 333 64.61 17.06 -11.66
CA SER D 333 64.41 15.74 -12.23
C SER D 333 62.98 15.55 -12.73
N ALA D 334 62.84 14.68 -13.72
CA ALA D 334 61.55 14.39 -14.33
C ALA D 334 60.84 13.30 -13.53
N LEU D 335 59.70 13.66 -12.93
CA LEU D 335 58.93 12.75 -12.09
C LEU D 335 58.05 11.85 -12.96
N GLU D 336 58.67 10.83 -13.52
CA GLU D 336 57.97 9.83 -14.33
C GLU D 336 57.03 9.00 -13.47
N PRO D 337 55.82 8.69 -13.99
CA PRO D 337 55.34 9.05 -15.32
C PRO D 337 54.34 10.19 -15.22
N PHE D 338 54.56 11.09 -14.27
CA PHE D 338 53.60 12.15 -14.01
C PHE D 338 53.98 13.36 -14.85
N TYR D 339 53.03 13.82 -15.66
CA TYR D 339 53.24 14.88 -16.63
C TYR D 339 52.28 16.03 -16.37
N GLU D 340 52.74 17.24 -16.67
CA GLU D 340 51.86 18.40 -16.67
C GLU D 340 51.18 18.55 -18.03
N THR D 341 51.92 18.29 -19.10
CA THR D 341 51.38 18.11 -20.44
C THR D 341 51.92 16.79 -20.99
N GLU D 342 51.32 16.31 -22.07
CA GLU D 342 51.71 15.02 -22.62
C GLU D 342 53.14 15.00 -23.16
N ASP D 343 53.79 16.16 -23.27
CA ASP D 343 55.15 16.24 -23.80
C ASP D 343 56.12 16.95 -22.86
N LYS D 344 55.72 17.18 -21.60
CA LYS D 344 56.58 17.86 -20.63
C LYS D 344 56.36 17.27 -19.24
N PRO D 345 57.39 16.69 -18.64
CA PRO D 345 57.22 16.05 -17.33
C PRO D 345 57.27 17.04 -16.18
N TRP D 346 56.77 16.58 -15.03
CA TRP D 346 56.84 17.36 -13.80
C TRP D 346 58.27 17.45 -13.28
N THR D 347 58.52 18.49 -12.50
CA THR D 347 59.76 18.63 -11.75
C THR D 347 59.43 18.83 -10.28
N SER D 348 60.44 18.68 -9.43
CA SER D 348 60.24 18.78 -8.00
C SER D 348 60.10 20.22 -7.51
N VAL D 349 60.35 21.20 -8.37
CA VAL D 349 60.37 22.61 -7.99
C VAL D 349 58.95 23.14 -7.73
N PRO D 350 58.00 23.01 -8.66
CA PRO D 350 56.68 23.63 -8.42
C PRO D 350 55.83 22.88 -7.40
N LEU D 351 56.28 21.73 -6.90
CA LEU D 351 55.49 20.92 -5.99
C LEU D 351 55.52 21.44 -4.56
N THR D 352 56.04 22.64 -4.33
CA THR D 352 56.06 23.21 -2.99
C THR D 352 54.70 23.75 -2.58
N ASP D 353 53.90 24.21 -3.53
CA ASP D 353 52.60 24.80 -3.26
C ASP D 353 51.52 23.76 -3.56
N THR D 354 50.84 23.29 -2.52
CA THR D 354 49.75 22.34 -2.71
C THR D 354 48.57 22.96 -3.42
N ALA D 355 48.41 24.29 -3.31
CA ALA D 355 47.28 24.97 -3.95
C ALA D 355 47.32 24.85 -5.47
N LEU D 356 48.50 24.56 -6.04
CA LEU D 356 48.57 24.35 -7.48
C LEU D 356 47.81 23.08 -7.89
N LEU D 357 47.71 22.10 -6.98
CA LEU D 357 47.01 20.85 -7.26
C LEU D 357 45.63 20.81 -6.62
N ASN D 358 45.07 21.97 -6.26
CA ASN D 358 43.68 22.09 -5.83
C ASN D 358 43.39 21.26 -4.58
N TYR D 359 44.28 21.31 -3.60
CA TYR D 359 44.02 20.63 -2.34
C TYR D 359 44.82 21.29 -1.23
N SER D 360 44.32 21.16 -0.01
CA SER D 360 45.01 21.67 1.17
C SER D 360 44.63 20.78 2.35
N TYR D 361 44.92 21.26 3.57
CA TYR D 361 44.65 20.49 4.78
C TYR D 361 44.02 21.39 5.83
N PRO D 362 43.18 20.83 6.71
CA PRO D 362 42.49 21.66 7.71
C PRO D 362 43.41 22.27 8.77
N ASP D 363 44.66 21.81 8.87
CA ASP D 363 45.58 22.38 9.85
C ASP D 363 45.86 23.84 9.60
N PHE D 364 45.66 24.32 8.36
CA PHE D 364 45.90 25.71 8.00
C PHE D 364 44.61 26.52 7.89
N ASP D 365 43.53 26.06 8.53
CA ASP D 365 42.26 26.78 8.43
C ASP D 365 42.32 28.11 9.18
N LYS D 366 42.95 28.13 10.35
CA LYS D 366 43.03 29.35 11.13
C LYS D 366 44.00 30.35 10.51
N VAL D 367 44.91 29.90 9.65
CA VAL D 367 45.89 30.76 9.01
C VAL D 367 45.80 30.60 7.50
N LYS D 368 44.58 30.42 7.00
CA LYS D 368 44.36 30.26 5.56
C LYS D 368 44.54 31.59 4.84
N GLY D 369 45.77 31.86 4.38
CA GLY D 369 46.05 33.10 3.68
C GLY D 369 46.85 34.07 4.52
N GLY D 370 47.75 33.53 5.34
CA GLY D 370 48.60 34.33 6.20
C GLY D 370 50.04 34.36 5.72
N THR D 371 50.83 35.19 6.40
CA THR D 371 52.24 35.31 6.08
C THR D 371 53.00 34.08 6.58
N PRO D 372 54.09 33.71 5.88
CA PRO D 372 54.88 32.56 6.34
C PRO D 372 55.42 32.70 7.76
N ASP D 373 55.53 33.93 8.27
CA ASP D 373 56.05 34.12 9.62
C ASP D 373 55.09 33.60 10.69
N LEU D 374 53.79 33.86 10.51
CA LEU D 374 52.80 33.45 11.51
C LEU D 374 52.42 31.98 11.39
N VAL D 375 52.39 31.46 10.15
CA VAL D 375 52.03 30.07 9.91
C VAL D 375 52.98 29.13 10.63
N ARG D 376 54.27 29.46 10.67
CA ARG D 376 55.23 28.60 11.35
C ARG D 376 54.92 28.51 12.84
N ASP D 377 54.59 29.64 13.47
CA ASP D 377 54.29 29.62 14.90
C ASP D 377 53.01 28.85 15.19
N TYR D 378 51.97 29.10 14.39
CA TYR D 378 50.70 28.39 14.62
C TYR D 378 50.86 26.89 14.43
N ILE D 379 51.56 26.48 13.37
CA ILE D 379 51.72 25.05 13.11
C ILE D 379 52.61 24.41 14.17
N ASN D 380 53.63 25.14 14.65
CA ASN D 380 54.49 24.61 15.70
C ASN D 380 53.69 24.37 16.98
N ASP D 381 52.87 25.34 17.38
CA ASP D 381 52.04 25.14 18.56
C ASP D 381 51.03 24.02 18.35
N HIS D 382 50.48 23.92 17.14
CA HIS D 382 49.50 22.88 16.85
C HIS D 382 50.11 21.50 16.96
N ILE D 383 51.37 21.35 16.53
CA ILE D 383 52.05 20.07 16.67
C ILE D 383 52.37 19.80 18.14
N ASP D 384 52.72 20.85 18.89
CA ASP D 384 52.96 20.66 20.31
C ASP D 384 51.72 20.19 21.05
N ARG D 385 50.53 20.65 20.63
CA ARG D 385 49.29 20.25 21.29
C ARG D 385 48.74 18.93 20.75
N ARG D 386 49.01 18.61 19.49
CA ARG D 386 48.44 17.43 18.84
C ARG D 386 49.28 16.19 19.07
N TYR D 387 50.59 16.26 18.79
CA TYR D 387 51.47 15.10 18.89
C TYR D 387 52.47 15.19 20.02
N GLY D 388 52.49 16.30 20.75
CA GLY D 388 53.44 16.46 21.84
C GLY D 388 53.09 15.62 23.06
N ILE D 389 53.87 15.84 24.12
CA ILE D 389 53.69 15.14 25.39
C ILE D 389 53.10 16.10 26.40
N LYS D 390 51.95 15.73 26.96
CA LYS D 390 51.29 16.55 27.97
C LYS D 390 52.03 16.44 29.30
N LYS D 391 51.84 17.45 30.14
CA LYS D 391 52.49 17.47 31.45
C LYS D 391 51.66 16.75 32.50
N SER D 392 52.29 16.46 33.64
CA SER D 392 51.67 15.72 34.71
C SER D 392 50.72 16.62 35.51
N GLU D 393 49.80 15.97 36.24
CA GLU D 393 48.82 16.67 37.05
C GLU D 393 49.41 17.01 38.41
N GLY D 394 49.49 18.30 38.71
CA GLY D 394 50.00 18.77 39.98
C GLY D 394 51.47 18.50 40.23
N GLY D 395 52.26 18.29 39.18
CA GLY D 395 53.68 18.02 39.35
C GLY D 395 53.98 16.77 40.14
N LYS D 396 53.37 15.65 39.77
CA LYS D 396 53.64 14.39 40.45
C LYS D 396 54.92 13.74 39.94
N ASN D 397 55.26 13.96 38.68
CA ASN D 397 56.48 13.44 38.07
C ASN D 397 57.25 14.62 37.49
N PRO D 398 58.30 15.08 38.15
CA PRO D 398 59.04 16.25 37.63
C PRO D 398 59.76 15.97 36.32
N ALA D 399 60.28 14.75 36.12
CA ALA D 399 60.94 14.42 34.87
C ALA D 399 59.99 14.53 33.69
N LEU D 400 58.72 14.15 33.89
CA LEU D 400 57.74 14.29 32.83
C LEU D 400 57.33 15.74 32.62
N ASP D 401 57.36 16.55 33.68
CA ASP D 401 57.10 17.97 33.53
C ASP D 401 58.19 18.64 32.68
N LEU D 402 59.46 18.26 32.92
CA LEU D 402 60.54 18.78 32.10
C LEU D 402 60.46 18.27 30.67
N LEU D 403 60.16 16.98 30.50
CA LEU D 403 60.03 16.39 29.17
C LEU D 403 58.91 17.05 28.38
N SER D 404 57.82 17.45 29.06
CA SER D 404 56.75 18.13 28.35
C SER D 404 57.19 19.52 27.90
N ASP D 405 58.09 20.15 28.66
CA ASP D 405 58.64 21.43 28.24
C ASP D 405 59.57 21.26 27.04
N PHE D 406 60.24 20.11 26.92
CA PHE D 406 61.10 19.92 25.76
C PHE D 406 60.38 19.31 24.57
N LYS D 407 59.51 18.31 24.80
CA LYS D 407 58.83 17.64 23.70
C LYS D 407 57.33 17.88 23.73
N GLY D 408 56.92 19.14 23.82
CA GLY D 408 55.51 19.48 23.85
C GLY D 408 55.25 20.96 24.09
N VAL D 409 54.12 21.31 24.68
CA VAL D 409 53.86 22.71 25.00
C VAL D 409 54.87 23.19 26.03
N THR D 410 55.47 24.34 25.77
CA THR D 410 56.59 24.85 26.58
C THR D 410 56.13 26.07 27.37
N HIS D 411 56.06 25.94 28.69
CA HIS D 411 55.80 27.07 29.56
C HIS D 411 57.10 27.83 29.78
N ASP D 412 57.05 29.16 29.66
CA ASP D 412 58.25 29.97 29.80
C ASP D 412 58.84 29.83 31.19
N HIS D 413 60.17 29.94 31.26
CA HIS D 413 60.90 29.70 32.49
C HIS D 413 61.94 30.79 32.70
N ASN D 414 62.19 31.11 33.97
CA ASN D 414 63.16 32.16 34.30
C ASN D 414 64.59 31.70 34.05
N GLU D 415 64.93 30.47 34.44
CA GLU D 415 66.24 29.90 34.21
C GLU D 415 66.21 29.01 32.97
N ASP D 416 67.39 28.65 32.51
CA ASP D 416 67.50 27.74 31.37
C ASP D 416 67.39 26.30 31.84
N LEU D 417 66.79 25.46 31.01
CA LEU D 417 66.58 24.06 31.35
C LEU D 417 67.52 23.18 30.54
N LYS D 418 67.90 22.04 31.10
CA LYS D 418 68.79 21.13 30.42
C LYS D 418 68.38 19.70 30.72
N MET D 419 68.43 18.84 29.71
CA MET D 419 68.10 17.44 29.89
C MET D 419 68.73 16.64 28.76
N PHE D 420 68.76 15.33 28.92
CA PHE D 420 69.30 14.43 27.90
C PHE D 420 68.15 13.81 27.11
N ASP D 421 68.21 13.96 25.79
CA ASP D 421 67.27 13.31 24.88
C ASP D 421 67.84 11.95 24.51
N TRP D 422 67.09 10.90 24.77
CA TRP D 422 67.56 9.53 24.61
C TRP D 422 66.90 8.90 23.41
N THR D 423 67.71 8.22 22.58
CA THR D 423 67.16 7.57 21.41
C THR D 423 67.97 6.33 21.08
N ILE D 424 67.29 5.36 20.47
CA ILE D 424 67.90 4.13 19.99
C ILE D 424 68.19 4.33 18.52
N GLN D 425 69.48 4.45 18.19
CA GLN D 425 69.93 4.56 16.81
C GLN D 425 70.32 3.18 16.31
N ALA D 426 69.81 2.83 15.13
CA ALA D 426 70.10 1.54 14.52
C ALA D 426 70.42 1.76 13.05
N SER D 427 71.59 1.30 12.62
CA SER D 427 72.01 1.44 11.23
C SER D 427 72.36 0.06 10.67
N TRP D 428 71.89 -0.21 9.45
CA TRP D 428 72.14 -1.49 8.81
C TRP D 428 72.22 -1.25 7.30
N LYS D 429 72.65 -2.26 6.57
CA LYS D 429 72.80 -2.16 5.12
C LYS D 429 71.56 -2.78 4.47
N LYS D 430 70.75 -1.94 3.84
CA LYS D 430 69.64 -2.44 3.04
C LYS D 430 70.17 -3.27 1.88
N PHE D 431 69.32 -4.14 1.35
CA PHE D 431 69.55 -5.07 0.25
C PHE D 431 70.39 -6.26 0.70
N GLU D 432 70.72 -6.36 1.99
CA GLU D 432 71.37 -7.56 2.49
C GLU D 432 70.40 -8.73 2.51
N LEU D 433 69.19 -8.50 3.00
CA LEU D 433 68.11 -9.49 2.95
C LEU D 433 67.03 -9.02 1.98
N ASP D 434 66.46 -9.97 1.24
CA ASP D 434 65.42 -9.69 0.26
C ASP D 434 64.02 -10.01 0.77
N ASP D 435 63.87 -10.12 2.09
CA ASP D 435 62.58 -10.39 2.72
C ASP D 435 62.28 -9.27 3.71
N SER D 436 61.05 -8.76 3.66
CA SER D 436 60.65 -7.71 4.60
C SER D 436 60.68 -8.23 6.03
N PHE D 437 61.40 -7.52 6.90
CA PHE D 437 61.54 -7.94 8.29
C PHE D 437 61.28 -6.77 9.23
N ALA D 438 61.52 -6.97 10.53
CA ALA D 438 61.29 -5.91 11.50
C ALA D 438 62.17 -6.15 12.72
N ILE D 439 62.49 -5.08 13.43
CA ILE D 439 63.32 -5.12 14.62
C ILE D 439 62.47 -4.67 15.80
N ILE D 440 62.31 -5.55 16.79
CA ILE D 440 61.47 -5.28 17.95
C ILE D 440 62.34 -4.93 19.15
N PHE D 441 61.97 -3.86 19.86
CA PHE D 441 62.70 -3.41 21.05
C PHE D 441 61.76 -3.46 22.25
N TYR D 442 62.24 -4.08 23.33
CA TYR D 442 61.43 -4.27 24.53
C TYR D 442 62.34 -4.55 25.72
N PHE D 443 61.74 -4.48 26.91
CA PHE D 443 62.41 -4.82 28.16
C PHE D 443 62.41 -6.33 28.40
N ALA D 444 63.55 -6.85 28.86
CA ALA D 444 63.72 -8.29 29.03
C ALA D 444 63.73 -8.72 30.50
N ALA D 445 63.35 -7.84 31.42
CA ALA D 445 63.26 -8.20 32.83
C ALA D 445 62.06 -9.11 33.08
N ASP D 446 61.79 -10.01 32.13
CA ASP D 446 60.56 -10.80 32.11
C ASP D 446 60.70 -11.93 31.09
N GLY D 447 59.59 -12.54 30.70
CA GLY D 447 59.61 -13.43 29.57
C GLY D 447 60.16 -12.77 28.32
N SER D 448 60.57 -13.62 27.39
CA SER D 448 61.19 -13.14 26.17
C SER D 448 60.19 -12.92 25.03
N THR D 449 58.98 -13.48 25.11
CA THR D 449 57.97 -13.24 24.07
C THR D 449 56.60 -12.91 24.63
N ASN D 450 56.47 -12.78 25.95
CA ASN D 450 55.19 -12.46 26.58
C ASN D 450 54.94 -10.97 26.42
N VAL D 451 54.05 -10.63 25.50
CA VAL D 451 53.77 -9.24 25.16
C VAL D 451 53.24 -8.49 26.38
N THR D 452 54.09 -7.67 27.00
CA THR D 452 53.68 -6.84 28.12
C THR D 452 53.36 -5.46 27.59
N LYS D 453 52.21 -4.91 28.00
CA LYS D 453 51.77 -3.63 27.47
C LYS D 453 52.73 -2.52 27.89
N GLU D 454 53.16 -2.54 29.15
CA GLU D 454 54.02 -1.48 29.68
C GLU D 454 55.48 -1.69 29.31
N ASN D 455 55.91 -2.95 29.18
CA ASN D 455 57.31 -3.29 28.91
C ASN D 455 57.62 -3.40 27.42
N TYR D 456 56.87 -2.70 26.56
CA TYR D 456 57.11 -2.73 25.13
C TYR D 456 57.62 -1.36 24.69
N ILE D 457 58.81 -1.33 24.09
CA ILE D 457 59.40 -0.08 23.64
C ILE D 457 58.85 0.27 22.27
N GLY D 458 59.36 -0.39 21.24
CA GLY D 458 58.92 -0.05 19.90
C GLY D 458 59.38 -1.03 18.86
N SER D 459 59.36 -0.59 17.60
CA SER D 459 59.74 -1.44 16.50
C SER D 459 60.18 -0.58 15.33
N ILE D 460 61.09 -1.13 14.54
CA ILE D 460 61.55 -0.52 13.30
C ILE D 460 61.17 -1.47 12.17
N ASN D 461 60.28 -1.03 11.30
CA ASN D 461 59.81 -1.86 10.20
C ASN D 461 60.58 -1.54 8.94
N ILE D 462 60.82 -2.57 8.14
CA ILE D 462 61.61 -2.46 6.91
C ILE D 462 60.65 -2.60 5.75
N PHE D 463 60.60 -1.59 4.90
CA PHE D 463 59.74 -1.65 3.72
C PHE D 463 60.67 -1.95 2.55
N ARG D 464 61.02 -3.23 2.43
CA ARG D 464 61.94 -3.71 1.43
C ARG D 464 61.14 -4.35 0.31
N GLY D 465 61.83 -5.08 -0.56
CA GLY D 465 61.16 -5.65 -1.71
C GLY D 465 62.13 -6.04 -2.78
N THR D 466 62.08 -5.30 -3.89
CA THR D 466 62.94 -5.55 -5.02
C THR D 466 64.37 -5.12 -4.66
N THR D 467 65.29 -5.98 -4.94
CA THR D 467 66.71 -5.88 -4.67
C THR D 467 67.46 -5.37 -5.90
N PRO D 468 68.55 -4.64 -5.69
CA PRO D 468 69.38 -4.21 -6.83
C PRO D 468 70.14 -5.38 -7.43
N THR D 469 70.86 -5.15 -8.53
CA THR D 469 71.64 -6.18 -9.19
C THR D 469 73.13 -5.83 -9.21
N ASN D 470 73.56 -4.97 -8.28
CA ASN D 470 74.95 -4.54 -8.17
C ASN D 470 75.45 -3.94 -9.48
N CYS D 471 76.76 -3.82 -9.61
CA CYS D 471 77.37 -3.28 -10.82
C CYS D 471 78.73 -3.96 -11.00
N ALA D 472 79.63 -3.30 -11.74
CA ALA D 472 80.95 -3.83 -11.99
C ALA D 472 81.96 -3.26 -10.99
N LEU D 480 74.62 1.36 0.65
CA LEU D 480 73.89 2.38 1.38
C LEU D 480 73.50 1.89 2.77
N VAL D 481 73.55 2.79 3.75
CA VAL D 481 73.23 2.47 5.14
C VAL D 481 71.90 3.13 5.47
N GLN D 482 70.93 2.31 5.88
CA GLN D 482 69.61 2.73 6.32
C GLN D 482 69.60 2.82 7.83
N GLU D 483 68.96 3.86 8.36
CA GLU D 483 68.96 4.12 9.80
C GLU D 483 67.55 4.31 10.32
N GLY D 484 67.37 4.00 11.60
CA GLY D 484 66.10 4.18 12.27
C GLY D 484 66.33 4.54 13.73
N PHE D 485 65.31 5.18 14.31
CA PHE D 485 65.38 5.69 15.67
C PHE D 485 64.16 5.23 16.46
N VAL D 486 64.36 4.98 17.76
CA VAL D 486 63.27 4.67 18.66
C VAL D 486 63.46 5.44 19.96
N HIS D 487 62.45 6.20 20.37
CA HIS D 487 62.61 7.15 21.47
C HIS D 487 62.36 6.46 22.82
N LEU D 488 63.13 6.88 23.83
CA LEU D 488 63.11 6.26 25.15
C LEU D 488 62.79 7.22 26.28
N ASP D 489 62.51 8.49 25.99
CA ASP D 489 62.42 9.50 27.05
C ASP D 489 61.23 9.25 27.97
N ARG D 490 60.06 8.91 27.41
CA ARG D 490 58.87 8.78 28.24
C ARG D 490 58.97 7.60 29.19
N PHE D 491 59.66 6.53 28.78
CA PHE D 491 59.81 5.37 29.67
C PHE D 491 60.75 5.69 30.83
N ILE D 492 61.75 6.55 30.60
CA ILE D 492 62.64 6.94 31.69
C ILE D 492 61.93 7.91 32.62
N ALA D 493 61.17 8.85 32.05
CA ALA D 493 60.42 9.79 32.89
C ALA D 493 59.33 9.08 33.68
N ARG D 494 58.83 7.95 33.19
CA ARG D 494 57.80 7.23 33.91
C ARG D 494 58.36 6.58 35.18
N ASP D 495 59.59 6.09 35.12
CA ASP D 495 60.18 5.34 36.23
C ASP D 495 61.21 6.20 36.96
N LEU D 496 62.32 6.55 36.32
CA LEU D 496 63.40 7.25 37.00
C LEU D 496 63.01 8.71 37.26
N ASP D 497 63.84 9.37 38.08
CA ASP D 497 63.65 10.77 38.43
C ASP D 497 64.67 11.69 37.78
N THR D 498 65.65 11.15 37.07
CA THR D 498 66.67 11.97 36.42
C THR D 498 67.12 11.29 35.14
N PHE D 499 67.74 12.08 34.26
CA PHE D 499 68.26 11.59 32.98
C PHE D 499 69.78 11.52 32.96
N ASP D 500 70.42 11.43 34.12
CA ASP D 500 71.87 11.37 34.17
C ASP D 500 72.38 10.08 33.52
N PRO D 501 73.51 10.13 32.82
CA PRO D 501 74.04 8.90 32.22
C PRO D 501 74.39 7.82 33.23
N GLN D 502 74.91 8.21 34.40
CA GLN D 502 75.31 7.22 35.39
C GLN D 502 74.12 6.45 35.95
N ALA D 503 72.93 7.06 35.93
CA ALA D 503 71.73 6.37 36.38
C ALA D 503 71.03 5.61 35.25
N VAL D 504 70.99 6.20 34.06
CA VAL D 504 70.32 5.55 32.93
C VAL D 504 71.12 4.36 32.43
N HIS D 505 72.43 4.31 32.67
CA HIS D 505 73.19 3.12 32.32
C HIS D 505 72.77 1.94 33.19
N ARG D 506 72.56 2.19 34.49
CA ARG D 506 72.09 1.12 35.37
C ARG D 506 70.64 0.77 35.08
N TYR D 507 69.81 1.76 34.74
CA TYR D 507 68.42 1.47 34.40
C TYR D 507 68.31 0.66 33.11
N LEU D 508 69.10 1.02 32.10
CA LEU D 508 69.06 0.34 30.82
C LEU D 508 69.78 -1.01 30.85
N LYS D 509 70.79 -1.15 31.71
CA LYS D 509 71.44 -2.45 31.84
C LYS D 509 70.58 -3.38 32.68
N GLU D 510 69.97 -2.86 33.75
CA GLU D 510 68.94 -3.62 34.43
C GLU D 510 67.76 -3.77 33.48
N LYS D 511 67.01 -4.85 33.64
CA LYS D 511 65.88 -5.18 32.79
C LYS D 511 66.31 -5.55 31.37
N LYS D 512 67.61 -5.41 31.07
CA LYS D 512 68.21 -5.90 29.83
C LYS D 512 67.43 -5.47 28.59
N LEU D 513 67.44 -4.16 28.33
CA LEU D 513 66.80 -3.65 27.12
C LEU D 513 67.32 -4.41 25.91
N SER D 514 66.42 -5.15 25.26
CA SER D 514 66.80 -6.07 24.21
C SER D 514 65.96 -5.86 22.96
N TYR D 515 66.44 -6.45 21.86
CA TYR D 515 65.82 -6.35 20.55
C TYR D 515 65.82 -7.72 19.90
N LYS D 516 65.09 -7.83 18.79
CA LYS D 516 65.00 -9.08 18.05
C LYS D 516 64.65 -8.77 16.61
N VAL D 517 65.49 -9.21 15.68
CA VAL D 517 65.24 -9.06 14.25
C VAL D 517 64.45 -10.29 13.79
N VAL D 518 63.23 -10.08 13.34
CA VAL D 518 62.32 -11.15 12.95
C VAL D 518 61.91 -10.96 11.49
N ALA D 519 61.90 -12.06 10.75
CA ALA D 519 61.40 -12.11 9.39
C ALA D 519 60.33 -13.18 9.31
N ASP D 520 59.17 -12.82 8.74
CA ASP D 520 58.00 -13.68 8.73
C ASP D 520 57.60 -14.05 10.16
N ASP D 521 57.98 -15.25 10.59
CA ASP D 521 57.71 -15.72 11.95
C ASP D 521 58.97 -16.12 12.70
N HIS D 522 59.88 -16.85 12.06
CA HIS D 522 61.11 -17.28 12.70
C HIS D 522 62.07 -16.09 12.86
N SER D 523 63.15 -16.33 13.61
CA SER D 523 64.16 -15.32 13.84
C SER D 523 65.24 -15.40 12.76
N VAL D 524 65.69 -14.22 12.31
CA VAL D 524 66.72 -14.12 11.29
C VAL D 524 67.82 -13.19 11.81
N THR D 525 69.02 -13.35 11.25
CA THR D 525 70.17 -12.56 11.65
C THR D 525 70.83 -11.93 10.42
N LEU D 526 71.26 -10.69 10.57
CA LEU D 526 72.05 -10.01 9.55
C LEU D 526 73.25 -9.35 10.21
N LYS D 527 74.34 -9.24 9.45
CA LYS D 527 75.64 -8.83 9.99
C LYS D 527 75.93 -7.34 9.87
N SER D 528 75.17 -6.60 9.08
CA SER D 528 75.46 -5.18 8.85
C SER D 528 74.81 -4.28 9.89
N LEU D 529 74.21 -4.85 10.93
CA LEU D 529 73.49 -4.05 11.92
C LEU D 529 74.44 -3.54 12.99
N ARG D 530 74.22 -2.28 13.38
CA ARG D 530 74.94 -1.63 14.46
C ARG D 530 73.92 -0.79 15.21
N ILE D 531 73.61 -1.20 16.44
CA ILE D 531 72.64 -0.50 17.28
C ILE D 531 73.38 0.13 18.44
N ARG D 532 72.91 1.29 18.87
CA ARG D 532 73.52 2.00 19.98
C ARG D 532 72.47 2.91 20.59
N VAL D 533 72.78 3.39 21.80
CA VAL D 533 71.93 4.33 22.51
C VAL D 533 72.63 5.68 22.49
N GLN D 534 71.91 6.70 22.03
CA GLN D 534 72.45 8.05 21.88
C GLN D 534 71.79 8.98 22.87
N GLY D 535 72.62 9.73 23.61
CA GLY D 535 72.12 10.77 24.49
C GLY D 535 72.56 12.14 24.02
N ARG D 536 71.59 12.97 23.63
CA ARG D 536 71.85 14.29 23.09
C ARG D 536 71.49 15.35 24.12
N PRO D 537 72.44 16.18 24.55
CA PRO D 537 72.12 17.23 25.53
C PRO D 537 71.31 18.34 24.89
N LEU D 538 70.08 18.50 25.36
CA LEU D 538 69.18 19.55 24.89
C LEU D 538 69.01 20.59 25.98
N HIS D 539 69.09 21.86 25.59
CA HIS D 539 68.93 22.97 26.51
C HIS D 539 67.89 23.95 25.97
N LEU D 540 67.19 24.59 26.89
CA LEU D 540 66.17 25.58 26.59
C LEU D 540 66.55 26.89 27.27
N PRO D 541 67.03 27.88 26.53
CA PRO D 541 67.24 29.21 27.10
C PRO D 541 65.93 29.80 27.60
N PRO D 542 66.00 30.73 28.55
CA PRO D 542 64.77 31.23 29.18
C PRO D 542 63.84 32.03 28.28
N GLY D 543 64.13 32.11 26.98
CA GLY D 543 63.28 32.88 26.10
C GLY D 543 62.82 32.20 24.84
N VAL D 544 63.15 30.92 24.67
CA VAL D 544 62.78 30.18 23.48
C VAL D 544 62.08 28.88 23.88
N SER D 545 61.29 28.35 22.95
CA SER D 545 60.61 27.08 23.13
C SER D 545 61.23 25.94 22.33
N PHE D 546 62.15 26.24 21.40
CA PHE D 546 62.77 25.21 20.58
C PHE D 546 64.08 24.76 21.22
N PRO D 547 64.21 23.49 21.61
CA PRO D 547 65.45 23.05 22.27
C PRO D 547 66.64 23.07 21.33
N ARG D 548 67.81 23.33 21.91
CA ARG D 548 69.06 23.38 21.16
C ARG D 548 70.08 22.44 21.79
N LEU D 549 71.07 22.06 20.99
CA LEU D 549 72.14 21.18 21.46
C LEU D 549 73.05 21.94 22.42
N ASP D 550 73.37 21.32 23.55
CA ASP D 550 74.28 21.91 24.53
C ASP D 550 75.71 21.53 24.14
N LYS D 551 76.47 22.53 23.67
CA LYS D 551 77.81 22.31 23.16
C LYS D 551 78.85 22.11 24.25
N ASN D 552 78.44 22.02 25.52
CA ASN D 552 79.36 21.82 26.63
C ASN D 552 79.63 20.33 26.85
N ILE D 553 78.59 19.57 27.17
CA ILE D 553 78.76 18.13 27.39
C ILE D 553 78.67 17.43 26.04
N PRO D 554 79.58 16.50 25.74
CA PRO D 554 79.57 15.84 24.44
C PRO D 554 78.47 14.79 24.34
N ILE D 555 78.25 14.32 23.11
CA ILE D 555 77.28 13.27 22.87
C ILE D 555 77.79 11.95 23.45
N VAL D 556 76.87 11.15 23.98
CA VAL D 556 77.21 9.87 24.61
C VAL D 556 76.60 8.75 23.78
N ASN D 557 77.40 7.71 23.52
CA ASN D 557 77.01 6.56 22.73
C ASN D 557 77.24 5.29 23.53
N PHE D 558 76.22 4.44 23.64
CA PHE D 558 76.30 3.15 24.31
C PHE D 558 76.20 2.03 23.28
N ASP D 559 77.21 1.17 23.23
CA ASP D 559 77.21 0.02 22.33
C ASP D 559 77.30 -1.30 23.08
N ASP D 560 77.09 -1.31 24.40
CA ASP D 560 77.17 -2.53 25.19
C ASP D 560 75.88 -2.82 25.97
N VAL D 561 74.82 -2.06 25.73
CA VAL D 561 73.60 -2.19 26.54
C VAL D 561 72.60 -3.15 25.89
N LEU D 562 72.46 -3.12 24.57
CA LEU D 562 71.48 -3.95 23.90
C LEU D 562 71.87 -5.42 23.94
N ASP D 563 70.86 -6.29 23.98
CA ASP D 563 71.05 -7.73 24.01
C ASP D 563 70.24 -8.37 22.89
N LEU D 564 70.82 -9.37 22.23
CA LEU D 564 70.17 -10.08 21.14
C LEU D 564 69.46 -11.32 21.67
N VAL D 565 68.25 -11.56 21.17
CA VAL D 565 67.43 -12.69 21.58
C VAL D 565 66.99 -13.43 20.33
N THR D 566 67.10 -14.76 20.36
CA THR D 566 66.67 -15.62 19.25
C THR D 566 65.74 -16.69 19.81
N GLY D 567 64.45 -16.52 19.59
CA GLY D 567 63.46 -17.49 20.07
C GLY D 567 62.34 -16.85 20.84
#